data_5BQY
#
_entry.id   5BQY
#
_cell.length_a   69.350
_cell.length_b   137.770
_cell.length_c   199.100
_cell.angle_alpha   90.000
_cell.angle_beta   90.000
_cell.angle_gamma   90.000
#
_symmetry.space_group_name_H-M   'P 21 21 21'
#
loop_
_entity.id
_entity.type
_entity.pdbx_description
1 polymer 'HEMAGGLUTININ HA1 CHAIN'
2 polymer 'HEMAGGLUTININ HA2 CHAIN'
3 branched 2-acetamido-2-deoxy-beta-D-glucopyranose-(1-4)-2-acetamido-2-deoxy-beta-D-glucopyranose
4 branched 'N-acetyl-alpha-neuraminic acid-(2-3)-beta-D-galactopyranose'
5 branched 'N-acetyl-alpha-neuraminic acid-(2-3)-beta-D-galactopyranose-(1-3)-2-acetamido-2-deoxy-beta-D-glucopyranose'
6 branched 2-acetamido-2-deoxy-beta-D-glucopyranose-(1-4)-2-acetamido-2-deoxy-beta-D-glucopyranose-(1-4)-2-acetamido-2-deoxy-beta-D-glucopyranose
7 non-polymer 2-acetamido-2-deoxy-beta-D-glucopyranose
8 water water
#
loop_
_entity_poly.entity_id
_entity_poly.type
_entity_poly.pdbx_seq_one_letter_code
_entity_poly.pdbx_strand_id
1 'polypeptide(L)'
;DKICIGYHANNSTTKVDTILEKNVTVTHSVELLENQKEERFCKISNKAPLDLRDCTLEGWILGNPRCGILLADQSWSYIV
ERPNARNGICYPGTLNEAEELKALIGSGERVERFEMFPKSTWTGVNTESGVSSACPLGNGPSFYRNLLWIIKLKSSEYPV
IRGTFNNTGDKSILYFWGVHHPPVTTEQNALYGSGDRYVRMGTESMNFARSPEIAARPAVNGQRGRIDYFWSILKPGETL
NVESNGNLIAPWYAYRFVNKDSKGAIFRSNLPIENCDATCQTTEGVIRTNKTFQNVSPLWIGECPKYVKSKSLRLATGLR
NVPQ
;
A,C,E
2 'polypeptide(L)'
;GLFGAIAGFIEGGWTGMIDGWYGYHHENSQGSGYAADKESTQKAIDGITNKVNSIIDKMNTQFEAVGHEFSNLERRIDNL
NKRMEDGFLDVWTYNAELLVLLENERTLDLHDANVKNLHEKVRSQLRDNANDLGNGCFEFWHKCNNECMESVKNGTYDYP
KYQKESRLNRQKIESVKLENFDVYQGALVPR
;
B,D,F
#
loop_
_chem_comp.id
_chem_comp.type
_chem_comp.name
_chem_comp.formula
GAL D-saccharide, beta linking beta-D-galactopyranose 'C6 H12 O6'
NAG D-saccharide, beta linking 2-acetamido-2-deoxy-beta-D-glucopyranose 'C8 H15 N O6'
SIA D-saccharide, alpha linking 'N-acetyl-alpha-neuraminic acid' 'C11 H19 N O9'
#
# COMPACT_ATOMS: atom_id res chain seq x y z
N ASP A 1 44.37 30.32 -37.08
CA ASP A 1 43.09 30.74 -36.50
C ASP A 1 42.14 29.55 -36.36
N LYS A 2 41.70 29.28 -35.13
CA LYS A 2 40.79 28.16 -34.91
C LYS A 2 39.86 28.33 -33.71
N ILE A 3 38.74 27.62 -33.75
CA ILE A 3 37.80 27.61 -32.64
C ILE A 3 37.37 26.17 -32.35
N CYS A 4 37.29 25.84 -31.06
CA CYS A 4 36.90 24.50 -30.65
C CYS A 4 35.66 24.56 -29.78
N ILE A 5 34.82 23.55 -29.86
CA ILE A 5 33.67 23.44 -28.96
C ILE A 5 33.96 22.37 -27.92
N GLY A 6 33.70 22.69 -26.65
CA GLY A 6 33.98 21.75 -25.58
C GLY A 6 33.12 21.92 -24.34
N TYR A 7 33.46 21.16 -23.31
CA TYR A 7 32.65 21.11 -22.10
C TYR A 7 33.47 21.16 -20.81
N HIS A 8 32.79 21.53 -19.73
CA HIS A 8 33.42 21.76 -18.43
C HIS A 8 34.01 20.49 -17.82
N ALA A 9 35.10 20.63 -17.09
CA ALA A 9 35.66 19.56 -16.27
C ALA A 9 36.29 20.16 -15.01
N ASN A 10 36.33 19.40 -13.93
CA ASN A 10 36.95 19.89 -12.69
C ASN A 10 37.58 18.78 -11.86
N ASN A 11 37.87 19.07 -10.59
CA ASN A 11 38.55 18.10 -9.74
C ASN A 11 37.54 17.28 -8.95
N SER A 12 36.27 17.35 -9.35
CA SER A 12 35.23 16.60 -8.66
C SER A 12 35.51 15.10 -8.72
N THR A 13 35.36 14.44 -7.58
CA THR A 13 35.52 13.00 -7.50
C THR A 13 34.23 12.36 -7.03
N THR A 14 33.18 13.16 -6.97
CA THR A 14 31.86 12.68 -6.56
C THR A 14 31.23 11.81 -7.66
N LYS A 15 30.74 10.64 -7.29
CA LYS A 15 30.20 9.71 -8.26
C LYS A 15 28.70 9.50 -8.11
N VAL A 16 28.05 9.16 -9.22
CA VAL A 16 26.64 8.77 -9.22
C VAL A 16 26.49 7.44 -9.93
N ASP A 17 25.34 6.80 -9.75
CA ASP A 17 25.06 5.56 -10.46
C ASP A 17 24.02 5.82 -11.55
N THR A 18 24.22 5.19 -12.71
CA THR A 18 23.24 5.25 -13.78
C THR A 18 22.77 3.84 -14.10
N ILE A 19 21.76 3.74 -14.94
CA ILE A 19 21.20 2.45 -15.30
C ILE A 19 22.18 1.64 -16.16
N LEU A 20 23.03 2.35 -16.90
CA LEU A 20 23.97 1.68 -17.80
C LEU A 20 25.34 1.52 -17.16
N GLU A 21 25.67 2.38 -16.21
CA GLU A 21 27.00 2.39 -15.63
C GLU A 21 26.97 2.85 -14.19
N LYS A 22 27.72 2.15 -13.34
CA LYS A 22 27.80 2.53 -11.93
C LYS A 22 29.08 3.30 -11.66
N ASN A 23 29.11 3.96 -10.50
CA ASN A 23 30.28 4.73 -10.05
C ASN A 23 30.76 5.70 -11.13
N VAL A 24 29.86 6.55 -11.61
CA VAL A 24 30.20 7.49 -12.67
C VAL A 24 30.50 8.87 -12.09
N THR A 25 31.72 9.34 -12.31
CA THR A 25 32.15 10.64 -11.83
C THR A 25 31.46 11.77 -12.58
N VAL A 26 30.91 12.74 -11.85
CA VAL A 26 30.22 13.87 -12.47
C VAL A 26 30.72 15.21 -11.93
N THR A 27 30.50 16.27 -12.71
CA THR A 27 30.98 17.60 -12.35
C THR A 27 30.16 18.23 -11.25
N HIS A 28 28.86 17.98 -11.25
CA HIS A 28 27.96 18.52 -10.23
C HIS A 28 26.85 17.53 -9.91
N SER A 29 26.50 17.43 -8.64
CA SER A 29 25.44 16.52 -8.20
C SER A 29 24.87 17.01 -6.89
N VAL A 30 23.72 16.46 -6.53
CA VAL A 30 23.08 16.83 -5.26
C VAL A 30 22.59 15.56 -4.55
N GLU A 31 22.91 15.46 -3.25
CA GLU A 31 22.46 14.36 -2.43
C GLU A 31 21.05 14.61 -1.90
N LEU A 32 20.15 13.66 -2.12
CA LEU A 32 18.77 13.84 -1.71
C LEU A 32 18.44 13.17 -0.38
N LEU A 33 19.32 12.27 0.07
CA LEU A 33 19.05 11.50 1.26
C LEU A 33 19.85 11.99 2.45
N GLU A 34 19.16 12.12 3.59
CA GLU A 34 19.74 12.58 4.85
C GLU A 34 19.90 11.41 5.82
N ASN A 35 21.08 11.28 6.41
CA ASN A 35 21.32 10.19 7.35
C ASN A 35 21.77 10.65 8.74
N GLN A 36 21.74 11.96 8.96
CA GLN A 36 22.22 12.52 10.22
C GLN A 36 21.09 12.90 11.18
N LYS A 37 21.32 12.67 12.48
CA LYS A 37 20.31 12.95 13.49
C LYS A 37 20.94 13.45 14.79
N GLU A 38 20.21 14.30 15.53
CA GLU A 38 20.58 14.66 16.89
C GLU A 38 19.83 13.73 17.83
N GLU A 39 20.55 12.83 18.49
CA GLU A 39 19.91 11.81 19.31
C GLU A 39 19.30 12.41 20.58
N ARG A 40 18.20 13.14 20.41
CA ARG A 40 17.55 13.82 21.52
C ARG A 40 16.15 14.28 21.10
N PHE A 41 15.35 14.71 22.07
CA PHE A 41 14.01 15.21 21.77
C PHE A 41 13.92 16.72 21.98
N CYS A 42 13.30 17.40 21.02
CA CYS A 42 13.16 18.85 21.10
C CYS A 42 11.70 19.27 21.08
N LYS A 43 11.44 20.57 21.01
CA LYS A 43 10.08 21.07 21.01
C LYS A 43 9.52 21.11 19.58
N ILE A 44 8.25 20.76 19.46
CA ILE A 44 7.55 20.88 18.18
C ILE A 44 6.60 22.05 18.30
N SER A 45 6.75 23.01 17.40
CA SER A 45 5.95 24.23 17.39
C SER A 45 6.09 24.96 18.73
N ASN A 46 7.31 25.02 19.23
CA ASN A 46 7.62 25.69 20.50
C ASN A 46 6.82 25.14 21.67
N LYS A 47 6.39 23.88 21.58
CA LYS A 47 5.68 23.24 22.67
C LYS A 47 6.41 21.97 23.10
N ALA A 48 6.77 21.91 24.38
CA ALA A 48 7.57 20.82 24.91
C ALA A 48 6.81 19.51 25.02
N PRO A 49 7.52 18.39 24.85
CA PRO A 49 6.91 17.06 25.02
C PRO A 49 6.77 16.66 26.49
N LEU A 50 5.94 15.67 26.76
CA LEU A 50 5.73 15.17 28.11
C LEU A 50 6.67 14.01 28.44
N ASP A 51 7.53 14.22 29.43
CA ASP A 51 8.41 13.15 29.88
C ASP A 51 7.73 12.35 30.98
N LEU A 52 7.53 11.05 30.74
CA LEU A 52 6.87 10.20 31.72
C LEU A 52 7.85 9.69 32.76
N ARG A 53 9.14 9.89 32.48
CA ARG A 53 10.22 9.57 33.39
C ARG A 53 10.19 8.11 33.85
N ASP A 54 10.14 7.90 35.16
CA ASP A 54 10.24 6.55 35.72
C ASP A 54 8.86 5.91 35.85
N CYS A 55 7.89 6.45 35.11
CA CYS A 55 6.55 5.89 35.14
C CYS A 55 6.13 5.40 33.77
N THR A 56 5.45 4.25 33.71
CA THR A 56 4.90 3.80 32.45
C THR A 56 3.69 4.67 32.19
N LEU A 57 3.11 4.54 31.00
CA LEU A 57 2.03 5.42 30.62
C LEU A 57 0.74 5.04 31.35
N GLU A 58 0.59 3.76 31.69
CA GLU A 58 -0.55 3.34 32.48
C GLU A 58 -0.42 3.86 33.91
N GLY A 59 0.79 3.79 34.46
CA GLY A 59 1.05 4.25 35.82
C GLY A 59 0.81 5.73 36.00
N TRP A 60 1.15 6.51 34.97
CA TRP A 60 0.95 7.95 35.00
C TRP A 60 -0.54 8.29 35.00
N ILE A 61 -1.28 7.69 34.08
CA ILE A 61 -2.65 8.09 33.83
C ILE A 61 -3.58 7.50 34.89
N LEU A 62 -3.14 6.41 35.53
CA LEU A 62 -3.91 5.82 36.63
C LEU A 62 -3.55 6.49 37.95
N GLY A 63 -2.42 7.19 37.98
CA GLY A 63 -2.00 7.88 39.17
C GLY A 63 -1.26 7.01 40.18
N ASN A 64 -0.33 6.21 39.70
CA ASN A 64 0.58 5.47 40.57
C ASN A 64 1.22 6.45 41.55
N PRO A 65 1.17 6.13 42.85
CA PRO A 65 1.60 7.08 43.90
C PRO A 65 3.05 7.55 43.72
N ARG A 66 3.85 6.78 43.00
CA ARG A 66 5.24 7.14 42.75
C ARG A 66 5.41 8.04 41.51
N CYS A 67 4.29 8.41 40.91
CA CYS A 67 4.31 9.26 39.73
C CYS A 67 3.84 10.66 40.06
N GLY A 68 4.02 11.06 41.32
CA GLY A 68 3.52 12.34 41.81
C GLY A 68 3.94 13.56 41.02
N ILE A 69 5.16 13.52 40.48
CA ILE A 69 5.67 14.65 39.71
C ILE A 69 4.81 14.91 38.48
N LEU A 70 4.17 13.85 37.99
CA LEU A 70 3.38 13.94 36.77
C LEU A 70 1.90 14.12 37.06
N LEU A 71 1.54 14.07 38.34
CA LEU A 71 0.13 14.15 38.73
C LEU A 71 -0.32 15.61 38.76
N ALA A 72 -0.64 16.13 37.59
CA ALA A 72 -1.02 17.53 37.43
C ALA A 72 -1.56 17.76 36.04
N ASP A 73 -1.85 19.02 35.71
CA ASP A 73 -2.19 19.38 34.33
C ASP A 73 -0.97 19.13 33.45
N GLN A 74 -1.19 18.61 32.25
CA GLN A 74 -0.11 18.34 31.30
C GLN A 74 -0.47 18.79 29.89
N SER A 75 0.47 19.45 29.23
CA SER A 75 0.33 19.82 27.81
C SER A 75 1.54 19.38 27.02
N TRP A 76 1.32 18.57 25.99
CA TRP A 76 2.43 18.02 25.24
C TRP A 76 2.22 18.13 23.73
N SER A 77 3.33 18.25 23.02
CA SER A 77 3.35 18.12 21.57
C SER A 77 3.40 16.64 21.19
N TYR A 78 4.10 15.87 22.01
CA TYR A 78 4.12 14.42 21.91
C TYR A 78 4.54 13.83 23.26
N ILE A 79 4.52 12.50 23.37
CA ILE A 79 4.83 11.83 24.63
C ILE A 79 6.05 10.90 24.51
N VAL A 80 6.91 10.95 25.52
CA VAL A 80 8.05 10.03 25.60
C VAL A 80 7.94 9.07 26.80
N GLU A 81 7.87 7.77 26.50
CA GLU A 81 7.85 6.74 27.54
C GLU A 81 9.19 6.00 27.57
N ARG A 82 9.71 5.77 28.77
CA ARG A 82 10.99 5.10 28.93
C ARG A 82 10.83 3.58 29.02
N PRO A 83 11.70 2.83 28.35
CA PRO A 83 11.66 1.37 28.23
C PRO A 83 11.41 0.63 29.55
N ASN A 84 12.19 0.95 30.58
CA ASN A 84 12.10 0.20 31.83
C ASN A 84 11.66 1.03 33.03
N ALA A 85 10.64 1.85 32.84
CA ALA A 85 10.04 2.59 33.94
C ALA A 85 9.53 1.62 35.01
N ARG A 86 9.90 1.87 36.26
CA ARG A 86 9.56 0.97 37.36
C ARG A 86 8.09 1.09 37.74
N ASN A 87 7.56 2.31 37.60
CA ASN A 87 6.25 2.61 38.13
C ASN A 87 5.14 2.45 37.09
N GLY A 88 4.47 1.32 37.13
CA GLY A 88 3.35 1.07 36.24
C GLY A 88 2.09 0.64 36.96
N ILE A 89 1.56 -0.50 36.55
CA ILE A 89 0.44 -1.11 37.24
C ILE A 89 0.97 -1.87 38.45
N CYS A 90 0.95 -1.22 39.60
CA CYS A 90 1.55 -1.78 40.81
C CYS A 90 0.69 -2.90 41.41
N TYR A 91 -0.62 -2.69 41.50
CA TYR A 91 -1.50 -3.76 41.99
C TYR A 91 -1.91 -4.65 40.81
N PRO A 92 -1.61 -5.96 40.89
CA PRO A 92 -1.73 -6.89 39.77
C PRO A 92 -3.12 -6.96 39.14
N GLY A 93 -3.16 -7.02 37.80
CA GLY A 93 -4.40 -7.08 37.07
C GLY A 93 -4.26 -6.54 35.67
N THR A 94 -5.28 -6.74 34.84
CA THR A 94 -5.22 -6.31 33.45
C THR A 94 -6.03 -5.03 33.21
N LEU A 95 -5.41 -4.06 32.53
CA LEU A 95 -6.13 -2.89 32.08
C LEU A 95 -6.83 -3.21 30.76
N ASN A 96 -8.16 -3.19 30.79
CA ASN A 96 -8.96 -3.55 29.63
C ASN A 96 -8.80 -2.55 28.49
N GLU A 97 -8.59 -3.07 27.28
CA GLU A 97 -8.37 -2.25 26.09
C GLU A 97 -7.23 -1.25 26.27
N ALA A 98 -6.10 -1.75 26.75
CA ALA A 98 -4.95 -0.91 27.05
C ALA A 98 -4.42 -0.20 25.81
N GLU A 99 -4.34 -0.93 24.71
CA GLU A 99 -3.73 -0.41 23.50
C GLU A 99 -4.57 0.71 22.90
N GLU A 100 -5.90 0.57 22.98
CA GLU A 100 -6.78 1.63 22.50
C GLU A 100 -6.67 2.86 23.39
N LEU A 101 -6.39 2.64 24.67
CA LEU A 101 -6.20 3.75 25.59
C LEU A 101 -4.95 4.56 25.26
N LYS A 102 -3.83 3.87 25.01
CA LYS A 102 -2.59 4.54 24.66
C LYS A 102 -2.74 5.29 23.34
N ALA A 103 -3.50 4.69 22.44
CA ALA A 103 -3.74 5.27 21.12
C ALA A 103 -4.57 6.55 21.23
N LEU A 104 -5.54 6.54 22.14
CA LEU A 104 -6.38 7.71 22.39
C LEU A 104 -5.57 8.85 22.97
N ILE A 105 -4.77 8.54 23.99
CA ILE A 105 -3.96 9.54 24.65
C ILE A 105 -2.93 10.11 23.67
N GLY A 106 -2.39 9.25 22.82
CA GLY A 106 -1.45 9.70 21.81
C GLY A 106 -2.07 10.73 20.88
N SER A 107 -3.38 10.62 20.66
CA SER A 107 -4.11 11.57 19.85
C SER A 107 -4.53 12.77 20.67
N GLY A 108 -4.02 12.85 21.89
CA GLY A 108 -4.37 13.92 22.80
C GLY A 108 -3.36 15.04 22.83
N GLU A 109 -3.79 16.19 23.33
CA GLU A 109 -2.94 17.37 23.34
C GLU A 109 -2.75 17.92 24.75
N ARG A 110 -3.80 17.80 25.56
CA ARG A 110 -3.79 18.31 26.93
C ARG A 110 -4.78 17.56 27.81
N VAL A 111 -4.40 17.34 29.07
CA VAL A 111 -5.34 16.83 30.06
C VAL A 111 -5.38 17.75 31.28
N GLU A 112 -6.57 17.93 31.84
CA GLU A 112 -6.75 18.73 33.05
C GLU A 112 -7.27 17.85 34.19
N ARG A 113 -6.45 17.65 35.22
CA ARG A 113 -6.82 16.77 36.32
C ARG A 113 -7.75 17.45 37.30
N PHE A 114 -8.82 16.76 37.67
CA PHE A 114 -9.80 17.29 38.61
C PHE A 114 -10.42 16.16 39.44
N GLU A 115 -11.09 16.51 40.53
CA GLU A 115 -11.72 15.51 41.38
C GLU A 115 -13.13 15.19 40.92
N MET A 116 -13.32 13.98 40.39
CA MET A 116 -14.62 13.59 39.86
C MET A 116 -15.58 13.20 40.99
N PHE A 117 -15.22 12.13 41.70
CA PHE A 117 -15.98 11.70 42.87
C PHE A 117 -15.14 11.79 44.13
N PRO A 118 -15.40 12.81 44.97
CA PRO A 118 -14.72 12.93 46.26
C PRO A 118 -15.13 11.79 47.20
N LYS A 119 -14.31 11.50 48.19
CA LYS A 119 -14.57 10.37 49.09
C LYS A 119 -15.94 10.44 49.77
N SER A 120 -16.49 11.64 49.90
CA SER A 120 -17.76 11.85 50.56
C SER A 120 -18.94 11.36 49.73
N THR A 121 -18.68 11.07 48.46
CA THR A 121 -19.70 10.56 47.55
C THR A 121 -20.27 9.24 48.04
N TRP A 122 -19.39 8.40 48.58
CA TRP A 122 -19.75 7.04 48.97
C TRP A 122 -20.06 6.93 50.47
N THR A 123 -21.33 6.67 50.78
CA THR A 123 -21.78 6.67 52.17
C THR A 123 -22.06 5.27 52.69
N GLY A 124 -21.66 5.02 53.94
CA GLY A 124 -21.86 3.72 54.56
C GLY A 124 -20.65 2.82 54.43
N VAL A 125 -19.56 3.36 53.92
CA VAL A 125 -18.35 2.58 53.65
C VAL A 125 -17.07 3.26 54.12
N ASN A 126 -15.98 2.51 54.12
CA ASN A 126 -14.67 3.03 54.50
C ASN A 126 -13.86 3.48 53.29
N THR A 127 -13.76 4.79 53.12
CA THR A 127 -13.03 5.36 52.00
C THR A 127 -11.55 5.53 52.34
N GLU A 128 -11.21 5.37 53.61
CA GLU A 128 -9.82 5.35 54.02
C GLU A 128 -9.32 3.91 54.00
N SER A 129 -8.07 3.71 54.37
CA SER A 129 -7.50 2.36 54.56
C SER A 129 -7.53 1.47 53.30
N GLY A 130 -7.82 2.07 52.14
CA GLY A 130 -7.83 1.35 50.88
C GLY A 130 -6.49 1.40 50.18
N VAL A 131 -5.46 0.88 50.84
CA VAL A 131 -4.08 0.94 50.35
C VAL A 131 -3.47 -0.44 50.25
N SER A 132 -2.34 -0.55 49.55
CA SER A 132 -1.68 -1.85 49.37
C SER A 132 -0.16 -1.74 49.34
N SER A 133 0.49 -2.79 49.84
CA SER A 133 1.95 -2.85 49.83
C SER A 133 2.49 -3.02 48.42
N ALA A 134 1.62 -3.46 47.51
CA ALA A 134 2.00 -3.62 46.11
C ALA A 134 2.12 -2.26 45.45
N CYS A 135 1.45 -1.26 46.03
CA CYS A 135 1.53 0.11 45.53
C CYS A 135 2.10 1.06 46.59
N PRO A 136 3.38 0.90 46.93
CA PRO A 136 3.96 1.68 48.02
C PRO A 136 4.27 3.13 47.65
N LEU A 137 4.06 4.04 48.61
CA LEU A 137 4.59 5.40 48.54
C LEU A 137 5.51 5.60 49.74
N GLY A 138 6.81 5.71 49.49
CA GLY A 138 7.78 5.68 50.55
C GLY A 138 7.90 4.26 51.09
N ASN A 139 7.77 4.11 52.40
CA ASN A 139 7.81 2.79 53.02
C ASN A 139 6.41 2.21 53.21
N GLY A 140 5.47 3.06 53.58
CA GLY A 140 4.11 2.63 53.84
C GLY A 140 3.36 2.23 52.60
N PRO A 141 2.31 1.42 52.76
CA PRO A 141 1.44 1.02 51.65
C PRO A 141 0.65 2.20 51.13
N SER A 142 0.20 2.12 49.87
CA SER A 142 -0.57 3.20 49.28
C SER A 142 -1.43 2.68 48.12
N PHE A 143 -1.93 3.58 47.30
CA PHE A 143 -2.79 3.22 46.18
C PHE A 143 -2.78 4.33 45.14
N TYR A 144 -3.39 4.07 43.98
CA TYR A 144 -3.48 5.05 42.91
C TYR A 144 -4.16 6.33 43.36
N ARG A 145 -3.75 7.44 42.77
CA ARG A 145 -4.30 8.74 43.13
C ARG A 145 -5.53 9.09 42.30
N ASN A 146 -5.80 8.28 41.29
CA ASN A 146 -7.00 8.50 40.46
C ASN A 146 -8.08 7.47 40.78
N LEU A 147 -7.78 6.57 41.72
CA LEU A 147 -8.72 5.51 42.09
C LEU A 147 -8.90 5.44 43.60
N LEU A 148 -10.09 5.06 44.03
CA LEU A 148 -10.39 4.92 45.44
C LEU A 148 -10.81 3.48 45.76
N TRP A 149 -10.01 2.80 46.57
CA TRP A 149 -10.33 1.44 46.97
C TRP A 149 -11.26 1.46 48.17
N ILE A 150 -12.49 1.04 47.93
CA ILE A 150 -13.53 1.08 48.95
C ILE A 150 -13.76 -0.28 49.58
N ILE A 151 -13.60 -0.34 50.89
CA ILE A 151 -13.95 -1.54 51.65
C ILE A 151 -15.07 -1.20 52.63
N LYS A 152 -15.79 -2.23 53.08
CA LYS A 152 -16.92 -2.03 53.97
C LYS A 152 -16.50 -1.52 55.32
N LEU A 153 -17.44 -0.92 56.05
CA LEU A 153 -17.17 -0.53 57.43
C LEU A 153 -17.11 -1.79 58.27
N LYS A 154 -16.31 -1.78 59.33
CA LYS A 154 -16.21 -2.96 60.16
C LYS A 154 -17.48 -3.15 61.00
N SER A 155 -18.06 -2.05 61.46
CA SER A 155 -19.27 -2.07 62.27
C SER A 155 -20.53 -2.40 61.47
N SER A 156 -20.56 -2.00 60.20
CA SER A 156 -21.77 -2.16 59.40
C SER A 156 -21.56 -3.00 58.16
N GLU A 157 -22.62 -3.23 57.39
CA GLU A 157 -22.52 -3.99 56.16
C GLU A 157 -22.07 -3.04 55.06
N TYR A 158 -21.85 -3.57 53.88
CA TYR A 158 -21.50 -2.76 52.73
C TYR A 158 -22.78 -2.47 51.96
N PRO A 159 -23.26 -1.23 52.05
CA PRO A 159 -24.52 -0.84 51.42
C PRO A 159 -24.37 -0.59 49.92
N VAL A 160 -25.49 -0.45 49.22
CA VAL A 160 -25.46 -0.02 47.84
C VAL A 160 -25.03 1.45 47.81
N ILE A 161 -23.87 1.72 47.23
CA ILE A 161 -23.37 3.08 47.13
C ILE A 161 -23.56 3.63 45.72
N ARG A 162 -23.80 4.94 45.62
CA ARG A 162 -24.07 5.55 44.32
C ARG A 162 -23.35 6.88 44.14
N GLY A 163 -23.03 7.19 42.89
CA GLY A 163 -22.39 8.45 42.54
C GLY A 163 -22.87 8.92 41.18
N THR A 164 -22.93 10.24 41.00
CA THR A 164 -23.39 10.81 39.74
C THR A 164 -22.57 12.02 39.36
N PHE A 165 -22.14 12.07 38.10
CA PHE A 165 -21.42 13.22 37.58
C PHE A 165 -22.06 13.74 36.29
N ASN A 166 -22.50 14.99 36.32
CA ASN A 166 -23.02 15.68 35.14
C ASN A 166 -21.85 16.40 34.48
N ASN A 167 -21.47 15.97 33.28
CA ASN A 167 -20.40 16.64 32.56
C ASN A 167 -20.95 17.83 31.78
N THR A 168 -20.81 19.00 32.38
CA THR A 168 -21.39 20.22 31.84
C THR A 168 -20.38 21.06 31.09
N GLY A 169 -19.15 20.57 31.00
CA GLY A 169 -18.10 21.24 30.26
C GLY A 169 -18.15 20.97 28.77
N ASP A 170 -17.23 21.56 28.01
CA ASP A 170 -17.22 21.35 26.58
C ASP A 170 -16.22 20.25 26.23
N LYS A 171 -15.45 19.84 27.22
CA LYS A 171 -14.39 18.85 27.00
C LYS A 171 -14.82 17.46 27.47
N SER A 172 -14.37 16.44 26.74
CA SER A 172 -14.60 15.05 27.13
C SER A 172 -13.80 14.72 28.38
N ILE A 173 -14.29 13.75 29.15
CA ILE A 173 -13.64 13.38 30.40
C ILE A 173 -13.12 11.95 30.36
N LEU A 174 -11.83 11.80 30.60
CA LEU A 174 -11.23 10.48 30.69
C LEU A 174 -11.21 10.01 32.13
N TYR A 175 -11.93 8.94 32.43
CA TYR A 175 -12.00 8.44 33.79
C TYR A 175 -11.75 6.94 33.83
N PHE A 176 -11.39 6.45 35.02
CA PHE A 176 -11.00 5.06 35.23
C PHE A 176 -11.74 4.45 36.41
N TRP A 177 -11.93 3.13 36.37
CA TRP A 177 -12.49 2.41 37.50
C TRP A 177 -12.03 0.97 37.47
N GLY A 178 -12.42 0.18 38.47
CA GLY A 178 -11.99 -1.19 38.55
C GLY A 178 -12.89 -2.11 39.36
N VAL A 179 -12.67 -3.41 39.21
CA VAL A 179 -13.36 -4.43 40.00
C VAL A 179 -12.32 -5.31 40.68
N HIS A 180 -12.39 -5.41 42.00
CA HIS A 180 -11.41 -6.19 42.75
C HIS A 180 -11.82 -7.66 42.84
N HIS A 181 -10.87 -8.55 42.57
CA HIS A 181 -11.10 -9.99 42.64
C HIS A 181 -10.22 -10.66 43.69
N PRO A 182 -10.73 -10.81 44.92
CA PRO A 182 -10.02 -11.54 45.99
C PRO A 182 -9.76 -13.00 45.60
N PRO A 183 -8.68 -13.57 46.14
CA PRO A 183 -8.28 -14.95 45.82
C PRO A 183 -9.17 -16.00 46.49
N VAL A 184 -9.69 -15.68 47.67
CA VAL A 184 -10.50 -16.63 48.43
C VAL A 184 -11.79 -16.03 49.01
N THR A 185 -12.74 -16.88 49.34
CA THR A 185 -14.02 -16.45 49.85
C THR A 185 -13.92 -15.63 51.13
N THR A 186 -12.97 -16.00 51.99
CA THR A 186 -12.75 -15.33 53.25
C THR A 186 -12.53 -13.82 53.07
N GLU A 187 -11.60 -13.45 52.20
CA GLU A 187 -11.29 -12.05 51.94
C GLU A 187 -12.48 -11.31 51.35
N GLN A 188 -13.23 -11.98 50.48
CA GLN A 188 -14.42 -11.37 49.88
C GLN A 188 -15.42 -10.99 50.98
N ASN A 189 -15.68 -11.92 51.88
CA ASN A 189 -16.64 -11.68 52.96
C ASN A 189 -16.12 -10.65 53.95
N ALA A 190 -14.80 -10.57 54.10
CA ALA A 190 -14.20 -9.66 55.06
C ALA A 190 -14.20 -8.23 54.56
N LEU A 191 -13.96 -8.04 53.26
CA LEU A 191 -13.85 -6.70 52.70
C LEU A 191 -15.17 -6.13 52.17
N TYR A 192 -16.04 -6.99 51.67
CA TYR A 192 -17.27 -6.53 51.03
C TYR A 192 -18.50 -7.26 51.55
N GLY A 193 -18.41 -8.58 51.69
CA GLY A 193 -19.49 -9.37 52.21
C GLY A 193 -19.92 -10.52 51.33
N SER A 194 -20.75 -11.40 51.89
CA SER A 194 -21.25 -12.57 51.16
C SER A 194 -22.36 -12.20 50.19
N GLY A 195 -23.02 -13.21 49.63
CA GLY A 195 -24.06 -13.00 48.66
C GLY A 195 -23.53 -12.47 47.35
N ASP A 196 -24.42 -12.18 46.42
CA ASP A 196 -24.02 -11.67 45.11
C ASP A 196 -23.63 -10.20 45.20
N ARG A 197 -22.43 -9.89 44.71
CA ARG A 197 -21.95 -8.52 44.67
C ARG A 197 -21.82 -8.07 43.22
N TYR A 198 -21.88 -6.75 42.99
CA TYR A 198 -21.85 -6.22 41.65
C TYR A 198 -21.24 -4.83 41.57
N VAL A 199 -20.69 -4.53 40.40
CA VAL A 199 -20.21 -3.19 40.09
C VAL A 199 -20.88 -2.70 38.81
N ARG A 200 -21.60 -1.60 38.90
CA ARG A 200 -22.38 -1.12 37.75
C ARG A 200 -22.12 0.33 37.38
N MET A 201 -21.68 0.51 36.14
CA MET A 201 -21.42 1.82 35.58
C MET A 201 -22.37 2.06 34.41
N GLY A 202 -22.85 3.28 34.28
CA GLY A 202 -23.73 3.60 33.18
C GLY A 202 -23.76 5.06 32.80
N THR A 203 -23.75 5.30 31.49
CA THR A 203 -23.96 6.63 30.95
C THR A 203 -25.07 6.55 29.92
N GLU A 204 -25.32 7.65 29.23
CA GLU A 204 -26.34 7.67 28.19
C GLU A 204 -26.00 6.73 27.04
N SER A 205 -24.71 6.45 26.85
CA SER A 205 -24.27 5.62 25.73
C SER A 205 -23.45 4.40 26.14
N MET A 206 -23.21 4.25 27.43
CA MET A 206 -22.36 3.15 27.92
C MET A 206 -23.04 2.34 29.02
N ASN A 207 -22.86 1.03 28.96
CA ASN A 207 -23.50 0.12 29.91
C ASN A 207 -22.56 -0.98 30.41
N PHE A 208 -22.25 -0.93 31.70
CA PHE A 208 -21.24 -1.79 32.30
C PHE A 208 -21.72 -2.47 33.58
N ALA A 209 -21.54 -3.78 33.67
CA ALA A 209 -21.89 -4.51 34.89
C ALA A 209 -21.03 -5.76 35.05
N ARG A 210 -20.41 -5.92 36.22
CA ARG A 210 -19.57 -7.08 36.50
C ARG A 210 -19.78 -7.61 37.90
N SER A 211 -19.35 -8.86 38.10
CA SER A 211 -19.41 -9.49 39.42
C SER A 211 -18.02 -9.97 39.82
N PRO A 212 -17.81 -10.21 41.12
CA PRO A 212 -16.52 -10.73 41.57
C PRO A 212 -16.27 -12.15 41.09
N GLU A 213 -15.07 -12.40 40.61
CA GLU A 213 -14.66 -13.73 40.20
C GLU A 213 -13.59 -14.23 41.15
N ILE A 214 -14.01 -14.78 42.28
CA ILE A 214 -13.09 -15.25 43.30
C ILE A 214 -12.31 -16.48 42.84
N ALA A 215 -11.00 -16.35 42.81
CA ALA A 215 -10.15 -17.45 42.38
C ALA A 215 -8.71 -17.28 42.86
N ALA A 216 -8.07 -18.40 43.15
CA ALA A 216 -6.67 -18.41 43.60
C ALA A 216 -5.72 -18.17 42.44
N ARG A 217 -4.89 -17.14 42.57
CA ARG A 217 -3.98 -16.75 41.50
C ARG A 217 -2.55 -16.77 42.03
N PRO A 218 -1.57 -16.91 41.13
CA PRO A 218 -0.17 -16.78 41.55
C PRO A 218 0.09 -15.39 42.09
N ALA A 219 1.04 -15.26 43.01
CA ALA A 219 1.33 -13.98 43.62
C ALA A 219 2.13 -13.08 42.67
N VAL A 220 1.64 -11.86 42.51
CA VAL A 220 2.35 -10.83 41.76
C VAL A 220 2.48 -9.60 42.66
N ASN A 221 3.71 -9.17 42.91
CA ASN A 221 3.96 -8.09 43.87
C ASN A 221 3.32 -8.38 45.22
N GLY A 222 3.42 -9.64 45.64
CA GLY A 222 2.90 -10.07 46.93
C GLY A 222 1.38 -10.17 46.99
N GLN A 223 0.72 -10.17 45.83
CA GLN A 223 -0.74 -10.19 45.80
C GLN A 223 -1.30 -11.34 44.96
N ARG A 224 -2.14 -12.16 45.58
CA ARG A 224 -2.80 -13.26 44.89
C ARG A 224 -4.12 -12.79 44.32
N GLY A 225 -4.53 -11.58 44.70
CA GLY A 225 -5.73 -10.98 44.16
C GLY A 225 -5.45 -10.22 42.88
N ARG A 226 -6.51 -9.81 42.21
CA ARG A 226 -6.36 -9.05 40.97
C ARG A 226 -7.35 -7.90 40.95
N ILE A 227 -7.03 -6.88 40.16
CA ILE A 227 -7.98 -5.82 39.86
C ILE A 227 -8.14 -5.68 38.35
N ASP A 228 -9.37 -5.77 37.87
CA ASP A 228 -9.66 -5.51 36.47
C ASP A 228 -9.88 -4.02 36.27
N TYR A 229 -8.94 -3.35 35.62
CA TYR A 229 -9.03 -1.91 35.42
C TYR A 229 -9.82 -1.62 34.13
N PHE A 230 -10.61 -0.55 34.16
CA PHE A 230 -11.37 -0.14 32.99
C PHE A 230 -11.26 1.37 32.79
N TRP A 231 -11.38 1.81 31.54
CA TRP A 231 -11.39 3.24 31.23
C TRP A 231 -12.50 3.54 30.26
N SER A 232 -12.92 4.81 30.23
CA SER A 232 -13.94 5.22 29.29
C SER A 232 -13.94 6.74 29.20
N ILE A 233 -14.67 7.26 28.23
CA ILE A 233 -14.75 8.70 28.00
C ILE A 233 -16.16 9.21 28.26
N LEU A 234 -16.29 10.11 29.24
CA LEU A 234 -17.58 10.74 29.49
C LEU A 234 -17.75 11.92 28.54
N LYS A 235 -18.63 11.74 27.55
CA LYS A 235 -18.84 12.76 26.53
C LYS A 235 -19.42 14.01 27.15
N PRO A 236 -19.17 15.18 26.53
CA PRO A 236 -19.76 16.41 27.07
C PRO A 236 -21.29 16.37 27.06
N GLY A 237 -21.90 16.72 28.18
CA GLY A 237 -23.34 16.68 28.32
C GLY A 237 -23.84 15.36 28.87
N GLU A 238 -23.00 14.34 28.84
CA GLU A 238 -23.38 13.02 29.35
C GLU A 238 -23.27 12.95 30.86
N THR A 239 -23.84 11.90 31.43
CA THR A 239 -23.89 11.71 32.86
C THR A 239 -23.49 10.28 33.23
N LEU A 240 -22.69 10.13 34.27
CA LEU A 240 -22.28 8.81 34.72
C LEU A 240 -22.94 8.41 36.04
N ASN A 241 -23.58 7.24 36.05
CA ASN A 241 -24.11 6.68 37.30
C ASN A 241 -23.28 5.50 37.76
N VAL A 242 -22.78 5.59 38.98
CA VAL A 242 -22.04 4.50 39.58
C VAL A 242 -22.94 3.81 40.60
N GLU A 243 -23.02 2.49 40.53
CA GLU A 243 -23.86 1.72 41.45
C GLU A 243 -23.18 0.41 41.81
N SER A 244 -22.97 0.19 43.10
CA SER A 244 -22.28 -1.02 43.55
C SER A 244 -22.58 -1.37 44.99
N ASN A 245 -22.52 -2.66 45.30
CA ASN A 245 -22.67 -3.13 46.66
C ASN A 245 -21.44 -3.90 47.11
N GLY A 246 -20.33 -3.69 46.40
CA GLY A 246 -19.09 -4.34 46.77
C GLY A 246 -18.11 -4.49 45.62
N ASN A 247 -16.84 -4.70 45.98
CA ASN A 247 -15.76 -4.95 45.03
C ASN A 247 -15.49 -3.79 44.07
N LEU A 248 -15.93 -2.60 44.44
CA LEU A 248 -15.75 -1.43 43.59
C LEU A 248 -14.43 -0.69 43.83
N ILE A 249 -13.65 -0.55 42.76
CA ILE A 249 -12.55 0.40 42.75
C ILE A 249 -13.06 1.64 42.06
N ALA A 250 -13.44 2.62 42.86
CA ALA A 250 -14.18 3.78 42.37
C ALA A 250 -13.30 4.82 41.70
N PRO A 251 -13.82 5.48 40.67
CA PRO A 251 -13.19 6.65 40.09
C PRO A 251 -13.09 7.77 41.12
N TRP A 252 -11.90 8.31 41.30
CA TRP A 252 -11.68 9.41 42.23
C TRP A 252 -11.35 10.68 41.47
N TYR A 253 -10.16 10.74 40.89
CA TYR A 253 -9.79 11.85 40.01
C TYR A 253 -9.88 11.41 38.55
N ALA A 254 -10.23 12.35 37.68
CA ALA A 254 -10.32 12.10 36.25
C ALA A 254 -9.71 13.25 35.47
N TYR A 255 -9.74 13.17 34.15
CA TYR A 255 -9.10 14.18 33.31
C TYR A 255 -10.08 14.80 32.33
N ARG A 256 -9.99 16.12 32.16
CA ARG A 256 -10.67 16.78 31.07
C ARG A 256 -9.78 16.62 29.84
N PHE A 257 -10.31 16.07 28.75
CA PHE A 257 -9.47 15.64 27.64
C PHE A 257 -9.58 16.57 26.42
N VAL A 258 -8.43 16.87 25.82
CA VAL A 258 -8.39 17.75 24.64
C VAL A 258 -7.81 17.03 23.42
N ASN A 259 -8.62 16.88 22.38
CA ASN A 259 -8.20 16.19 21.17
C ASN A 259 -7.27 17.03 20.29
N LYS A 260 -6.16 16.43 19.90
CA LYS A 260 -5.20 17.06 18.99
C LYS A 260 -5.74 17.08 17.56
N ASP A 261 -5.62 18.22 16.88
CA ASP A 261 -6.20 18.38 15.55
C ASP A 261 -5.37 17.71 14.46
N SER A 262 -4.27 17.08 14.85
CA SER A 262 -3.44 16.32 13.92
C SER A 262 -2.94 15.05 14.59
N LYS A 263 -2.12 14.29 13.88
CA LYS A 263 -1.53 13.08 14.43
C LYS A 263 -0.62 13.40 15.61
N GLY A 264 -0.79 12.67 16.71
CA GLY A 264 0.09 12.80 17.84
C GLY A 264 0.96 11.56 17.88
N ALA A 265 1.93 11.54 18.79
CA ALA A 265 2.87 10.42 18.85
C ALA A 265 3.26 10.06 20.27
N ILE A 266 3.57 8.79 20.46
CA ILE A 266 4.14 8.30 21.70
C ILE A 266 5.40 7.51 21.39
N PHE A 267 6.55 8.08 21.73
CA PHE A 267 7.84 7.48 21.43
C PHE A 267 8.32 6.65 22.62
N ARG A 268 8.73 5.42 22.36
CA ARG A 268 9.36 4.59 23.37
C ARG A 268 10.88 4.68 23.23
N SER A 269 11.50 5.53 24.05
CA SER A 269 12.92 5.87 23.88
C SER A 269 13.63 6.34 25.14
N ASN A 270 14.96 6.15 25.17
CA ASN A 270 15.78 6.61 26.29
C ASN A 270 16.44 7.96 26.03
N LEU A 271 16.15 8.55 24.87
CA LEU A 271 16.80 9.81 24.48
C LEU A 271 16.40 10.94 25.43
N PRO A 272 17.33 11.89 25.66
CA PRO A 272 17.04 13.02 26.55
C PRO A 272 16.12 14.06 25.94
N ILE A 273 15.20 14.59 26.74
CA ILE A 273 14.36 15.71 26.34
C ILE A 273 15.03 17.02 26.73
N GLU A 274 15.19 17.92 25.77
CA GLU A 274 15.87 19.18 26.04
C GLU A 274 15.02 20.37 25.60
N ASN A 275 15.42 21.56 26.02
CA ASN A 275 14.75 22.78 25.61
C ASN A 275 15.32 23.27 24.29
N CYS A 276 14.94 22.64 23.18
CA CYS A 276 15.46 23.01 21.87
C CYS A 276 14.31 22.93 20.88
N ASP A 277 14.53 23.44 19.68
CA ASP A 277 13.47 23.44 18.67
C ASP A 277 13.78 22.50 17.52
N ALA A 278 12.72 21.91 16.98
CA ALA A 278 12.84 21.02 15.84
C ALA A 278 11.62 21.15 14.95
N THR A 279 11.82 20.95 13.65
CA THR A 279 10.72 20.87 12.70
C THR A 279 10.39 19.41 12.51
N CYS A 280 11.44 18.60 12.44
CA CYS A 280 11.32 17.17 12.28
C CYS A 280 11.88 16.43 13.50
N GLN A 281 11.01 15.70 14.18
CA GLN A 281 11.41 14.93 15.35
C GLN A 281 11.06 13.47 15.18
N THR A 282 12.07 12.62 15.04
CA THR A 282 11.85 11.19 14.92
C THR A 282 12.08 10.52 16.26
N THR A 283 11.68 9.24 16.36
CA THR A 283 11.84 8.50 17.60
C THR A 283 13.32 8.23 17.86
N GLU A 284 14.14 8.36 16.81
CA GLU A 284 15.59 8.14 16.91
C GLU A 284 16.34 9.45 17.09
N GLY A 285 15.63 10.57 16.93
CA GLY A 285 16.22 11.87 17.13
C GLY A 285 15.76 12.93 16.15
N VAL A 286 16.33 14.12 16.31
CA VAL A 286 15.98 15.28 15.51
C VAL A 286 16.69 15.25 14.15
N ILE A 287 15.97 15.65 13.09
CA ILE A 287 16.57 15.76 11.77
C ILE A 287 16.46 17.18 11.25
N ARG A 288 17.60 17.80 10.96
CA ARG A 288 17.64 19.15 10.43
C ARG A 288 18.21 19.13 9.02
N THR A 289 17.34 19.28 8.03
CA THR A 289 17.77 19.11 6.65
C THR A 289 16.80 19.72 5.65
N ASN A 290 17.30 19.98 4.44
CA ASN A 290 16.42 20.39 3.33
C ASN A 290 16.30 19.24 2.33
N LYS A 291 16.95 18.13 2.66
CA LYS A 291 16.95 16.97 1.77
C LYS A 291 15.58 16.34 1.71
N THR A 292 15.36 15.51 0.70
CA THR A 292 14.05 14.96 0.41
C THR A 292 13.81 13.60 1.06
N PHE A 293 14.87 12.86 1.37
CA PHE A 293 14.73 11.53 1.96
C PHE A 293 15.57 11.37 3.22
N GLN A 294 15.15 10.48 4.12
CA GLN A 294 16.03 10.08 5.21
C GLN A 294 15.96 8.57 5.45
N ASN A 295 17.04 8.02 5.98
CA ASN A 295 17.13 6.59 6.31
C ASN A 295 17.12 6.40 7.84
N VAL A 296 16.69 7.42 8.57
CA VAL A 296 16.83 7.44 10.02
C VAL A 296 15.71 6.63 10.69
N SER A 297 14.46 7.05 10.51
CA SER A 297 13.35 6.36 11.17
C SER A 297 12.02 6.62 10.49
N PRO A 298 11.12 5.60 10.50
CA PRO A 298 9.76 5.74 9.96
C PRO A 298 8.80 6.39 10.93
N LEU A 299 9.20 6.51 12.20
CA LEU A 299 8.30 7.09 13.22
C LEU A 299 8.69 8.51 13.61
N TRP A 300 7.81 9.47 13.33
CA TRP A 300 8.17 10.85 13.65
C TRP A 300 6.95 11.72 13.88
N ILE A 301 7.19 12.90 14.44
CA ILE A 301 6.15 13.88 14.60
C ILE A 301 6.70 15.16 13.95
N GLY A 302 5.80 15.94 13.34
CA GLY A 302 6.17 17.16 12.66
C GLY A 302 6.36 16.95 11.17
N GLU A 303 7.17 17.81 10.54
CA GLU A 303 7.43 17.70 9.12
C GLU A 303 8.80 17.08 8.79
N CYS A 304 8.79 15.83 8.35
CA CYS A 304 10.02 15.10 8.03
C CYS A 304 10.08 14.68 6.57
N PRO A 305 11.30 14.48 6.05
CA PRO A 305 11.49 13.88 4.73
C PRO A 305 10.98 12.44 4.70
N LYS A 306 10.76 11.92 3.49
CA LYS A 306 10.29 10.56 3.30
C LYS A 306 11.32 9.52 3.74
N TYR A 307 10.85 8.47 4.40
CA TYR A 307 11.71 7.41 4.87
C TYR A 307 11.91 6.32 3.81
N VAL A 308 13.16 6.00 3.52
CA VAL A 308 13.52 4.92 2.61
C VAL A 308 14.67 4.12 3.22
N LYS A 309 15.00 2.99 2.62
CA LYS A 309 16.08 2.17 3.13
C LYS A 309 17.46 2.58 2.57
N SER A 310 17.44 3.43 1.55
CA SER A 310 18.64 3.76 0.79
C SER A 310 19.77 4.32 1.65
N LYS A 311 21.01 4.02 1.27
CA LYS A 311 22.17 4.62 1.90
C LYS A 311 22.46 5.97 1.24
N SER A 312 22.10 6.08 -0.03
CA SER A 312 22.37 7.28 -0.81
C SER A 312 21.44 7.42 -2.01
N LEU A 313 21.00 8.65 -2.26
CA LEU A 313 20.21 8.95 -3.44
C LEU A 313 20.73 10.23 -4.07
N ARG A 314 21.78 10.11 -4.86
CA ARG A 314 22.43 11.29 -5.42
C ARG A 314 22.07 11.51 -6.89
N LEU A 315 21.40 12.62 -7.17
CA LEU A 315 21.06 13.00 -8.53
C LEU A 315 22.19 13.79 -9.16
N ALA A 316 22.57 13.41 -10.37
CA ALA A 316 23.50 14.20 -11.14
C ALA A 316 22.80 15.45 -11.64
N THR A 317 23.46 16.59 -11.49
CA THR A 317 22.97 17.84 -12.07
C THR A 317 23.97 18.28 -13.13
N GLY A 318 25.23 18.00 -12.87
CA GLY A 318 26.30 18.36 -13.77
C GLY A 318 26.55 17.34 -14.86
N LEU A 319 27.78 17.36 -15.37
CA LEU A 319 28.16 16.63 -16.56
C LEU A 319 29.15 15.51 -16.21
N ARG A 320 29.34 14.55 -17.10
CA ARG A 320 30.33 13.50 -16.86
C ARG A 320 31.71 14.14 -16.74
N ASN A 321 32.42 13.94 -15.63
CA ASN A 321 33.66 14.68 -15.42
C ASN A 321 34.84 14.05 -16.18
N VAL A 322 35.28 14.72 -17.24
CA VAL A 322 36.37 14.23 -18.06
C VAL A 322 37.49 15.26 -18.23
N PRO A 323 38.33 15.41 -17.20
CA PRO A 323 39.42 16.38 -17.35
C PRO A 323 40.45 15.91 -18.38
N GLN A 324 41.14 16.88 -18.99
CA GLN A 324 42.14 16.62 -20.04
C GLN A 324 43.02 15.41 -19.74
N GLY B 1 19.84 7.91 -25.76
CA GLY B 1 21.06 7.20 -26.05
C GLY B 1 22.18 8.21 -26.06
N LEU B 2 23.42 7.73 -26.13
CA LEU B 2 24.58 8.60 -26.22
C LEU B 2 24.47 9.44 -27.49
N PHE B 3 24.89 10.69 -27.40
CA PHE B 3 24.86 11.57 -28.56
C PHE B 3 26.26 11.76 -29.17
N GLY B 4 27.22 11.00 -28.66
CA GLY B 4 28.54 10.91 -29.28
C GLY B 4 29.51 12.04 -29.03
N ALA B 5 29.07 13.09 -28.36
CA ALA B 5 29.91 14.27 -28.16
C ALA B 5 30.81 14.12 -26.93
N ILE B 6 30.19 14.13 -25.75
CA ILE B 6 30.92 14.04 -24.50
C ILE B 6 31.61 12.69 -24.37
N ALA B 7 32.93 12.75 -24.10
CA ALA B 7 33.76 11.55 -24.05
C ALA B 7 33.65 10.75 -25.34
N GLY B 8 33.41 11.46 -26.44
CA GLY B 8 33.26 10.87 -27.76
C GLY B 8 34.23 11.48 -28.75
N PHE B 9 33.72 12.16 -29.78
CA PHE B 9 34.60 12.79 -30.75
C PHE B 9 35.25 14.03 -30.13
N ILE B 10 34.64 14.55 -29.08
CA ILE B 10 35.32 15.50 -28.19
C ILE B 10 35.80 14.71 -26.98
N GLU B 11 37.06 14.27 -27.04
CA GLU B 11 37.57 13.25 -26.14
C GLU B 11 37.59 13.62 -24.68
N GLY B 12 37.76 14.91 -24.38
CA GLY B 12 37.86 15.36 -23.01
C GLY B 12 37.26 16.72 -22.75
N GLY B 13 37.13 17.06 -21.47
CA GLY B 13 36.60 18.34 -21.05
C GLY B 13 37.69 19.35 -20.78
N TRP B 14 37.28 20.57 -20.45
CA TRP B 14 38.22 21.66 -20.20
C TRP B 14 38.13 22.16 -18.76
N THR B 15 39.21 22.00 -18.01
CA THR B 15 39.27 22.55 -16.66
C THR B 15 39.50 24.06 -16.72
N GLY B 16 39.80 24.55 -17.91
CA GLY B 16 40.05 25.97 -18.11
C GLY B 16 38.80 26.79 -18.32
N MET B 17 37.68 26.13 -18.57
CA MET B 17 36.41 26.82 -18.75
C MET B 17 35.59 26.76 -17.47
N ILE B 18 35.57 27.86 -16.72
CA ILE B 18 35.02 27.85 -15.37
C ILE B 18 33.67 28.59 -15.22
N ASP B 19 33.22 29.22 -16.29
CA ASP B 19 32.01 30.04 -16.23
C ASP B 19 30.82 29.40 -16.93
N GLY B 20 30.91 28.11 -17.24
CA GLY B 20 29.81 27.43 -17.89
C GLY B 20 30.06 25.94 -18.12
N TRP B 21 28.97 25.24 -18.42
CA TRP B 21 29.05 23.82 -18.73
C TRP B 21 29.56 23.59 -20.15
N TYR B 22 29.04 24.36 -21.11
CA TYR B 22 29.38 24.19 -22.51
C TYR B 22 30.03 25.46 -23.05
N GLY B 23 30.93 25.32 -24.02
CA GLY B 23 31.59 26.51 -24.54
C GLY B 23 32.70 26.33 -25.56
N TYR B 24 33.43 27.43 -25.77
CA TYR B 24 34.41 27.51 -26.84
C TYR B 24 35.84 27.76 -26.36
N HIS B 25 36.78 27.36 -27.19
CA HIS B 25 38.17 27.78 -27.06
C HIS B 25 38.65 28.30 -28.41
N HIS B 26 39.12 29.54 -28.42
CA HIS B 26 39.55 30.18 -29.65
C HIS B 26 41.03 30.51 -29.67
N GLU B 27 41.58 30.66 -30.87
CA GLU B 27 42.97 31.07 -31.08
C GLU B 27 43.10 31.95 -32.32
N ASN B 28 43.71 33.11 -32.14
CA ASN B 28 44.05 33.98 -33.27
C ASN B 28 45.20 34.91 -32.89
N SER B 29 45.45 35.90 -33.73
CA SER B 29 46.55 36.84 -33.52
C SER B 29 46.38 37.65 -32.23
N GLN B 30 45.13 37.80 -31.79
CA GLN B 30 44.82 38.61 -30.60
C GLN B 30 44.83 37.78 -29.33
N GLY B 31 45.30 36.53 -29.45
CA GLY B 31 45.45 35.64 -28.32
C GLY B 31 44.52 34.44 -28.33
N SER B 32 44.45 33.76 -27.18
CA SER B 32 43.58 32.60 -27.04
C SER B 32 42.78 32.72 -25.74
N GLY B 33 41.87 31.78 -25.53
CA GLY B 33 41.08 31.80 -24.30
C GLY B 33 39.85 30.93 -24.30
N TYR B 34 39.35 30.65 -23.10
CA TYR B 34 38.11 29.91 -22.94
C TYR B 34 36.95 30.88 -22.76
N ALA B 35 35.78 30.49 -23.24
CA ALA B 35 34.57 31.27 -23.07
C ALA B 35 33.36 30.35 -23.12
N ALA B 36 32.56 30.38 -22.07
CA ALA B 36 31.38 29.56 -21.98
C ALA B 36 30.27 30.04 -22.91
N ASP B 37 29.54 29.11 -23.49
CA ASP B 37 28.37 29.44 -24.32
C ASP B 37 27.21 29.86 -23.45
N LYS B 38 26.84 31.12 -23.59
CA LYS B 38 25.91 31.76 -22.68
C LYS B 38 24.49 31.22 -22.82
N GLU B 39 24.07 30.98 -24.05
CA GLU B 39 22.72 30.50 -24.33
C GLU B 39 22.43 29.12 -23.75
N SER B 40 23.19 28.12 -24.21
CA SER B 40 22.95 26.73 -23.86
C SER B 40 23.21 26.38 -22.39
N THR B 41 24.16 27.07 -21.77
CA THR B 41 24.48 26.80 -20.37
C THR B 41 23.31 27.19 -19.47
N GLN B 42 22.79 28.40 -19.65
CA GLN B 42 21.67 28.87 -18.84
C GLN B 42 20.43 28.00 -19.04
N LYS B 43 20.16 27.65 -20.30
CA LYS B 43 19.00 26.82 -20.64
C LYS B 43 19.10 25.43 -20.01
N ALA B 44 20.32 24.89 -19.98
CA ALA B 44 20.55 23.59 -19.36
C ALA B 44 20.36 23.69 -17.85
N ILE B 45 20.86 24.75 -17.26
CA ILE B 45 20.69 24.98 -15.83
C ILE B 45 19.22 25.11 -15.46
N ASP B 46 18.48 25.86 -16.28
CA ASP B 46 17.05 26.05 -16.04
C ASP B 46 16.30 24.72 -16.12
N GLY B 47 16.67 23.90 -17.08
CA GLY B 47 16.02 22.62 -17.28
C GLY B 47 16.30 21.66 -16.15
N ILE B 48 17.57 21.53 -15.78
CA ILE B 48 18.00 20.64 -14.72
C ILE B 48 17.50 21.10 -13.35
N THR B 49 17.51 22.42 -13.12
CA THR B 49 16.93 22.97 -11.91
C THR B 49 15.47 22.57 -11.81
N ASN B 50 14.77 22.67 -12.93
CA ASN B 50 13.36 22.32 -13.00
C ASN B 50 13.15 20.84 -12.75
N LYS B 51 14.01 20.01 -13.34
CA LYS B 51 13.96 18.56 -13.14
C LYS B 51 14.17 18.17 -11.68
N VAL B 52 15.19 18.75 -11.05
CA VAL B 52 15.47 18.42 -9.66
C VAL B 52 14.32 18.86 -8.77
N ASN B 53 13.83 20.08 -8.97
CA ASN B 53 12.73 20.58 -8.17
C ASN B 53 11.45 19.77 -8.37
N SER B 54 11.19 19.40 -9.62
CA SER B 54 10.00 18.61 -9.93
C SER B 54 10.05 17.25 -9.25
N ILE B 55 11.23 16.66 -9.22
CA ILE B 55 11.42 15.37 -8.58
C ILE B 55 11.21 15.50 -7.09
N ILE B 56 11.80 16.54 -6.51
CA ILE B 56 11.62 16.81 -5.09
C ILE B 56 10.14 17.05 -4.80
N ASP B 57 9.49 17.79 -5.68
CA ASP B 57 8.09 18.17 -5.51
C ASP B 57 7.15 16.96 -5.53
N LYS B 58 7.50 15.95 -6.31
CA LYS B 58 6.65 14.76 -6.41
C LYS B 58 6.93 13.82 -5.25
N MET B 59 8.10 13.97 -4.63
CA MET B 59 8.45 13.16 -3.46
C MET B 59 8.04 13.86 -2.17
N ASN B 60 7.25 14.92 -2.30
CA ASN B 60 6.92 15.81 -1.18
C ASN B 60 5.74 15.32 -0.37
N THR B 61 5.51 14.01 -0.37
CA THR B 61 4.57 13.41 0.58
C THR B 61 5.30 12.35 1.38
N GLN B 62 4.67 11.89 2.47
CA GLN B 62 5.28 10.86 3.30
C GLN B 62 4.26 9.84 3.77
N PHE B 63 4.61 8.56 3.70
CA PHE B 63 3.84 7.55 4.41
C PHE B 63 4.26 7.56 5.87
N GLU B 64 3.32 7.83 6.76
CA GLU B 64 3.65 7.95 8.17
C GLU B 64 3.19 6.74 8.96
N ALA B 65 4.15 5.90 9.34
CA ALA B 65 3.91 4.79 10.25
C ALA B 65 3.60 5.35 11.63
N VAL B 66 2.87 4.58 12.43
CA VAL B 66 2.54 4.99 13.79
C VAL B 66 3.11 4.00 14.79
N GLY B 67 3.18 4.41 16.05
CA GLY B 67 3.73 3.56 17.08
C GLY B 67 2.68 2.87 17.90
N HIS B 68 1.50 2.66 17.31
CA HIS B 68 0.41 1.95 17.99
C HIS B 68 0.85 0.56 18.38
N GLU B 69 0.29 0.07 19.48
CA GLU B 69 0.66 -1.24 20.01
C GLU B 69 -0.46 -2.25 19.85
N PHE B 70 -0.11 -3.52 19.94
CA PHE B 70 -1.08 -4.59 19.77
C PHE B 70 -0.86 -5.68 20.80
N SER B 71 -1.97 -6.26 21.27
CA SER B 71 -1.92 -7.32 22.27
C SER B 71 -1.50 -8.65 21.65
N ASN B 72 -1.33 -9.64 22.50
CA ASN B 72 -0.96 -10.98 22.06
C ASN B 72 -2.11 -11.70 21.36
N LEU B 73 -3.31 -11.12 21.42
CA LEU B 73 -4.44 -11.68 20.71
C LEU B 73 -4.78 -10.84 19.49
N GLU B 74 -3.84 -9.99 19.10
CA GLU B 74 -4.00 -9.15 17.93
C GLU B 74 -2.84 -9.37 16.98
N ARG B 75 -2.31 -10.59 16.96
CA ARG B 75 -1.17 -10.93 16.13
C ARG B 75 -1.43 -10.67 14.65
N ARG B 76 -2.65 -10.95 14.19
CA ARG B 76 -2.99 -10.82 12.77
C ARG B 76 -2.99 -9.36 12.30
N ILE B 77 -3.66 -8.49 13.05
CA ILE B 77 -3.72 -7.09 12.64
C ILE B 77 -2.39 -6.38 12.91
N ASP B 78 -1.63 -6.91 13.86
CA ASP B 78 -0.29 -6.43 14.12
C ASP B 78 0.55 -6.66 12.87
N ASN B 79 0.52 -7.90 12.38
CA ASN B 79 1.27 -8.27 11.20
C ASN B 79 0.72 -7.59 9.95
N LEU B 80 -0.58 -7.36 9.94
CA LEU B 80 -1.24 -6.66 8.85
C LEU B 80 -0.66 -5.26 8.74
N ASN B 81 -0.54 -4.60 9.89
CA ASN B 81 0.01 -3.26 9.93
C ASN B 81 1.48 -3.24 9.50
N LYS B 82 2.21 -4.29 9.88
CA LYS B 82 3.62 -4.38 9.55
C LYS B 82 3.84 -4.59 8.07
N ARG B 83 3.07 -5.49 7.47
CA ARG B 83 3.20 -5.78 6.05
C ARG B 83 2.79 -4.58 5.21
N MET B 84 1.89 -3.75 5.75
CA MET B 84 1.50 -2.53 5.05
C MET B 84 2.62 -1.52 5.08
N GLU B 85 3.15 -1.28 6.27
CA GLU B 85 4.22 -0.31 6.46
C GLU B 85 5.49 -0.71 5.71
N ASP B 86 5.86 -1.99 5.81
CA ASP B 86 6.98 -2.51 5.03
C ASP B 86 6.67 -2.46 3.55
N GLY B 87 5.38 -2.63 3.22
CA GLY B 87 4.94 -2.63 1.85
C GLY B 87 5.16 -1.30 1.16
N PHE B 88 4.75 -0.22 1.81
CA PHE B 88 4.92 1.10 1.25
C PHE B 88 6.39 1.53 1.30
N LEU B 89 7.11 1.03 2.29
CA LEU B 89 8.53 1.32 2.40
C LEU B 89 9.27 0.76 1.20
N ASP B 90 8.94 -0.47 0.83
CA ASP B 90 9.60 -1.12 -0.29
C ASP B 90 9.21 -0.48 -1.62
N VAL B 91 8.01 0.09 -1.69
CA VAL B 91 7.54 0.74 -2.90
C VAL B 91 8.27 2.06 -3.11
N TRP B 92 8.35 2.86 -2.05
CA TRP B 92 8.99 4.17 -2.17
C TRP B 92 10.50 4.05 -2.31
N THR B 93 11.09 3.04 -1.69
CA THR B 93 12.51 2.78 -1.86
C THR B 93 12.78 2.41 -3.32
N TYR B 94 11.90 1.58 -3.87
CA TYR B 94 11.98 1.19 -5.28
C TYR B 94 11.87 2.41 -6.17
N ASN B 95 10.86 3.24 -5.90
CA ASN B 95 10.61 4.43 -6.70
C ASN B 95 11.78 5.39 -6.72
N ALA B 96 12.32 5.69 -5.53
CA ALA B 96 13.41 6.65 -5.40
C ALA B 96 14.69 6.14 -6.04
N GLU B 97 15.06 4.91 -5.72
CA GLU B 97 16.32 4.35 -6.19
C GLU B 97 16.33 4.15 -7.70
N LEU B 98 15.21 3.69 -8.25
CA LEU B 98 15.12 3.49 -9.69
C LEU B 98 15.06 4.81 -10.45
N LEU B 99 14.36 5.79 -9.87
CA LEU B 99 14.23 7.08 -10.52
C LEU B 99 15.61 7.71 -10.67
N VAL B 100 16.44 7.55 -9.64
CA VAL B 100 17.79 8.11 -9.66
C VAL B 100 18.63 7.47 -10.78
N LEU B 101 18.55 6.14 -10.91
CA LEU B 101 19.29 5.44 -11.95
C LEU B 101 18.90 5.90 -13.35
N LEU B 102 17.61 5.91 -13.62
CA LEU B 102 17.09 6.24 -14.94
C LEU B 102 17.33 7.69 -15.30
N GLU B 103 17.09 8.59 -14.36
CA GLU B 103 17.19 10.01 -14.66
C GLU B 103 18.62 10.53 -14.68
N ASN B 104 19.52 9.88 -13.96
CA ASN B 104 20.93 10.24 -14.04
C ASN B 104 21.44 9.98 -15.45
N GLU B 105 20.96 8.88 -16.03
CA GLU B 105 21.28 8.54 -17.41
C GLU B 105 20.78 9.64 -18.35
N ARG B 106 19.55 10.08 -18.11
CA ARG B 106 18.95 11.14 -18.92
C ARG B 106 19.70 12.46 -18.77
N THR B 107 20.08 12.79 -17.54
CA THR B 107 20.78 14.04 -17.26
C THR B 107 22.12 14.10 -17.99
N LEU B 108 22.87 13.01 -17.93
CA LEU B 108 24.17 12.94 -18.60
C LEU B 108 24.00 13.00 -20.12
N ASP B 109 22.97 12.32 -20.63
CA ASP B 109 22.67 12.33 -22.07
C ASP B 109 22.22 13.71 -22.52
N LEU B 110 21.52 14.41 -21.63
CA LEU B 110 21.03 15.74 -21.93
C LEU B 110 22.21 16.68 -22.24
N HIS B 111 23.25 16.58 -21.42
CA HIS B 111 24.46 17.35 -21.63
C HIS B 111 25.13 16.96 -22.94
N ASP B 112 25.15 15.66 -23.18
CA ASP B 112 25.75 15.12 -24.39
C ASP B 112 25.05 15.71 -25.61
N ALA B 113 23.73 15.77 -25.57
CA ALA B 113 22.96 16.33 -26.68
C ALA B 113 23.23 17.82 -26.81
N ASN B 114 23.36 18.50 -25.69
CA ASN B 114 23.65 19.93 -25.69
C ASN B 114 25.01 20.24 -26.31
N VAL B 115 26.00 19.40 -26.03
CA VAL B 115 27.31 19.57 -26.62
C VAL B 115 27.27 19.30 -28.12
N LYS B 116 26.59 18.23 -28.53
CA LYS B 116 26.47 17.90 -29.95
C LYS B 116 25.76 19.02 -30.73
N ASN B 117 24.64 19.49 -30.20
CA ASN B 117 23.87 20.54 -30.86
C ASN B 117 24.67 21.83 -30.97
N LEU B 118 25.45 22.14 -29.94
CA LEU B 118 26.29 23.33 -29.95
C LEU B 118 27.36 23.24 -31.03
N HIS B 119 27.93 22.05 -31.18
CA HIS B 119 28.96 21.79 -32.18
C HIS B 119 28.37 21.88 -33.58
N GLU B 120 27.19 21.31 -33.74
CA GLU B 120 26.48 21.32 -35.02
C GLU B 120 26.03 22.73 -35.38
N LYS B 121 25.68 23.51 -34.37
CA LYS B 121 25.27 24.88 -34.57
C LYS B 121 26.42 25.66 -35.19
N VAL B 122 27.63 25.39 -34.71
CA VAL B 122 28.83 26.02 -35.26
C VAL B 122 29.18 25.46 -36.65
N ARG B 123 29.21 24.13 -36.76
CA ARG B 123 29.54 23.47 -38.01
C ARG B 123 28.60 23.88 -39.13
N SER B 124 27.34 24.09 -38.80
CA SER B 124 26.36 24.53 -39.77
C SER B 124 26.69 25.93 -40.29
N GLN B 125 27.23 26.76 -39.42
CA GLN B 125 27.56 28.14 -39.77
C GLN B 125 28.77 28.26 -40.68
N LEU B 126 29.88 27.65 -40.26
CA LEU B 126 31.15 27.83 -40.94
C LEU B 126 31.18 27.19 -42.34
N ARG B 127 30.46 26.09 -42.50
CA ARG B 127 30.40 25.39 -43.78
C ARG B 127 31.80 25.08 -44.31
N ASP B 128 32.10 25.52 -45.54
CA ASP B 128 33.39 25.24 -46.15
C ASP B 128 34.40 26.37 -45.94
N ASN B 129 34.04 27.36 -45.15
CA ASN B 129 34.96 28.42 -44.77
C ASN B 129 35.93 27.95 -43.69
N ALA B 130 35.66 26.77 -43.15
CA ALA B 130 36.50 26.21 -42.10
C ALA B 130 36.75 24.73 -42.31
N ASN B 131 37.82 24.24 -41.70
CA ASN B 131 38.22 22.85 -41.84
C ASN B 131 37.87 22.04 -40.60
N ASP B 132 36.92 21.11 -40.74
CA ASP B 132 36.46 20.32 -39.60
C ASP B 132 37.47 19.24 -39.25
N LEU B 133 38.12 19.40 -38.10
CA LEU B 133 39.15 18.47 -37.67
C LEU B 133 38.54 17.19 -37.09
N GLY B 134 37.23 17.21 -36.86
CA GLY B 134 36.51 16.04 -36.40
C GLY B 134 36.55 15.82 -34.90
N ASN B 135 37.31 16.66 -34.20
CA ASN B 135 37.47 16.52 -32.75
C ASN B 135 36.82 17.66 -31.96
N GLY B 136 35.94 18.40 -32.63
CA GLY B 136 35.28 19.54 -32.01
C GLY B 136 35.93 20.85 -32.37
N CYS B 137 37.04 20.78 -33.11
CA CYS B 137 37.76 21.99 -33.50
C CYS B 137 37.56 22.33 -34.98
N PHE B 138 37.68 23.62 -35.28
CA PHE B 138 37.59 24.11 -36.66
C PHE B 138 38.73 25.07 -36.99
N GLU B 139 39.55 24.71 -37.97
CA GLU B 139 40.60 25.62 -38.46
C GLU B 139 40.03 26.51 -39.58
N PHE B 140 40.14 27.83 -39.42
CA PHE B 140 39.60 28.76 -40.40
C PHE B 140 40.46 28.88 -41.67
N TRP B 141 39.81 28.98 -42.82
CA TRP B 141 40.50 29.23 -44.09
C TRP B 141 40.70 30.71 -44.33
N HIS B 142 40.45 31.50 -43.28
CA HIS B 142 40.65 32.93 -43.38
C HIS B 142 41.06 33.46 -42.01
N LYS B 143 41.47 34.72 -41.95
CA LYS B 143 41.78 35.31 -40.66
C LYS B 143 40.48 35.60 -39.94
N CYS B 144 40.41 35.18 -38.69
CA CYS B 144 39.22 35.34 -37.90
C CYS B 144 39.55 36.07 -36.61
N ASN B 145 39.31 37.37 -36.60
CA ASN B 145 39.64 38.19 -35.45
C ASN B 145 38.70 37.93 -34.28
N ASN B 146 38.90 38.65 -33.19
CA ASN B 146 38.05 38.50 -32.00
C ASN B 146 36.58 38.72 -32.30
N GLU B 147 36.29 39.70 -33.15
CA GLU B 147 34.90 39.98 -33.53
C GLU B 147 34.34 38.85 -34.39
N CYS B 148 35.18 38.29 -35.26
CA CYS B 148 34.76 37.15 -36.07
C CYS B 148 34.44 35.97 -35.17
N MET B 149 35.35 35.67 -34.24
CA MET B 149 35.15 34.60 -33.28
C MET B 149 33.86 34.85 -32.51
N GLU B 150 33.67 36.11 -32.11
CA GLU B 150 32.52 36.52 -31.33
C GLU B 150 31.20 36.25 -32.07
N SER B 151 31.21 36.43 -33.38
CA SER B 151 30.04 36.22 -34.22
C SER B 151 29.64 34.75 -34.27
N VAL B 152 30.63 33.88 -34.19
CA VAL B 152 30.39 32.44 -34.20
C VAL B 152 29.64 32.03 -32.95
N LYS B 153 30.07 32.58 -31.82
CA LYS B 153 29.42 32.32 -30.54
C LYS B 153 28.01 32.90 -30.54
N ASN B 154 27.85 34.06 -31.17
CA ASN B 154 26.55 34.71 -31.27
C ASN B 154 25.60 33.95 -32.20
N GLY B 155 26.16 33.12 -33.08
CA GLY B 155 25.36 32.41 -34.06
C GLY B 155 24.97 33.27 -35.24
N THR B 156 25.74 34.34 -35.45
CA THR B 156 25.47 35.27 -36.55
C THR B 156 26.65 35.38 -37.51
N TYR B 157 27.40 34.29 -37.63
CA TYR B 157 28.57 34.23 -38.50
C TYR B 157 28.20 34.56 -39.95
N ASP B 158 28.95 35.50 -40.52
CA ASP B 158 28.69 35.95 -41.89
C ASP B 158 29.47 35.08 -42.88
N TYR B 159 28.79 34.09 -43.44
CA TYR B 159 29.45 33.14 -44.35
C TYR B 159 29.90 33.79 -45.67
N PRO B 160 28.98 34.43 -46.42
CA PRO B 160 29.46 34.96 -47.70
C PRO B 160 30.48 36.10 -47.61
N LYS B 161 30.59 36.75 -46.46
CA LYS B 161 31.58 37.81 -46.27
C LYS B 161 33.00 37.27 -46.42
N TYR B 162 33.28 36.10 -45.84
CA TYR B 162 34.61 35.50 -45.88
C TYR B 162 34.70 34.41 -46.96
N GLN B 163 33.62 34.24 -47.71
CA GLN B 163 33.51 33.17 -48.68
C GLN B 163 34.60 33.25 -49.74
N LYS B 164 34.81 34.45 -50.28
CA LYS B 164 35.78 34.63 -51.36
C LYS B 164 37.18 34.26 -50.87
N GLU B 165 37.58 34.87 -49.77
CA GLU B 165 38.90 34.68 -49.18
C GLU B 165 39.20 33.23 -48.83
N SER B 166 38.21 32.52 -48.31
CA SER B 166 38.39 31.13 -47.91
C SER B 166 38.66 30.24 -49.12
N ARG B 167 37.79 30.37 -50.13
CA ARG B 167 37.93 29.60 -51.36
C ARG B 167 39.20 29.93 -52.11
N LEU B 168 39.61 31.19 -52.03
CA LEU B 168 40.83 31.67 -52.67
C LEU B 168 42.06 31.33 -51.85
N ASN B 169 41.98 30.23 -51.11
CA ASN B 169 43.15 29.70 -50.42
C ASN B 169 43.34 28.23 -50.77
N ARG B 170 43.38 27.96 -52.07
CA ARG B 170 43.69 26.63 -52.58
C ARG B 170 45.15 26.53 -52.98
N GLN B 171 45.90 25.69 -52.27
CA GLN B 171 47.31 25.48 -52.56
C GLN B 171 47.48 24.35 -53.59
N ASP C 1 14.69 28.31 -56.75
CA ASP C 1 14.14 26.99 -56.43
C ASP C 1 14.70 26.44 -55.13
N LYS C 2 13.82 26.14 -54.18
CA LYS C 2 14.25 25.60 -52.89
C LYS C 2 13.18 24.74 -52.22
N ILE C 3 13.62 23.89 -51.30
CA ILE C 3 12.69 23.08 -50.52
C ILE C 3 13.10 23.14 -49.04
N CYS C 4 12.10 23.24 -48.17
CA CYS C 4 12.34 23.32 -46.73
C CYS C 4 11.63 22.18 -46.01
N ILE C 5 12.24 21.73 -44.92
CA ILE C 5 11.63 20.75 -44.05
C ILE C 5 11.19 21.48 -42.79
N GLY C 6 9.97 21.22 -42.35
CA GLY C 6 9.45 21.91 -41.19
C GLY C 6 8.39 21.11 -40.46
N TYR C 7 7.76 21.75 -39.48
CA TYR C 7 6.83 21.05 -38.62
C TYR C 7 5.56 21.86 -38.36
N HIS C 8 4.51 21.16 -37.95
CA HIS C 8 3.20 21.75 -37.78
C HIS C 8 3.15 22.80 -36.67
N ALA C 9 2.28 23.79 -36.86
CA ALA C 9 1.96 24.75 -35.81
C ALA C 9 0.49 25.14 -35.96
N ASN C 10 -0.17 25.51 -34.88
CA ASN C 10 -1.58 25.90 -34.99
C ASN C 10 -1.94 26.98 -33.98
N ASN C 11 -3.23 27.17 -33.76
CA ASN C 11 -3.68 28.24 -32.88
C ASN C 11 -3.93 27.77 -31.44
N SER C 12 -3.43 26.58 -31.12
CA SER C 12 -3.53 26.01 -29.77
C SER C 12 -2.83 26.84 -28.71
N THR C 13 -3.48 27.02 -27.57
CA THR C 13 -2.86 27.69 -26.42
C THR C 13 -2.83 26.78 -25.19
N THR C 14 -3.19 25.51 -25.41
CA THR C 14 -3.17 24.52 -24.34
C THR C 14 -1.75 24.15 -23.97
N LYS C 15 -1.46 24.13 -22.68
CA LYS C 15 -0.11 23.87 -22.20
C LYS C 15 -0.01 22.55 -21.44
N VAL C 16 1.19 21.97 -21.45
CA VAL C 16 1.50 20.80 -20.63
C VAL C 16 2.78 21.08 -19.86
N ASP C 17 3.06 20.25 -18.87
CA ASP C 17 4.30 20.35 -18.11
C ASP C 17 5.24 19.21 -18.46
N THR C 18 6.53 19.54 -18.57
CA THR C 18 7.54 18.53 -18.78
C THR C 18 8.50 18.54 -17.61
N ILE C 19 9.39 17.56 -17.57
CA ILE C 19 10.33 17.46 -16.46
C ILE C 19 11.34 18.61 -16.52
N LEU C 20 11.60 19.13 -17.72
CA LEU C 20 12.59 20.19 -17.89
C LEU C 20 11.98 21.59 -17.94
N GLU C 21 10.72 21.68 -18.32
CA GLU C 21 10.10 22.97 -18.52
C GLU C 21 8.59 22.92 -18.25
N LYS C 22 8.08 23.93 -17.55
CA LYS C 22 6.66 24.00 -17.23
C LYS C 22 5.92 24.93 -18.19
N ASN C 23 4.59 24.83 -18.20
CA ASN C 23 3.75 25.62 -19.09
C ASN C 23 4.22 25.60 -20.54
N VAL C 24 4.34 24.41 -21.11
CA VAL C 24 4.83 24.29 -22.49
C VAL C 24 3.66 24.15 -23.44
N THR C 25 3.51 25.12 -24.33
CA THR C 25 2.43 25.10 -25.31
C THR C 25 2.64 24.01 -26.34
N VAL C 26 1.62 23.21 -26.58
CA VAL C 26 1.71 22.13 -27.54
C VAL C 26 0.55 22.19 -28.53
N THR C 27 0.74 21.58 -29.69
CA THR C 27 -0.26 21.63 -30.75
C THR C 27 -1.42 20.71 -30.45
N HIS C 28 -1.12 19.56 -29.85
CA HIS C 28 -2.14 18.57 -29.53
C HIS C 28 -1.83 17.88 -28.22
N SER C 29 -2.88 17.66 -27.43
CA SER C 29 -2.74 17.02 -26.13
C SER C 29 -4.05 16.38 -25.71
N VAL C 30 -4.00 15.51 -24.70
CA VAL C 30 -5.20 14.88 -24.18
C VAL C 30 -5.20 14.91 -22.64
N GLU C 31 -6.32 15.37 -22.07
CA GLU C 31 -6.50 15.42 -20.62
C GLU C 31 -6.96 14.06 -20.10
N LEU C 32 -6.27 13.54 -19.09
CA LEU C 32 -6.58 12.22 -18.54
C LEU C 32 -7.41 12.31 -17.26
N LEU C 33 -7.48 13.49 -16.66
CA LEU C 33 -8.15 13.66 -15.39
C LEU C 33 -9.48 14.39 -15.52
N GLU C 34 -10.50 13.88 -14.83
CA GLU C 34 -11.83 14.45 -14.82
C GLU C 34 -12.15 15.14 -13.49
N ASN C 35 -12.65 16.37 -13.53
CA ASN C 35 -12.95 17.07 -12.29
C ASN C 35 -14.41 17.51 -12.20
N GLN C 36 -15.24 17.05 -13.14
CA GLN C 36 -16.65 17.44 -13.19
C GLN C 36 -17.54 16.37 -12.58
N LYS C 37 -18.58 16.82 -11.87
CA LYS C 37 -19.51 15.92 -11.22
C LYS C 37 -20.91 16.49 -11.27
N GLU C 38 -21.91 15.61 -11.31
CA GLU C 38 -23.28 16.00 -11.07
C GLU C 38 -23.63 15.75 -9.61
N GLU C 39 -23.81 16.81 -8.84
CA GLU C 39 -24.06 16.67 -7.40
C GLU C 39 -25.44 16.08 -7.11
N ARG C 40 -25.57 14.77 -7.33
CA ARG C 40 -26.82 14.06 -7.13
C ARG C 40 -26.59 12.56 -7.20
N PHE C 41 -27.59 11.79 -6.79
CA PHE C 41 -27.50 10.34 -6.86
C PHE C 41 -28.36 9.82 -8.01
N CYS C 42 -27.81 8.89 -8.77
CA CYS C 42 -28.56 8.30 -9.87
C CYS C 42 -28.65 6.79 -9.68
N LYS C 43 -29.25 6.11 -10.65
CA LYS C 43 -29.43 4.67 -10.57
C LYS C 43 -28.22 3.95 -11.13
N ILE C 44 -27.85 2.85 -10.50
CA ILE C 44 -26.79 1.98 -11.00
C ILE C 44 -27.37 0.66 -11.53
N SER C 45 -27.08 0.34 -12.79
CA SER C 45 -27.57 -0.89 -13.42
C SER C 45 -29.11 -0.97 -13.43
N ASN C 46 -29.74 0.16 -13.75
CA ASN C 46 -31.20 0.27 -13.81
C ASN C 46 -31.87 -0.05 -12.47
N LYS C 47 -31.13 0.11 -11.37
CA LYS C 47 -31.65 -0.12 -10.03
C LYS C 47 -31.48 1.09 -9.11
N ALA C 48 -32.58 1.55 -8.55
CA ALA C 48 -32.57 2.74 -7.71
C ALA C 48 -31.91 2.49 -6.36
N PRO C 49 -31.28 3.52 -5.80
CA PRO C 49 -30.71 3.39 -4.46
C PRO C 49 -31.77 3.48 -3.37
N LEU C 50 -31.44 2.99 -2.17
CA LEU C 50 -32.34 3.07 -1.04
C LEU C 50 -32.05 4.31 -0.22
N ASP C 51 -33.00 5.23 -0.17
CA ASP C 51 -32.86 6.41 0.68
C ASP C 51 -33.47 6.11 2.05
N LEU C 52 -32.66 6.23 3.09
CA LEU C 52 -33.10 5.94 4.44
C LEU C 52 -33.85 7.12 5.05
N ARG C 53 -33.81 8.25 4.37
CA ARG C 53 -34.55 9.46 4.76
C ARG C 53 -34.26 9.89 6.19
N ASP C 54 -35.32 9.99 6.99
CA ASP C 54 -35.19 10.49 8.36
C ASP C 54 -34.92 9.36 9.36
N CYS C 55 -34.46 8.22 8.83
CA CYS C 55 -34.13 7.06 9.64
C CYS C 55 -32.67 6.67 9.48
N THR C 56 -32.02 6.30 10.58
CA THR C 56 -30.67 5.76 10.52
C THR C 56 -30.75 4.32 10.04
N LEU C 57 -29.60 3.68 9.83
CA LEU C 57 -29.63 2.34 9.25
C LEU C 57 -30.08 1.30 10.28
N GLU C 58 -29.77 1.52 11.55
CA GLU C 58 -30.26 0.62 12.59
C GLU C 58 -31.77 0.78 12.76
N GLY C 59 -32.24 2.02 12.67
CA GLY C 59 -33.66 2.31 12.81
C GLY C 59 -34.49 1.65 11.74
N TRP C 60 -33.94 1.58 10.54
CA TRP C 60 -34.63 0.91 9.45
C TRP C 60 -34.70 -0.59 9.69
N ILE C 61 -33.57 -1.21 10.01
CA ILE C 61 -33.49 -2.66 10.03
C ILE C 61 -34.11 -3.24 11.30
N LEU C 62 -34.20 -2.43 12.35
CA LEU C 62 -34.86 -2.86 13.57
C LEU C 62 -36.37 -2.55 13.51
N GLY C 63 -36.73 -1.66 12.60
CA GLY C 63 -38.13 -1.30 12.43
C GLY C 63 -38.62 -0.25 13.42
N ASN C 64 -37.82 0.79 13.63
CA ASN C 64 -38.26 1.92 14.43
C ASN C 64 -39.62 2.39 13.93
N PRO C 65 -40.58 2.52 14.85
CA PRO C 65 -41.99 2.76 14.50
C PRO C 65 -42.21 4.00 13.62
N ARG C 66 -41.27 4.94 13.63
CA ARG C 66 -41.38 6.13 12.79
C ARG C 66 -40.77 5.93 11.41
N CYS C 67 -40.31 4.72 11.13
CA CYS C 67 -39.69 4.39 9.85
C CYS C 67 -40.61 3.54 8.99
N GLY C 68 -41.91 3.70 9.19
CA GLY C 68 -42.91 2.92 8.48
C GLY C 68 -42.76 2.95 6.98
N ILE C 69 -42.26 4.08 6.48
CA ILE C 69 -42.08 4.32 5.06
C ILE C 69 -41.13 3.28 4.43
N LEU C 70 -40.24 2.73 5.26
CA LEU C 70 -39.24 1.76 4.82
C LEU C 70 -39.65 0.34 5.18
N LEU C 71 -40.81 0.19 5.81
CA LEU C 71 -41.21 -1.10 6.37
C LEU C 71 -41.69 -2.03 5.27
N ALA C 72 -40.72 -2.67 4.61
CA ALA C 72 -40.99 -3.55 3.48
C ALA C 72 -39.74 -4.30 3.04
N ASP C 73 -39.87 -5.06 1.97
CA ASP C 73 -38.72 -5.62 1.28
C ASP C 73 -37.93 -4.46 0.68
N GLN C 74 -36.61 -4.58 0.64
CA GLN C 74 -35.82 -3.52 0.04
C GLN C 74 -34.80 -4.08 -0.93
N SER C 75 -34.71 -3.46 -2.11
CA SER C 75 -33.71 -3.78 -3.12
C SER C 75 -33.02 -2.51 -3.54
N TRP C 76 -31.71 -2.49 -3.38
CA TRP C 76 -30.96 -1.28 -3.67
C TRP C 76 -29.73 -1.57 -4.52
N SER C 77 -29.32 -0.59 -5.31
CA SER C 77 -28.04 -0.64 -5.99
C SER C 77 -26.98 -0.19 -4.99
N TYR C 78 -27.33 0.78 -4.17
CA TYR C 78 -26.53 1.22 -3.05
C TYR C 78 -27.44 1.92 -2.06
N ILE C 79 -26.90 2.31 -0.91
CA ILE C 79 -27.72 2.91 0.15
C ILE C 79 -27.30 4.33 0.43
N VAL C 80 -28.27 5.22 0.57
CA VAL C 80 -27.99 6.59 0.93
C VAL C 80 -28.51 6.83 2.34
N GLU C 81 -27.59 7.13 3.25
CA GLU C 81 -27.97 7.42 4.61
C GLU C 81 -27.80 8.92 4.85
N ARG C 82 -28.78 9.54 5.46
CA ARG C 82 -28.75 10.98 5.71
C ARG C 82 -28.08 11.30 7.04
N PRO C 83 -27.21 12.31 7.02
CA PRO C 83 -26.38 12.77 8.14
C PRO C 83 -27.12 12.93 9.46
N ASN C 84 -28.25 13.63 9.45
CA ASN C 84 -28.93 13.95 10.70
C ASN C 84 -30.29 13.27 10.85
N ALA C 85 -30.36 12.00 10.47
CA ALA C 85 -31.56 11.19 10.66
C ALA C 85 -31.93 11.09 12.14
N ARG C 86 -33.18 11.41 12.47
CA ARG C 86 -33.65 11.42 13.85
C ARG C 86 -33.97 10.03 14.39
N ASN C 87 -34.45 9.15 13.51
CA ASN C 87 -35.00 7.85 13.93
C ASN C 87 -34.04 6.68 13.85
N GLY C 88 -33.46 6.32 14.99
CA GLY C 88 -32.55 5.18 15.06
C GLY C 88 -32.97 4.19 16.14
N ILE C 89 -32.04 3.90 17.05
CA ILE C 89 -32.35 3.07 18.20
C ILE C 89 -33.04 3.95 19.26
N CYS C 90 -34.36 3.91 19.28
CA CYS C 90 -35.13 4.82 20.12
C CYS C 90 -35.07 4.47 21.60
N TYR C 91 -35.16 3.18 21.93
CA TYR C 91 -35.04 2.74 23.31
C TYR C 91 -33.56 2.50 23.65
N PRO C 92 -33.04 3.19 24.68
CA PRO C 92 -31.61 3.23 25.00
C PRO C 92 -30.99 1.86 25.27
N GLY C 93 -29.79 1.65 24.76
CA GLY C 93 -29.08 0.39 24.89
C GLY C 93 -28.12 0.23 23.73
N THR C 94 -27.23 -0.76 23.82
CA THR C 94 -26.21 -0.95 22.78
C THR C 94 -26.53 -2.12 21.84
N LEU C 95 -26.42 -1.87 20.55
CA LEU C 95 -26.49 -2.95 19.56
C LEU C 95 -25.12 -3.59 19.41
N ASN C 96 -25.04 -4.86 19.78
CA ASN C 96 -23.78 -5.58 19.74
C ASN C 96 -23.26 -5.81 18.31
N GLU C 97 -21.98 -5.54 18.10
CA GLU C 97 -21.35 -5.62 16.78
C GLU C 97 -22.07 -4.79 15.74
N ALA C 98 -22.32 -3.53 16.08
CA ALA C 98 -23.05 -2.63 15.19
C ALA C 98 -22.32 -2.40 13.87
N GLU C 99 -21.01 -2.20 13.94
CA GLU C 99 -20.22 -1.85 12.76
C GLU C 99 -20.12 -3.01 11.77
N GLU C 100 -20.01 -4.23 12.29
CA GLU C 100 -19.99 -5.42 11.44
C GLU C 100 -21.34 -5.61 10.77
N LEU C 101 -22.39 -5.19 11.47
CA LEU C 101 -23.73 -5.28 10.92
C LEU C 101 -23.89 -4.36 9.72
N LYS C 102 -23.43 -3.12 9.86
CA LYS C 102 -23.53 -2.17 8.76
C LYS C 102 -22.70 -2.66 7.58
N ALA C 103 -21.56 -3.28 7.87
CA ALA C 103 -20.68 -3.78 6.82
C ALA C 103 -21.34 -4.92 6.07
N LEU C 104 -22.06 -5.76 6.80
CA LEU C 104 -22.76 -6.89 6.21
C LEU C 104 -23.89 -6.44 5.29
N ILE C 105 -24.72 -5.53 5.79
CA ILE C 105 -25.85 -5.00 5.02
C ILE C 105 -25.36 -4.22 3.80
N GLY C 106 -24.27 -3.48 3.99
CA GLY C 106 -23.64 -2.75 2.90
C GLY C 106 -23.16 -3.68 1.79
N SER C 107 -22.84 -4.91 2.16
CA SER C 107 -22.44 -5.92 1.17
C SER C 107 -23.66 -6.65 0.61
N GLY C 108 -24.83 -6.12 0.93
CA GLY C 108 -26.07 -6.75 0.54
C GLY C 108 -26.68 -6.15 -0.70
N GLU C 109 -27.58 -6.92 -1.30
CA GLU C 109 -28.24 -6.54 -2.53
C GLU C 109 -29.75 -6.46 -2.36
N ARG C 110 -30.29 -7.35 -1.55
CA ARG C 110 -31.73 -7.42 -1.31
C ARG C 110 -32.05 -8.06 0.03
N VAL C 111 -33.05 -7.55 0.72
CA VAL C 111 -33.58 -8.22 1.91
C VAL C 111 -35.08 -8.44 1.74
N GLU C 112 -35.55 -9.59 2.21
CA GLU C 112 -36.96 -9.90 2.17
C GLU C 112 -37.51 -10.01 3.57
N ARG C 113 -38.40 -9.10 3.92
CA ARG C 113 -38.94 -9.08 5.26
C ARG C 113 -40.03 -10.13 5.40
N PHE C 114 -39.94 -10.91 6.48
CA PHE C 114 -40.93 -11.94 6.74
C PHE C 114 -41.12 -12.12 8.24
N GLU C 115 -42.21 -12.79 8.60
CA GLU C 115 -42.52 -13.05 10.00
C GLU C 115 -41.87 -14.34 10.46
N MET C 116 -40.86 -14.21 11.31
CA MET C 116 -40.11 -15.37 11.80
C MET C 116 -40.87 -16.09 12.91
N PHE C 117 -41.12 -15.40 14.01
CA PHE C 117 -41.92 -15.97 15.09
C PHE C 117 -43.21 -15.18 15.26
N PRO C 118 -44.33 -15.75 14.83
CA PRO C 118 -45.63 -15.10 15.05
C PRO C 118 -45.95 -15.05 16.54
N LYS C 119 -46.81 -14.13 16.95
CA LYS C 119 -47.13 -13.95 18.37
C LYS C 119 -47.66 -15.24 19.03
N SER C 120 -48.19 -16.15 18.22
CA SER C 120 -48.75 -17.39 18.74
C SER C 120 -47.66 -18.36 19.20
N THR C 121 -46.42 -18.07 18.81
CA THR C 121 -45.28 -18.89 19.23
C THR C 121 -45.17 -18.91 20.74
N TRP C 122 -45.42 -17.75 21.33
CA TRP C 122 -45.24 -17.55 22.76
C TRP C 122 -46.58 -17.65 23.49
N THR C 123 -46.74 -18.70 24.29
CA THR C 123 -48.01 -18.96 24.97
C THR C 123 -47.97 -18.77 26.47
N GLY C 124 -49.06 -18.22 27.01
CA GLY C 124 -49.17 -18.00 28.44
C GLY C 124 -48.74 -16.60 28.79
N VAL C 125 -48.52 -15.77 27.76
CA VAL C 125 -47.91 -14.45 28.02
C VAL C 125 -48.62 -13.28 27.34
N ASN C 126 -48.24 -12.05 27.70
CA ASN C 126 -48.81 -10.84 27.10
C ASN C 126 -47.95 -10.29 25.95
N THR C 127 -48.39 -10.54 24.71
CA THR C 127 -47.63 -10.12 23.52
C THR C 127 -48.00 -8.70 23.11
N GLU C 128 -49.08 -8.17 23.71
CA GLU C 128 -49.43 -6.77 23.52
C GLU C 128 -48.74 -5.97 24.63
N SER C 129 -49.04 -4.68 24.69
CA SER C 129 -48.60 -3.81 25.79
C SER C 129 -47.08 -3.72 25.95
N GLY C 130 -46.35 -4.21 24.97
CA GLY C 130 -44.89 -4.11 24.98
C GLY C 130 -44.42 -2.86 24.25
N VAL C 131 -44.84 -1.70 24.75
CA VAL C 131 -44.52 -0.42 24.11
C VAL C 131 -43.87 0.53 25.10
N SER C 132 -43.30 1.61 24.60
CA SER C 132 -42.67 2.62 25.45
C SER C 132 -42.80 4.02 24.87
N SER C 133 -42.84 5.02 25.73
CA SER C 133 -42.89 6.41 25.30
C SER C 133 -41.57 6.81 24.64
N ALA C 134 -40.53 6.01 24.88
CA ALA C 134 -39.21 6.28 24.30
C ALA C 134 -39.20 5.99 22.80
N CYS C 135 -40.15 5.17 22.35
CA CYS C 135 -40.33 4.88 20.93
C CYS C 135 -41.71 5.33 20.49
N PRO C 136 -41.95 6.65 20.49
CA PRO C 136 -43.30 7.12 20.19
C PRO C 136 -43.62 7.06 18.70
N LEU C 137 -44.87 6.73 18.40
CA LEU C 137 -45.39 6.93 17.06
C LEU C 137 -46.56 7.90 17.21
N GLY C 138 -46.38 9.11 16.68
CA GLY C 138 -47.32 10.18 16.97
C GLY C 138 -47.12 10.58 18.43
N ASN C 139 -48.20 10.60 19.19
CA ASN C 139 -48.10 10.92 20.62
C ASN C 139 -48.00 9.67 21.48
N GLY C 140 -48.75 8.64 21.09
CA GLY C 140 -48.79 7.40 21.86
C GLY C 140 -47.51 6.60 21.80
N PRO C 141 -47.31 5.74 22.80
CA PRO C 141 -46.16 4.83 22.84
C PRO C 141 -46.21 3.74 21.77
N SER C 142 -45.05 3.20 21.42
CA SER C 142 -44.96 2.14 20.42
C SER C 142 -43.66 1.37 20.59
N PHE C 143 -43.28 0.60 19.57
CA PHE C 143 -42.05 -0.19 19.62
C PHE C 143 -41.58 -0.59 18.22
N TYR C 144 -40.39 -1.17 18.15
CA TYR C 144 -39.84 -1.65 16.88
C TYR C 144 -40.79 -2.66 16.24
N ARG C 145 -40.79 -2.70 14.92
CA ARG C 145 -41.70 -3.56 14.18
C ARG C 145 -41.13 -4.94 13.92
N ASN C 146 -39.83 -5.11 14.16
CA ASN C 146 -39.19 -6.40 13.92
C ASN C 146 -38.92 -7.13 15.24
N LEU C 147 -39.32 -6.51 16.34
CA LEU C 147 -39.10 -7.05 17.66
C LEU C 147 -40.39 -7.11 18.46
N LEU C 148 -40.50 -8.10 19.34
CA LEU C 148 -41.68 -8.25 20.19
C LEU C 148 -41.33 -8.17 21.68
N TRP C 149 -41.79 -7.12 22.34
CA TRP C 149 -41.51 -6.97 23.76
C TRP C 149 -42.54 -7.74 24.57
N ILE C 150 -42.11 -8.83 25.18
CA ILE C 150 -43.02 -9.71 25.88
C ILE C 150 -42.93 -9.49 27.39
N ILE C 151 -44.07 -9.13 27.98
CA ILE C 151 -44.16 -9.01 29.43
C ILE C 151 -45.19 -10.01 29.95
N LYS C 152 -45.10 -10.33 31.23
CA LYS C 152 -45.98 -11.31 31.83
C LYS C 152 -47.41 -10.80 31.90
N LEU C 153 -48.36 -11.73 32.03
CA LEU C 153 -49.75 -11.37 32.30
C LEU C 153 -49.82 -10.90 33.73
N LYS C 154 -50.75 -9.99 34.00
CA LYS C 154 -50.94 -9.42 35.34
C LYS C 154 -51.53 -10.48 36.24
N SER C 155 -52.39 -11.29 35.63
CA SER C 155 -53.09 -12.35 36.29
C SER C 155 -52.18 -13.49 36.65
N SER C 156 -51.18 -13.72 35.80
CA SER C 156 -50.29 -14.86 36.00
C SER C 156 -48.80 -14.62 36.10
N GLU C 157 -48.14 -15.77 36.17
CA GLU C 157 -46.73 -15.93 36.22
C GLU C 157 -46.26 -15.80 34.79
N TYR C 158 -44.96 -15.67 34.59
CA TYR C 158 -44.42 -15.69 33.24
C TYR C 158 -43.86 -17.09 33.01
N PRO C 159 -44.55 -17.90 32.20
CA PRO C 159 -44.13 -19.28 32.02
C PRO C 159 -42.92 -19.35 31.11
N VAL C 160 -42.31 -20.52 31.04
CA VAL C 160 -41.26 -20.74 30.07
C VAL C 160 -41.85 -20.75 28.66
N ILE C 161 -41.45 -19.81 27.81
CA ILE C 161 -41.94 -19.80 26.43
C ILE C 161 -40.86 -20.36 25.53
N ARG C 162 -41.28 -20.98 24.44
CA ARG C 162 -40.34 -21.61 23.53
C ARG C 162 -40.70 -21.31 22.08
N GLY C 163 -39.66 -21.24 21.25
CA GLY C 163 -39.83 -21.03 19.82
C GLY C 163 -38.77 -21.74 19.03
N THR C 164 -39.13 -22.18 17.83
CA THR C 164 -38.20 -22.90 16.97
C THR C 164 -38.39 -22.47 15.52
N PHE C 165 -37.28 -22.17 14.86
CA PHE C 165 -37.34 -21.89 13.43
C PHE C 165 -36.28 -22.69 12.68
N ASN C 166 -36.72 -23.54 11.77
CA ASN C 166 -35.81 -24.22 10.85
C ASN C 166 -35.67 -23.43 9.56
N ASN C 167 -34.45 -22.99 9.25
CA ASN C 167 -34.21 -22.30 7.98
C ASN C 167 -33.95 -23.31 6.88
N THR C 168 -35.01 -23.65 6.15
CA THR C 168 -34.96 -24.67 5.11
C THR C 168 -34.85 -24.02 3.74
N GLY C 169 -34.78 -22.71 3.73
CA GLY C 169 -34.61 -21.95 2.51
C GLY C 169 -33.15 -21.96 2.10
N ASP C 170 -32.84 -21.30 0.98
CA ASP C 170 -31.48 -21.28 0.48
C ASP C 170 -30.76 -20.00 0.87
N LYS C 171 -31.49 -19.04 1.43
CA LYS C 171 -30.90 -17.76 1.79
C LYS C 171 -30.63 -17.69 3.28
N SER C 172 -29.54 -17.03 3.65
CA SER C 172 -29.27 -16.82 5.07
C SER C 172 -30.30 -15.85 5.63
N ILE C 173 -30.54 -15.95 6.93
CA ILE C 173 -31.55 -15.14 7.57
C ILE C 173 -30.95 -14.20 8.60
N LEU C 174 -31.20 -12.92 8.41
CA LEU C 174 -30.77 -11.87 9.32
C LEU C 174 -31.87 -11.58 10.32
N TYR C 175 -31.64 -11.87 11.59
CA TYR C 175 -32.65 -11.67 12.61
C TYR C 175 -32.07 -10.93 13.80
N PHE C 176 -32.94 -10.32 14.61
CA PHE C 176 -32.53 -9.52 15.75
C PHE C 176 -33.29 -9.94 17.00
N TRP C 177 -32.67 -9.72 18.16
CA TRP C 177 -33.36 -9.93 19.43
C TRP C 177 -32.72 -9.04 20.48
N GLY C 178 -33.24 -9.10 21.70
CA GLY C 178 -32.72 -8.27 22.76
C GLY C 178 -32.94 -8.82 24.14
N VAL C 179 -32.24 -8.26 25.11
CA VAL C 179 -32.41 -8.59 26.51
C VAL C 179 -32.72 -7.30 27.28
N HIS C 180 -33.87 -7.26 27.94
CA HIS C 180 -34.28 -6.05 28.65
C HIS C 180 -33.73 -5.97 30.06
N HIS C 181 -33.15 -4.83 30.41
CA HIS C 181 -32.63 -4.64 31.76
C HIS C 181 -33.41 -3.53 32.47
N PRO C 182 -34.48 -3.90 33.19
CA PRO C 182 -35.22 -2.91 33.97
C PRO C 182 -34.33 -2.23 35.00
N PRO C 183 -34.61 -0.97 35.33
CA PRO C 183 -33.76 -0.19 36.23
C PRO C 183 -33.87 -0.60 37.71
N VAL C 184 -35.04 -1.06 38.14
CA VAL C 184 -35.25 -1.43 39.54
C VAL C 184 -35.99 -2.75 39.69
N THR C 185 -35.84 -3.37 40.85
CA THR C 185 -36.42 -4.67 41.14
C THR C 185 -37.94 -4.67 40.99
N THR C 186 -38.56 -3.52 41.27
CA THR C 186 -40.01 -3.36 41.10
C THR C 186 -40.46 -3.67 39.69
N GLU C 187 -39.81 -3.05 38.70
CA GLU C 187 -40.15 -3.29 37.29
C GLU C 187 -39.88 -4.73 36.87
N GLN C 188 -38.79 -5.31 37.37
CA GLN C 188 -38.44 -6.69 37.06
C GLN C 188 -39.50 -7.66 37.54
N ASN C 189 -39.91 -7.51 38.79
CA ASN C 189 -40.91 -8.41 39.36
C ASN C 189 -42.28 -8.20 38.72
N ALA C 190 -42.54 -6.97 38.31
CA ALA C 190 -43.84 -6.62 37.72
C ALA C 190 -43.97 -7.09 36.28
N LEU C 191 -42.87 -7.00 35.52
CA LEU C 191 -42.89 -7.30 34.10
C LEU C 191 -42.60 -8.78 33.81
N TYR C 192 -41.75 -9.38 34.63
CA TYR C 192 -41.31 -10.74 34.36
C TYR C 192 -41.45 -11.61 35.61
N GLY C 193 -41.01 -11.09 36.75
CA GLY C 193 -41.14 -11.79 38.00
C GLY C 193 -39.82 -11.94 38.73
N SER C 194 -39.89 -12.36 39.98
CA SER C 194 -38.70 -12.54 40.80
C SER C 194 -37.98 -13.85 40.45
N GLY C 195 -37.00 -14.22 41.27
CA GLY C 195 -36.21 -15.41 41.01
C GLY C 195 -35.28 -15.23 39.82
N ASP C 196 -34.56 -16.29 39.47
CA ASP C 196 -33.63 -16.22 38.35
C ASP C 196 -34.35 -16.27 37.01
N ARG C 197 -34.06 -15.29 36.16
CA ARG C 197 -34.62 -15.23 34.82
C ARG C 197 -33.52 -15.41 33.78
N TYR C 198 -33.91 -15.86 32.58
CA TYR C 198 -32.94 -16.15 31.53
C TYR C 198 -33.50 -15.93 30.12
N VAL C 199 -32.59 -15.63 29.21
CA VAL C 199 -32.90 -15.54 27.79
C VAL C 199 -31.97 -16.48 27.06
N ARG C 200 -32.53 -17.46 26.34
CA ARG C 200 -31.70 -18.50 25.73
C ARG C 200 -31.93 -18.61 24.23
N MET C 201 -30.87 -18.40 23.47
CA MET C 201 -30.92 -18.57 22.02
C MET C 201 -29.87 -19.61 21.66
N GLY C 202 -30.18 -20.49 20.71
CA GLY C 202 -29.21 -21.49 20.30
C GLY C 202 -29.42 -22.05 18.91
N THR C 203 -28.32 -22.16 18.16
CA THR C 203 -28.34 -22.82 16.86
C THR C 203 -27.23 -23.86 16.83
N GLU C 204 -26.98 -24.45 15.67
CA GLU C 204 -25.90 -25.42 15.52
C GLU C 204 -24.54 -24.78 15.77
N SER C 205 -24.44 -23.46 15.55
CA SER C 205 -23.15 -22.80 15.67
C SER C 205 -23.15 -21.65 16.69
N MET C 206 -24.31 -21.36 17.27
CA MET C 206 -24.38 -20.25 18.23
C MET C 206 -25.05 -20.68 19.53
N ASN C 207 -24.49 -20.22 20.65
CA ASN C 207 -25.04 -20.54 21.97
C ASN C 207 -25.11 -19.29 22.84
N PHE C 208 -26.33 -18.89 23.18
CA PHE C 208 -26.54 -17.62 23.84
C PHE C 208 -27.43 -17.81 25.06
N ALA C 209 -26.96 -17.31 26.20
CA ALA C 209 -27.75 -17.34 27.43
C ALA C 209 -27.34 -16.16 28.31
N ARG C 210 -28.34 -15.40 28.73
CA ARG C 210 -28.09 -14.24 29.57
C ARG C 210 -29.13 -14.10 30.67
N SER C 211 -28.78 -13.30 31.67
CA SER C 211 -29.69 -12.96 32.75
C SER C 211 -29.76 -11.43 32.80
N PRO C 212 -30.83 -10.89 33.40
CA PRO C 212 -30.97 -9.45 33.56
C PRO C 212 -29.95 -8.87 34.53
N GLU C 213 -29.37 -7.73 34.18
CA GLU C 213 -28.47 -7.00 35.08
C GLU C 213 -29.17 -5.71 35.51
N ILE C 214 -29.99 -5.81 36.55
CA ILE C 214 -30.82 -4.70 37.00
C ILE C 214 -29.97 -3.55 37.53
N ALA C 215 -30.11 -2.38 36.94
CA ALA C 215 -29.33 -1.23 37.38
C ALA C 215 -29.96 0.10 36.98
N ALA C 216 -29.78 1.09 37.86
CA ALA C 216 -30.24 2.44 37.60
C ALA C 216 -29.26 3.15 36.70
N ARG C 217 -29.75 3.60 35.56
CA ARG C 217 -28.93 4.21 34.54
C ARG C 217 -29.44 5.62 34.31
N PRO C 218 -28.59 6.51 33.77
CA PRO C 218 -29.10 7.85 33.46
C PRO C 218 -30.26 7.78 32.48
N ALA C 219 -31.17 8.73 32.58
CA ALA C 219 -32.37 8.71 31.77
C ALA C 219 -32.10 9.11 30.34
N VAL C 220 -32.55 8.24 29.43
CA VAL C 220 -32.56 8.55 28.01
C VAL C 220 -33.97 8.32 27.54
N ASN C 221 -34.57 9.37 26.97
CA ASN C 221 -35.97 9.32 26.56
C ASN C 221 -36.86 8.85 27.70
N GLY C 222 -36.58 9.34 28.91
CA GLY C 222 -37.37 8.99 30.06
C GLY C 222 -37.15 7.58 30.56
N GLN C 223 -36.04 6.95 30.17
CA GLN C 223 -35.82 5.55 30.55
C GLN C 223 -34.53 5.33 31.31
N ARG C 224 -34.63 4.74 32.49
CA ARG C 224 -33.45 4.36 33.26
C ARG C 224 -33.06 2.93 32.93
N GLY C 225 -33.93 2.23 32.21
CA GLY C 225 -33.64 0.87 31.77
C GLY C 225 -32.92 0.79 30.45
N ARG C 226 -32.44 -0.41 30.12
CA ARG C 226 -31.73 -0.61 28.88
C ARG C 226 -32.17 -1.89 28.18
N ILE C 227 -31.95 -1.92 26.88
CA ILE C 227 -32.12 -3.14 26.11
C ILE C 227 -30.80 -3.45 25.43
N ASP C 228 -30.29 -4.65 25.67
CA ASP C 228 -29.12 -5.12 24.95
C ASP C 228 -29.57 -5.75 23.64
N TYR C 229 -29.29 -5.09 22.52
CA TYR C 229 -29.70 -5.59 21.21
C TYR C 229 -28.65 -6.50 20.59
N PHE C 230 -29.11 -7.55 19.93
CA PHE C 230 -28.22 -8.49 19.25
C PHE C 230 -28.71 -8.80 17.86
N TRP C 231 -27.79 -9.16 16.98
CA TRP C 231 -28.14 -9.60 15.64
C TRP C 231 -27.32 -10.83 15.33
N SER C 232 -27.79 -11.64 14.39
CA SER C 232 -27.06 -12.83 13.98
C SER C 232 -27.56 -13.33 12.64
N ILE C 233 -26.83 -14.29 12.08
CA ILE C 233 -27.20 -14.87 10.80
C ILE C 233 -27.53 -16.33 11.00
N LEU C 234 -28.78 -16.69 10.73
CA LEU C 234 -29.19 -18.07 10.75
C LEU C 234 -28.86 -18.68 9.40
N LYS C 235 -27.83 -19.52 9.36
CA LYS C 235 -27.38 -20.11 8.11
C LYS C 235 -28.44 -21.05 7.55
N PRO C 236 -28.45 -21.23 6.22
CA PRO C 236 -29.38 -22.20 5.64
C PRO C 236 -29.14 -23.61 6.16
N GLY C 237 -30.21 -24.28 6.54
CA GLY C 237 -30.12 -25.61 7.10
C GLY C 237 -30.03 -25.60 8.60
N GLU C 238 -29.70 -24.44 9.16
CA GLU C 238 -29.60 -24.29 10.61
C GLU C 238 -30.98 -24.13 11.23
N THR C 239 -31.04 -24.27 12.55
CA THR C 239 -32.28 -24.18 13.29
C THR C 239 -32.07 -23.35 14.55
N LEU C 240 -33.03 -22.47 14.84
CA LEU C 240 -32.95 -21.62 16.03
C LEU C 240 -33.91 -22.07 17.11
N ASN C 241 -33.39 -22.29 18.32
CA ASN C 241 -34.24 -22.59 19.46
C ASN C 241 -34.26 -21.41 20.42
N VAL C 242 -35.44 -20.86 20.66
CA VAL C 242 -35.59 -19.77 21.60
C VAL C 242 -36.24 -20.27 22.89
N GLU C 243 -35.64 -19.92 24.02
CA GLU C 243 -36.17 -20.33 25.32
C GLU C 243 -35.98 -19.23 26.34
N SER C 244 -37.05 -18.83 27.02
CA SER C 244 -36.93 -17.78 28.00
C SER C 244 -38.06 -17.80 29.03
N ASN C 245 -37.73 -17.39 30.25
CA ASN C 245 -38.70 -17.24 31.31
C ASN C 245 -38.66 -15.81 31.83
N GLY C 246 -38.18 -14.90 30.98
CA GLY C 246 -38.21 -13.48 31.29
C GLY C 246 -37.20 -12.62 30.56
N ASN C 247 -37.54 -11.34 30.49
CA ASN C 247 -36.67 -10.30 29.93
C ASN C 247 -36.28 -10.48 28.47
N LEU C 248 -37.03 -11.29 27.72
CA LEU C 248 -36.73 -11.53 26.32
C LEU C 248 -37.39 -10.50 25.42
N ILE C 249 -36.58 -9.83 24.61
CA ILE C 249 -37.09 -9.05 23.49
C ILE C 249 -36.99 -9.95 22.26
N ALA C 250 -38.10 -10.59 21.91
CA ALA C 250 -38.11 -11.68 20.95
C ALA C 250 -38.04 -11.21 19.50
N PRO C 251 -37.37 -11.99 18.64
CA PRO C 251 -37.43 -11.76 17.21
C PRO C 251 -38.86 -11.91 16.72
N TRP C 252 -39.34 -10.93 15.97
CA TRP C 252 -40.68 -11.01 15.42
C TRP C 252 -40.57 -11.13 13.91
N TYR C 253 -40.18 -10.05 13.25
CA TYR C 253 -39.94 -10.08 11.82
C TYR C 253 -38.42 -10.10 11.57
N ALA C 254 -38.01 -10.84 10.54
CA ALA C 254 -36.60 -10.95 10.21
C ALA C 254 -36.41 -10.83 8.70
N TYR C 255 -35.17 -10.98 8.24
CA TYR C 255 -34.88 -10.79 6.83
C TYR C 255 -34.20 -12.00 6.19
N ARG C 256 -34.67 -12.37 5.01
CA ARG C 256 -33.93 -13.27 4.13
C ARG C 256 -32.94 -12.44 3.32
N PHE C 257 -31.66 -12.83 3.40
CA PHE C 257 -30.58 -11.98 2.93
C PHE C 257 -30.01 -12.44 1.60
N VAL C 258 -29.75 -11.48 0.73
CA VAL C 258 -29.19 -11.76 -0.59
C VAL C 258 -27.82 -11.11 -0.74
N ASN C 259 -26.81 -11.95 -0.93
CA ASN C 259 -25.43 -11.46 -1.07
C ASN C 259 -25.19 -10.82 -2.44
N LYS C 260 -24.65 -9.61 -2.43
CA LYS C 260 -24.29 -8.93 -3.66
C LYS C 260 -23.02 -9.56 -4.22
N ASP C 261 -22.99 -9.82 -5.53
CA ASP C 261 -21.87 -10.53 -6.13
C ASP C 261 -20.67 -9.61 -6.35
N SER C 262 -20.82 -8.34 -5.96
CA SER C 262 -19.73 -7.38 -6.02
C SER C 262 -19.72 -6.44 -4.82
N LYS C 263 -18.83 -5.46 -4.88
CA LYS C 263 -18.71 -4.43 -3.86
C LYS C 263 -20.00 -3.61 -3.73
N GLY C 264 -20.46 -3.44 -2.49
CA GLY C 264 -21.60 -2.58 -2.23
C GLY C 264 -21.16 -1.30 -1.54
N ALA C 265 -22.09 -0.35 -1.40
CA ALA C 265 -21.74 0.91 -0.81
C ALA C 265 -22.87 1.50 0.04
N ILE C 266 -22.48 2.22 1.08
CA ILE C 266 -23.43 2.98 1.87
C ILE C 266 -22.91 4.41 1.98
N PHE C 267 -23.57 5.33 1.30
CA PHE C 267 -23.11 6.71 1.28
C PHE C 267 -23.82 7.54 2.34
N ARG C 268 -23.03 8.27 3.12
CA ARG C 268 -23.58 9.20 4.07
C ARG C 268 -23.55 10.59 3.45
N SER C 269 -24.68 11.05 2.93
CA SER C 269 -24.72 12.27 2.12
C SER C 269 -26.08 12.97 2.10
N ASN C 270 -26.06 14.28 1.83
CA ASN C 270 -27.27 15.08 1.76
C ASN C 270 -27.79 15.28 0.34
N LEU C 271 -27.09 14.71 -0.64
CA LEU C 271 -27.42 14.93 -2.03
C LEU C 271 -28.78 14.36 -2.39
N PRO C 272 -29.50 15.04 -3.30
CA PRO C 272 -30.80 14.58 -3.78
C PRO C 272 -30.72 13.41 -4.75
N ILE C 273 -31.62 12.45 -4.60
CA ILE C 273 -31.73 11.34 -5.55
C ILE C 273 -32.73 11.70 -6.64
N GLU C 274 -32.32 11.52 -7.89
CA GLU C 274 -33.14 11.89 -9.03
C GLU C 274 -33.35 10.72 -9.97
N ASN C 275 -34.26 10.88 -10.93
CA ASN C 275 -34.48 9.84 -11.93
C ASN C 275 -33.46 9.96 -13.05
N CYS C 276 -32.27 9.45 -12.79
CA CYS C 276 -31.19 9.50 -13.76
C CYS C 276 -30.40 8.22 -13.68
N ASP C 277 -29.58 7.97 -14.70
CA ASP C 277 -28.76 6.77 -14.73
C ASP C 277 -27.29 7.13 -14.64
N ALA C 278 -26.51 6.25 -14.05
CA ALA C 278 -25.07 6.47 -13.92
C ALA C 278 -24.31 5.17 -14.02
N THR C 279 -23.10 5.27 -14.56
CA THR C 279 -22.16 4.16 -14.59
C THR C 279 -21.23 4.30 -13.39
N CYS C 280 -20.86 5.54 -13.10
CA CYS C 280 -20.01 5.88 -11.98
C CYS C 280 -20.77 6.79 -11.01
N GLN C 281 -20.95 6.31 -9.78
CA GLN C 281 -21.63 7.10 -8.75
C GLN C 281 -20.74 7.23 -7.52
N THR C 282 -20.26 8.44 -7.27
CA THR C 282 -19.46 8.69 -6.07
C THR C 282 -20.34 9.29 -4.99
N THR C 283 -19.82 9.35 -3.78
CA THR C 283 -20.55 9.90 -2.64
C THR C 283 -20.72 11.40 -2.80
N GLU C 284 -19.91 12.00 -3.66
CA GLU C 284 -19.96 13.45 -3.92
C GLU C 284 -20.76 13.77 -5.17
N GLY C 285 -21.11 12.73 -5.94
CA GLY C 285 -21.89 12.93 -7.13
C GLY C 285 -21.56 11.99 -8.29
N VAL C 286 -22.25 12.18 -9.40
CA VAL C 286 -22.09 11.36 -10.59
C VAL C 286 -20.93 11.86 -11.46
N ILE C 287 -20.18 10.91 -12.03
CA ILE C 287 -19.10 11.25 -12.95
C ILE C 287 -19.34 10.62 -14.32
N ARG C 288 -19.44 11.46 -15.36
CA ARG C 288 -19.64 10.97 -16.72
C ARG C 288 -18.44 11.35 -17.58
N THR C 289 -17.56 10.38 -17.84
CA THR C 289 -16.31 10.68 -18.53
C THR C 289 -15.65 9.43 -19.10
N ASN C 290 -14.77 9.63 -20.08
CA ASN C 290 -13.91 8.55 -20.58
C ASN C 290 -12.49 8.71 -20.12
N LYS C 291 -12.25 9.75 -19.32
CA LYS C 291 -10.93 10.02 -18.80
C LYS C 291 -10.55 8.91 -17.81
N THR C 292 -9.27 8.81 -17.52
CA THR C 292 -8.73 7.69 -16.74
C THR C 292 -8.70 7.96 -15.25
N PHE C 293 -8.70 9.23 -14.90
CA PHE C 293 -8.61 9.65 -13.51
C PHE C 293 -9.73 10.61 -13.17
N GLN C 294 -10.08 10.68 -11.89
CA GLN C 294 -10.99 11.73 -11.43
C GLN C 294 -10.47 12.42 -10.18
N ASN C 295 -10.95 13.65 -10.00
CA ASN C 295 -10.56 14.51 -8.91
C ASN C 295 -11.63 14.62 -7.84
N VAL C 296 -12.66 13.78 -7.95
CA VAL C 296 -13.87 13.95 -7.15
C VAL C 296 -13.87 13.25 -5.80
N SER C 297 -13.85 11.92 -5.80
CA SER C 297 -13.97 11.17 -4.54
C SER C 297 -13.43 9.75 -4.63
N PRO C 298 -12.82 9.27 -3.54
CA PRO C 298 -12.34 7.89 -3.44
C PRO C 298 -13.44 6.89 -3.11
N LEU C 299 -14.60 7.38 -2.67
CA LEU C 299 -15.71 6.50 -2.32
C LEU C 299 -16.76 6.51 -3.41
N TRP C 300 -16.93 5.37 -4.06
CA TRP C 300 -17.86 5.27 -5.17
C TRP C 300 -18.36 3.86 -5.46
N ILE C 301 -19.43 3.79 -6.24
CA ILE C 301 -20.00 2.52 -6.66
C ILE C 301 -20.09 2.50 -8.18
N GLY C 302 -19.84 1.35 -8.80
CA GLY C 302 -19.89 1.24 -10.25
C GLY C 302 -18.54 1.22 -10.94
N GLU C 303 -18.49 1.69 -12.17
CA GLU C 303 -17.22 1.79 -12.90
C GLU C 303 -16.71 3.22 -12.91
N CYS C 304 -15.68 3.49 -12.11
CA CYS C 304 -15.17 4.85 -12.03
C CYS C 304 -13.69 4.93 -12.38
N PRO C 305 -13.26 6.10 -12.87
CA PRO C 305 -11.82 6.33 -13.07
C PRO C 305 -11.07 6.30 -11.72
N LYS C 306 -9.76 6.13 -11.77
CA LYS C 306 -8.92 6.09 -10.58
C LYS C 306 -8.87 7.47 -9.89
N TYR C 307 -8.93 7.46 -8.57
CA TYR C 307 -8.88 8.71 -7.80
C TYR C 307 -7.44 9.13 -7.50
N VAL C 308 -7.13 10.39 -7.83
CA VAL C 308 -5.83 10.99 -7.53
C VAL C 308 -6.02 12.42 -7.01
N LYS C 309 -4.96 13.01 -6.48
CA LYS C 309 -5.03 14.35 -5.91
C LYS C 309 -4.81 15.46 -6.94
N SER C 310 -4.34 15.07 -8.12
CA SER C 310 -3.93 15.99 -9.17
C SER C 310 -5.03 16.95 -9.62
N LYS C 311 -4.65 18.17 -9.99
CA LYS C 311 -5.61 19.11 -10.57
C LYS C 311 -5.73 18.85 -12.06
N SER C 312 -4.65 18.33 -12.65
CA SER C 312 -4.62 18.04 -14.08
C SER C 312 -3.56 17.01 -14.43
N LEU C 313 -3.90 16.12 -15.36
CA LEU C 313 -2.94 15.15 -15.88
C LEU C 313 -3.04 15.12 -17.40
N ARG C 314 -2.35 16.06 -18.04
CA ARG C 314 -2.48 16.21 -19.49
C ARG C 314 -1.26 15.67 -20.25
N LEU C 315 -1.49 14.65 -21.08
CA LEU C 315 -0.41 14.11 -21.89
C LEU C 315 -0.29 14.89 -23.18
N ALA C 316 0.94 15.27 -23.50
CA ALA C 316 1.21 15.88 -24.80
C ALA C 316 1.14 14.80 -25.86
N THR C 317 0.42 15.06 -26.94
CA THR C 317 0.41 14.13 -28.05
C THR C 317 1.06 14.77 -29.26
N GLY C 318 0.83 16.07 -29.41
CA GLY C 318 1.44 16.80 -30.50
C GLY C 318 2.81 17.32 -30.11
N LEU C 319 3.26 18.34 -30.81
CA LEU C 319 4.63 18.84 -30.67
C LEU C 319 4.61 20.26 -30.12
N ARG C 320 5.77 20.75 -29.72
CA ARG C 320 5.89 22.12 -29.21
C ARG C 320 5.40 23.11 -30.26
N ASN C 321 4.42 23.93 -29.88
CA ASN C 321 3.76 24.84 -30.82
C ASN C 321 4.50 26.17 -30.97
N VAL C 322 5.06 26.39 -32.16
CA VAL C 322 5.83 27.61 -32.43
C VAL C 322 5.28 28.37 -33.64
N PRO C 323 4.16 29.09 -33.46
CA PRO C 323 3.52 29.86 -34.53
C PRO C 323 4.36 31.05 -35.01
N GLN C 324 4.13 31.47 -36.25
CA GLN C 324 4.82 32.62 -36.83
C GLN C 324 3.83 33.56 -37.52
N GLY D 1 17.32 13.67 -25.21
CA GLY D 1 17.81 15.03 -25.26
C GLY D 1 17.27 15.71 -26.50
N LEU D 2 17.40 17.03 -26.57
CA LEU D 2 16.98 17.78 -27.74
C LEU D 2 17.75 17.28 -28.95
N PHE D 3 17.07 17.22 -30.10
CA PHE D 3 17.71 16.77 -31.33
C PHE D 3 18.01 17.96 -32.22
N GLY D 4 17.81 19.15 -31.68
CA GLY D 4 18.27 20.38 -32.31
C GLY D 4 17.40 20.94 -33.43
N ALA D 5 16.36 20.23 -33.82
CA ALA D 5 15.53 20.68 -34.94
C ALA D 5 14.39 21.60 -34.50
N ILE D 6 13.41 21.04 -33.80
CA ILE D 6 12.25 21.82 -33.38
C ILE D 6 12.64 22.91 -32.39
N ALA D 7 12.27 24.15 -32.71
CA ALA D 7 12.67 25.33 -31.96
C ALA D 7 14.18 25.38 -31.87
N GLY D 8 14.85 24.85 -32.89
CA GLY D 8 16.29 24.82 -32.96
C GLY D 8 16.80 25.47 -34.23
N PHE D 9 17.50 24.70 -35.07
CA PHE D 9 18.01 25.27 -36.31
C PHE D 9 16.86 25.51 -37.29
N ILE D 10 15.75 24.82 -37.06
CA ILE D 10 14.49 25.18 -37.71
C ILE D 10 13.69 26.00 -36.69
N GLU D 11 13.79 27.33 -36.79
CA GLU D 11 13.36 28.23 -35.72
C GLU D 11 11.89 28.20 -35.37
N GLY D 12 11.03 27.92 -36.35
CA GLY D 12 9.60 27.98 -36.11
C GLY D 12 8.77 26.96 -36.84
N GLY D 13 7.50 26.87 -36.47
CA GLY D 13 6.58 25.95 -37.10
C GLY D 13 5.79 26.62 -38.19
N TRP D 14 5.00 25.83 -38.91
CA TRP D 14 4.21 26.33 -40.02
C TRP D 14 2.71 26.18 -39.79
N THR D 15 2.02 27.31 -39.71
CA THR D 15 0.56 27.29 -39.59
C THR D 15 -0.08 26.99 -40.95
N GLY D 16 0.76 26.97 -41.99
CA GLY D 16 0.29 26.71 -43.34
C GLY D 16 0.21 25.22 -43.65
N MET D 17 0.82 24.39 -42.82
CA MET D 17 0.75 22.95 -43.00
C MET D 17 -0.27 22.33 -42.05
N ILE D 18 -1.45 22.01 -42.56
CA ILE D 18 -2.57 21.63 -41.72
C ILE D 18 -2.92 20.15 -41.81
N ASP D 19 -2.24 19.43 -42.70
CA ASP D 19 -2.57 18.02 -42.92
C ASP D 19 -1.52 17.05 -42.36
N GLY D 20 -0.61 17.56 -41.54
CA GLY D 20 0.40 16.71 -40.94
C GLY D 20 1.31 17.42 -39.97
N TRP D 21 2.02 16.63 -39.16
CA TRP D 21 2.95 17.17 -38.18
C TRP D 21 4.27 17.60 -38.83
N TYR D 22 4.78 16.77 -39.73
CA TYR D 22 6.06 17.02 -40.38
C TYR D 22 5.85 17.16 -41.88
N GLY D 23 6.68 17.96 -42.55
CA GLY D 23 6.49 18.14 -43.98
C GLY D 23 7.40 19.14 -44.66
N TYR D 24 7.03 19.49 -45.89
CA TYR D 24 7.88 20.28 -46.75
C TYR D 24 7.25 21.61 -47.18
N HIS D 25 8.11 22.58 -47.49
CA HIS D 25 7.69 23.77 -48.21
C HIS D 25 8.61 24.00 -49.40
N HIS D 26 8.03 24.10 -50.59
CA HIS D 26 8.81 24.23 -51.81
C HIS D 26 8.57 25.58 -52.49
N GLU D 27 9.50 25.96 -53.35
CA GLU D 27 9.37 27.17 -54.16
C GLU D 27 9.99 26.91 -55.53
N ASN D 28 9.22 27.15 -56.59
CA ASN D 28 9.74 27.05 -57.95
C ASN D 28 8.93 27.88 -58.95
N SER D 29 9.17 27.64 -60.25
CA SER D 29 8.53 28.41 -61.31
C SER D 29 7.01 28.24 -61.32
N GLN D 30 6.54 27.12 -60.80
CA GLN D 30 5.11 26.82 -60.79
C GLN D 30 4.45 27.27 -59.49
N GLY D 31 5.19 28.01 -58.66
CA GLY D 31 4.64 28.54 -57.43
C GLY D 31 5.24 27.92 -56.19
N SER D 32 4.58 28.13 -55.04
CA SER D 32 5.04 27.57 -53.78
C SER D 32 3.91 26.85 -53.06
N GLY D 33 4.21 26.23 -51.92
CA GLY D 33 3.20 25.54 -51.15
C GLY D 33 3.72 24.60 -50.09
N TYR D 34 2.84 24.26 -49.15
CA TYR D 34 3.16 23.30 -48.10
C TYR D 34 2.64 21.92 -48.47
N ALA D 35 3.33 20.88 -48.01
CA ALA D 35 2.90 19.50 -48.21
C ALA D 35 3.43 18.67 -47.06
N ALA D 36 2.53 18.04 -46.32
CA ALA D 36 2.92 17.24 -45.18
C ALA D 36 3.51 15.92 -45.65
N ASP D 37 4.56 15.45 -44.97
CA ASP D 37 5.09 14.13 -45.26
C ASP D 37 4.20 13.10 -44.58
N LYS D 38 3.42 12.38 -45.36
CA LYS D 38 2.37 11.52 -44.80
C LYS D 38 2.94 10.31 -44.08
N GLU D 39 4.03 9.77 -44.61
CA GLU D 39 4.63 8.55 -44.05
C GLU D 39 5.07 8.75 -42.60
N SER D 40 5.95 9.71 -42.37
CA SER D 40 6.52 9.96 -41.06
C SER D 40 5.48 10.51 -40.07
N THR D 41 4.52 11.27 -40.58
CA THR D 41 3.46 11.80 -39.75
C THR D 41 2.57 10.68 -39.22
N GLN D 42 2.15 9.81 -40.13
CA GLN D 42 1.29 8.68 -39.78
C GLN D 42 1.97 7.74 -38.79
N LYS D 43 3.27 7.52 -39.00
CA LYS D 43 4.06 6.67 -38.12
C LYS D 43 4.10 7.23 -36.71
N ALA D 44 4.22 8.56 -36.61
CA ALA D 44 4.23 9.23 -35.32
C ALA D 44 2.88 9.10 -34.63
N ILE D 45 1.81 9.27 -35.40
CA ILE D 45 0.47 9.13 -34.86
C ILE D 45 0.26 7.73 -34.30
N ASP D 46 0.74 6.72 -35.02
CA ASP D 46 0.61 5.34 -34.58
C ASP D 46 1.35 5.09 -33.26
N GLY D 47 2.53 5.67 -33.14
CA GLY D 47 3.32 5.52 -31.92
C GLY D 47 2.71 6.24 -30.73
N ILE D 48 2.33 7.49 -30.93
CA ILE D 48 1.78 8.30 -29.84
C ILE D 48 0.44 7.75 -29.35
N THR D 49 -0.41 7.34 -30.29
CA THR D 49 -1.67 6.69 -29.93
C THR D 49 -1.38 5.44 -29.10
N ASN D 50 -0.38 4.67 -29.52
CA ASN D 50 -0.01 3.47 -28.79
C ASN D 50 0.52 3.80 -27.41
N LYS D 51 1.33 4.85 -27.33
CA LYS D 51 1.88 5.29 -26.05
C LYS D 51 0.76 5.70 -25.09
N VAL D 52 -0.18 6.50 -25.58
CA VAL D 52 -1.30 6.94 -24.76
C VAL D 52 -2.18 5.78 -24.34
N ASN D 53 -2.47 4.88 -25.28
CA ASN D 53 -3.30 3.72 -24.99
C ASN D 53 -2.62 2.80 -23.98
N SER D 54 -1.31 2.59 -24.13
CA SER D 54 -0.55 1.74 -23.21
C SER D 54 -0.51 2.33 -21.80
N ILE D 55 -0.37 3.64 -21.71
CA ILE D 55 -0.36 4.29 -20.41
C ILE D 55 -1.71 4.15 -19.74
N ILE D 56 -2.78 4.42 -20.48
CA ILE D 56 -4.13 4.25 -19.96
C ILE D 56 -4.37 2.81 -19.52
N ASP D 57 -3.90 1.86 -20.32
CA ASP D 57 -4.12 0.46 -20.03
C ASP D 57 -3.42 0.00 -18.76
N LYS D 58 -2.28 0.60 -18.44
CA LYS D 58 -1.55 0.22 -17.24
C LYS D 58 -2.18 0.91 -16.02
N MET D 59 -2.92 1.99 -16.28
CA MET D 59 -3.65 2.69 -15.24
C MET D 59 -5.06 2.15 -15.09
N ASN D 60 -5.33 1.00 -15.72
CA ASN D 60 -6.68 0.46 -15.82
C ASN D 60 -7.10 -0.39 -14.63
N THR D 61 -6.52 -0.12 -13.47
CA THR D 61 -7.01 -0.69 -12.21
C THR D 61 -7.30 0.44 -11.24
N GLN D 62 -8.02 0.13 -10.15
CA GLN D 62 -8.31 1.14 -9.15
C GLN D 62 -8.20 0.60 -7.73
N PHE D 63 -7.58 1.36 -6.84
CA PHE D 63 -7.70 1.08 -5.42
C PHE D 63 -9.01 1.63 -4.91
N GLU D 64 -9.84 0.76 -4.34
CA GLU D 64 -11.16 1.18 -3.90
C GLU D 64 -11.27 1.29 -2.39
N ALA D 65 -11.38 2.52 -1.90
CA ALA D 65 -11.67 2.74 -0.49
C ALA D 65 -13.13 2.33 -0.21
N VAL D 66 -13.42 1.94 1.03
CA VAL D 66 -14.79 1.57 1.41
C VAL D 66 -15.28 2.49 2.55
N GLY D 67 -16.59 2.48 2.80
CA GLY D 67 -17.15 3.34 3.82
C GLY D 67 -17.44 2.63 5.13
N HIS D 68 -16.71 1.55 5.39
CA HIS D 68 -16.84 0.81 6.64
C HIS D 68 -16.62 1.73 7.82
N GLU D 69 -17.32 1.45 8.93
CA GLU D 69 -17.22 2.31 10.10
C GLU D 69 -16.53 1.60 11.26
N PHE D 70 -16.05 2.40 12.21
CA PHE D 70 -15.29 1.87 13.32
C PHE D 70 -15.73 2.52 14.62
N SER D 71 -15.76 1.72 15.69
CA SER D 71 -16.18 2.22 16.99
C SER D 71 -15.06 3.03 17.63
N ASN D 72 -15.36 3.65 18.77
CA ASN D 72 -14.36 4.42 19.52
C ASN D 72 -13.32 3.54 20.16
N LEU D 73 -13.56 2.23 20.15
CA LEU D 73 -12.59 1.26 20.64
C LEU D 73 -11.91 0.56 19.48
N GLU D 74 -12.05 1.13 18.29
CA GLU D 74 -11.41 0.61 17.08
C GLU D 74 -10.58 1.69 16.40
N ARG D 75 -10.06 2.60 17.20
CA ARG D 75 -9.28 3.73 16.69
C ARG D 75 -8.04 3.28 15.91
N ARG D 76 -7.40 2.21 16.36
CA ARG D 76 -6.17 1.73 15.73
C ARG D 76 -6.41 1.16 14.32
N ILE D 77 -7.40 0.28 14.16
CA ILE D 77 -7.67 -0.28 12.83
C ILE D 77 -8.36 0.74 11.92
N ASP D 78 -9.02 1.73 12.52
CA ASP D 78 -9.54 2.86 11.75
C ASP D 78 -8.39 3.62 11.13
N ASN D 79 -7.40 3.93 11.95
CA ASN D 79 -6.23 4.67 11.51
C ASN D 79 -5.38 3.86 10.52
N LEU D 80 -5.36 2.55 10.71
CA LEU D 80 -4.64 1.65 9.81
C LEU D 80 -5.26 1.76 8.43
N ASN D 81 -6.58 1.71 8.39
CA ASN D 81 -7.32 1.77 7.15
C ASN D 81 -7.13 3.13 6.47
N LYS D 82 -7.11 4.19 7.28
CA LYS D 82 -6.95 5.53 6.73
C LYS D 82 -5.55 5.70 6.16
N ARG D 83 -4.54 5.20 6.87
CA ARG D 83 -3.17 5.31 6.40
C ARG D 83 -2.92 4.48 5.16
N MET D 84 -3.67 3.39 5.05
CA MET D 84 -3.57 2.54 3.87
C MET D 84 -4.20 3.22 2.67
N GLU D 85 -5.41 3.74 2.85
CA GLU D 85 -6.12 4.39 1.75
C GLU D 85 -5.33 5.61 1.27
N ASP D 86 -4.86 6.42 2.22
CA ASP D 86 -4.01 7.57 1.90
C ASP D 86 -2.68 7.13 1.27
N GLY D 87 -2.19 5.96 1.69
CA GLY D 87 -0.93 5.43 1.19
C GLY D 87 -0.95 5.08 -0.28
N PHE D 88 -1.98 4.35 -0.70
CA PHE D 88 -2.13 3.97 -2.09
C PHE D 88 -2.50 5.19 -2.92
N LEU D 89 -3.19 6.12 -2.30
CA LEU D 89 -3.56 7.37 -2.95
C LEU D 89 -2.32 8.17 -3.30
N ASP D 90 -1.37 8.23 -2.38
CA ASP D 90 -0.12 8.96 -2.60
C ASP D 90 0.78 8.29 -3.63
N VAL D 91 0.70 6.98 -3.70
CA VAL D 91 1.51 6.22 -4.64
C VAL D 91 1.03 6.46 -6.07
N TRP D 92 -0.28 6.38 -6.28
CA TRP D 92 -0.84 6.54 -7.61
C TRP D 92 -0.82 8.00 -8.05
N THR D 93 -0.92 8.91 -7.10
CA THR D 93 -0.79 10.34 -7.42
C THR D 93 0.62 10.62 -7.93
N TYR D 94 1.61 10.05 -7.25
CA TYR D 94 2.99 10.15 -7.66
C TYR D 94 3.23 9.52 -9.04
N ASN D 95 2.77 8.28 -9.21
CA ASN D 95 2.99 7.56 -10.46
C ASN D 95 2.45 8.31 -11.65
N ALA D 96 1.22 8.79 -11.54
CA ALA D 96 0.58 9.49 -12.65
C ALA D 96 1.27 10.81 -12.95
N GLU D 97 1.48 11.61 -11.92
CA GLU D 97 2.03 12.94 -12.11
C GLU D 97 3.46 12.90 -12.65
N LEU D 98 4.27 11.98 -12.12
CA LEU D 98 5.65 11.87 -12.56
C LEU D 98 5.73 11.27 -13.95
N LEU D 99 4.88 10.28 -14.25
CA LEU D 99 4.89 9.67 -15.56
C LEU D 99 4.54 10.71 -16.62
N VAL D 100 3.58 11.58 -16.32
CA VAL D 100 3.16 12.61 -17.26
C VAL D 100 4.30 13.56 -17.58
N LEU D 101 5.03 13.98 -16.56
CA LEU D 101 6.14 14.89 -16.76
C LEU D 101 7.21 14.25 -17.65
N LEU D 102 7.60 13.04 -17.29
CA LEU D 102 8.69 12.36 -17.97
C LEU D 102 8.31 12.04 -19.41
N GLU D 103 7.09 11.55 -19.60
CA GLU D 103 6.69 11.11 -20.92
C GLU D 103 6.34 12.26 -21.85
N ASN D 104 5.91 13.39 -21.27
CA ASN D 104 5.69 14.58 -22.06
C ASN D 104 7.01 15.04 -22.65
N GLU D 105 8.07 14.93 -21.86
CA GLU D 105 9.40 15.25 -22.34
C GLU D 105 9.76 14.35 -23.52
N ARG D 106 9.55 13.05 -23.35
CA ARG D 106 9.87 12.07 -24.37
C ARG D 106 9.07 12.31 -25.65
N THR D 107 7.79 12.63 -25.50
CA THR D 107 6.93 12.89 -26.64
C THR D 107 7.44 14.09 -27.44
N LEU D 108 7.79 15.17 -26.74
CA LEU D 108 8.31 16.35 -27.42
C LEU D 108 9.67 16.05 -28.07
N ASP D 109 10.49 15.26 -27.39
CA ASP D 109 11.77 14.90 -27.97
C ASP D 109 11.58 13.99 -29.18
N LEU D 110 10.54 13.15 -29.13
CA LEU D 110 10.26 12.23 -30.22
C LEU D 110 9.95 12.99 -31.50
N HIS D 111 9.15 14.03 -31.39
CA HIS D 111 8.82 14.86 -32.53
C HIS D 111 10.08 15.54 -33.05
N ASP D 112 10.93 16.00 -32.14
CA ASP D 112 12.19 16.65 -32.53
C ASP D 112 13.08 15.71 -33.36
N ALA D 113 13.20 14.46 -32.93
CA ALA D 113 14.01 13.47 -33.63
C ALA D 113 13.42 13.13 -35.00
N ASN D 114 12.08 13.06 -35.07
CA ASN D 114 11.41 12.76 -36.33
C ASN D 114 11.63 13.85 -37.37
N VAL D 115 11.60 15.11 -36.92
CA VAL D 115 11.89 16.24 -37.80
C VAL D 115 13.36 16.24 -38.21
N LYS D 116 14.25 15.96 -37.26
CA LYS D 116 15.68 15.87 -37.56
C LYS D 116 15.98 14.78 -38.58
N ASN D 117 15.39 13.61 -38.36
CA ASN D 117 15.61 12.49 -39.26
C ASN D 117 15.11 12.78 -40.67
N LEU D 118 13.95 13.45 -40.75
CA LEU D 118 13.36 13.81 -42.03
C LEU D 118 14.25 14.80 -42.78
N HIS D 119 14.84 15.72 -42.04
CA HIS D 119 15.74 16.70 -42.64
C HIS D 119 17.00 16.02 -43.19
N GLU D 120 17.55 15.07 -42.43
CA GLU D 120 18.74 14.37 -42.86
C GLU D 120 18.47 13.47 -44.07
N LYS D 121 17.27 12.90 -44.12
CA LYS D 121 16.89 12.02 -45.21
C LYS D 121 16.90 12.78 -46.55
N VAL D 122 16.42 14.02 -46.50
CA VAL D 122 16.44 14.89 -47.67
C VAL D 122 17.87 15.32 -47.97
N ARG D 123 18.60 15.76 -46.94
CA ARG D 123 19.98 16.22 -47.11
C ARG D 123 20.86 15.13 -47.74
N SER D 124 20.60 13.87 -47.38
CA SER D 124 21.34 12.75 -47.94
C SER D 124 21.09 12.61 -49.43
N GLN D 125 19.87 12.94 -49.86
CA GLN D 125 19.48 12.79 -51.26
C GLN D 125 20.10 13.87 -52.15
N LEU D 126 19.91 15.12 -51.76
CA LEU D 126 20.32 16.23 -52.61
C LEU D 126 21.84 16.33 -52.72
N ARG D 127 22.53 15.94 -51.65
CA ARG D 127 23.99 16.00 -51.59
C ARG D 127 24.48 17.40 -51.97
N ASP D 128 25.36 17.48 -52.96
CA ASP D 128 25.92 18.76 -53.36
C ASP D 128 25.13 19.39 -54.52
N ASN D 129 24.03 18.74 -54.90
CA ASN D 129 23.13 19.31 -55.90
C ASN D 129 22.27 20.42 -55.32
N ALA D 130 22.33 20.57 -54.01
CA ALA D 130 21.60 21.62 -53.33
C ALA D 130 22.48 22.25 -52.26
N ASN D 131 22.14 23.47 -51.89
CA ASN D 131 22.93 24.23 -50.92
C ASN D 131 22.25 24.27 -49.56
N ASP D 132 22.89 23.67 -48.55
CA ASP D 132 22.32 23.61 -47.20
C ASP D 132 22.44 24.95 -46.48
N LEU D 133 21.30 25.62 -46.29
CA LEU D 133 21.28 26.94 -45.68
C LEU D 133 21.42 26.91 -44.17
N GLY D 134 21.31 25.72 -43.59
CA GLY D 134 21.48 25.55 -42.16
C GLY D 134 20.21 25.81 -41.35
N ASN D 135 19.14 26.22 -42.02
CA ASN D 135 17.88 26.52 -41.35
C ASN D 135 16.77 25.53 -41.71
N GLY D 136 17.15 24.38 -42.25
CA GLY D 136 16.17 23.38 -42.64
C GLY D 136 15.81 23.48 -44.11
N CYS D 137 16.35 24.50 -44.78
CA CYS D 137 16.04 24.73 -46.19
C CYS D 137 17.20 24.34 -47.10
N PHE D 138 16.87 24.01 -48.34
CA PHE D 138 17.86 23.65 -49.33
C PHE D 138 17.65 24.45 -50.60
N GLU D 139 18.65 25.24 -50.98
CA GLU D 139 18.63 25.90 -52.29
C GLU D 139 19.22 24.97 -53.34
N PHE D 140 18.43 24.67 -54.36
CA PHE D 140 18.88 23.77 -55.41
C PHE D 140 19.87 24.47 -56.33
N TRP D 141 20.88 23.74 -56.79
CA TRP D 141 21.83 24.24 -57.77
C TRP D 141 21.30 24.02 -59.18
N HIS D 142 20.05 23.60 -59.27
CA HIS D 142 19.43 23.35 -60.57
C HIS D 142 17.95 23.65 -60.49
N LYS D 143 17.29 23.67 -61.65
CA LYS D 143 15.86 23.88 -61.71
C LYS D 143 15.14 22.65 -61.20
N CYS D 144 14.22 22.84 -60.27
CA CYS D 144 13.52 21.72 -59.68
C CYS D 144 12.01 21.93 -59.79
N ASN D 145 11.40 21.33 -60.80
CA ASN D 145 9.97 21.50 -61.03
C ASN D 145 9.13 20.74 -60.02
N ASN D 146 7.81 20.82 -60.17
CA ASN D 146 6.88 20.12 -59.28
C ASN D 146 7.16 18.63 -59.23
N GLU D 147 7.51 18.05 -60.36
CA GLU D 147 7.85 16.63 -60.42
C GLU D 147 9.12 16.36 -59.66
N CYS D 148 10.08 17.27 -59.77
CA CYS D 148 11.35 17.16 -59.07
C CYS D 148 11.13 17.25 -57.56
N MET D 149 10.33 18.22 -57.14
CA MET D 149 9.97 18.39 -55.74
C MET D 149 9.33 17.13 -55.19
N GLU D 150 8.40 16.56 -55.96
CA GLU D 150 7.68 15.36 -55.55
C GLU D 150 8.64 14.21 -55.30
N SER D 151 9.67 14.11 -56.14
CA SER D 151 10.66 13.05 -56.02
C SER D 151 11.48 13.21 -54.75
N VAL D 152 11.72 14.46 -54.35
CA VAL D 152 12.44 14.71 -53.11
C VAL D 152 11.57 14.28 -51.93
N LYS D 153 10.30 14.66 -51.98
CA LYS D 153 9.33 14.30 -50.95
C LYS D 153 9.09 12.78 -50.96
N ASN D 154 9.04 12.20 -52.15
CA ASN D 154 8.82 10.77 -52.30
C ASN D 154 10.05 9.99 -51.87
N GLY D 155 11.21 10.65 -51.85
CA GLY D 155 12.45 9.98 -51.53
C GLY D 155 13.06 9.23 -52.71
N THR D 156 12.69 9.64 -53.92
CA THR D 156 13.21 8.99 -55.12
C THR D 156 13.94 9.99 -56.03
N TYR D 157 14.56 10.99 -55.43
CA TYR D 157 15.31 11.99 -56.17
C TYR D 157 16.48 11.40 -56.96
N ASP D 158 16.55 11.75 -58.24
CA ASP D 158 17.60 11.26 -59.12
C ASP D 158 18.80 12.20 -59.10
N TYR D 159 19.81 11.87 -58.30
CA TYR D 159 20.96 12.76 -58.13
C TYR D 159 21.81 12.94 -59.40
N PRO D 160 22.26 11.84 -60.05
CA PRO D 160 23.15 12.07 -61.19
C PRO D 160 22.46 12.74 -62.36
N LYS D 161 21.13 12.66 -62.35
CA LYS D 161 20.29 13.28 -63.37
C LYS D 161 20.49 14.79 -63.41
N TYR D 162 20.55 15.40 -62.24
CA TYR D 162 20.70 16.85 -62.17
C TYR D 162 22.13 17.28 -61.86
N GLN D 163 23.04 16.30 -61.76
CA GLN D 163 24.41 16.60 -61.30
C GLN D 163 25.16 17.61 -62.14
N LYS D 164 25.16 17.42 -63.46
CA LYS D 164 25.90 18.30 -64.35
C LYS D 164 25.39 19.72 -64.28
N GLU D 165 24.06 19.89 -64.39
CA GLU D 165 23.47 21.22 -64.32
C GLU D 165 23.84 21.90 -63.02
N SER D 166 23.88 21.10 -61.95
CA SER D 166 24.20 21.59 -60.62
C SER D 166 25.63 22.11 -60.58
N ARG D 167 26.57 21.26 -61.02
CA ARG D 167 27.99 21.64 -61.05
C ARG D 167 28.24 22.77 -62.03
N LEU D 168 27.45 22.84 -63.09
CA LEU D 168 27.54 23.94 -64.04
C LEU D 168 26.79 25.19 -63.58
N ASN D 169 26.55 25.29 -62.27
CA ASN D 169 26.02 26.50 -61.66
C ASN D 169 26.86 26.82 -60.46
N ARG D 170 27.81 25.94 -60.18
CA ARG D 170 28.79 26.14 -59.13
C ARG D 170 30.07 26.64 -59.78
N GLN D 171 30.22 26.30 -61.05
CA GLN D 171 31.36 26.73 -61.85
C GLN D 171 31.08 28.07 -62.54
N LYS D 172 29.81 28.37 -62.76
CA LYS D 172 29.39 29.63 -63.37
C LYS D 172 29.68 30.80 -62.43
N ILE D 173 29.38 30.61 -61.15
CA ILE D 173 29.68 31.60 -60.12
C ILE D 173 31.14 31.54 -59.67
N ASP E 1 36.66 -0.07 -53.98
CA ASP E 1 37.00 -0.08 -52.56
C ASP E 1 35.97 0.65 -51.69
N LYS E 2 35.40 -0.06 -50.73
CA LYS E 2 34.41 0.55 -49.87
C LYS E 2 34.37 -0.08 -48.48
N ILE E 3 33.86 0.68 -47.54
CA ILE E 3 33.64 0.17 -46.18
C ILE E 3 32.23 0.58 -45.72
N CYS E 4 31.54 -0.35 -45.10
CA CYS E 4 30.17 -0.08 -44.64
C CYS E 4 30.03 -0.32 -43.15
N ILE E 5 29.17 0.48 -42.53
CA ILE E 5 28.82 0.30 -41.13
C ILE E 5 27.40 -0.28 -41.01
N GLY E 6 27.24 -1.28 -40.17
CA GLY E 6 25.97 -1.95 -40.01
C GLY E 6 25.78 -2.61 -38.67
N TYR E 7 24.69 -3.38 -38.54
CA TYR E 7 24.32 -3.98 -37.27
C TYR E 7 23.88 -5.44 -37.42
N HIS E 8 23.91 -6.15 -36.31
CA HIS E 8 23.67 -7.58 -36.26
C HIS E 8 22.23 -7.95 -36.63
N ALA E 9 22.07 -9.12 -37.23
CA ALA E 9 20.77 -9.69 -37.47
C ALA E 9 20.84 -11.20 -37.35
N ASN E 10 19.76 -11.85 -36.96
CA ASN E 10 19.75 -13.31 -36.86
C ASN E 10 18.38 -13.89 -37.21
N ASN E 11 18.14 -15.13 -36.82
CA ASN E 11 16.88 -15.79 -37.15
C ASN E 11 15.84 -15.65 -36.05
N SER E 12 16.07 -14.75 -35.10
CA SER E 12 15.15 -14.59 -33.97
C SER E 12 13.75 -14.16 -34.41
N THR E 13 12.74 -14.80 -33.81
CA THR E 13 11.36 -14.41 -34.04
C THR E 13 10.74 -14.02 -32.70
N THR E 14 11.59 -13.92 -31.69
CA THR E 14 11.17 -13.52 -30.37
C THR E 14 10.81 -12.03 -30.39
N LYS E 15 9.66 -11.72 -29.80
CA LYS E 15 9.15 -10.34 -29.82
C LYS E 15 9.06 -9.72 -28.42
N VAL E 16 9.21 -8.40 -28.38
CA VAL E 16 9.00 -7.64 -27.16
C VAL E 16 8.02 -6.52 -27.43
N ASP E 17 7.51 -5.90 -26.37
CA ASP E 17 6.61 -4.78 -26.51
C ASP E 17 7.31 -3.50 -26.12
N THR E 18 7.07 -2.43 -26.88
CA THR E 18 7.59 -1.13 -26.53
C THR E 18 6.43 -0.18 -26.32
N ILE E 19 6.75 1.01 -25.81
CA ILE E 19 5.72 2.01 -25.52
C ILE E 19 5.12 2.54 -26.82
N LEU E 20 5.89 2.52 -27.89
CA LEU E 20 5.45 3.05 -29.17
C LEU E 20 4.92 1.97 -30.14
N GLU E 21 5.37 0.73 -29.95
CA GLU E 21 5.06 -0.34 -30.88
C GLU E 21 5.01 -1.70 -30.18
N LYS E 22 3.99 -2.49 -30.50
CA LYS E 22 3.83 -3.83 -29.94
C LYS E 22 4.29 -4.89 -30.93
N ASN E 23 4.42 -6.13 -30.47
CA ASN E 23 4.83 -7.24 -31.31
C ASN E 23 6.10 -6.91 -32.14
N VAL E 24 7.16 -6.50 -31.45
CA VAL E 24 8.44 -6.14 -32.09
C VAL E 24 9.53 -7.20 -31.99
N THR E 25 9.98 -7.72 -33.14
CA THR E 25 11.02 -8.74 -33.15
C THR E 25 12.40 -8.17 -32.82
N VAL E 26 13.10 -8.82 -31.89
CA VAL E 26 14.43 -8.38 -31.47
C VAL E 26 15.43 -9.53 -31.54
N THR E 27 16.72 -9.20 -31.64
CA THR E 27 17.75 -10.21 -31.80
C THR E 27 18.07 -10.96 -30.50
N HIS E 28 18.01 -10.25 -29.37
CA HIS E 28 18.29 -10.86 -28.08
C HIS E 28 17.39 -10.26 -27.01
N SER E 29 16.87 -11.12 -26.12
CA SER E 29 15.98 -10.69 -25.07
C SER E 29 16.00 -11.66 -23.91
N VAL E 30 15.46 -11.24 -22.79
CA VAL E 30 15.39 -12.10 -21.61
C VAL E 30 14.00 -12.04 -20.99
N GLU E 31 13.46 -13.21 -20.68
CA GLU E 31 12.19 -13.32 -19.97
C GLU E 31 12.41 -13.20 -18.46
N LEU E 32 11.64 -12.30 -17.83
CA LEU E 32 11.80 -12.03 -16.40
C LEU E 32 10.77 -12.76 -15.54
N LEU E 33 9.72 -13.26 -16.17
CA LEU E 33 8.60 -13.88 -15.44
C LEU E 33 8.60 -15.41 -15.57
N GLU E 34 8.38 -16.07 -14.45
CA GLU E 34 8.36 -17.53 -14.39
C GLU E 34 6.91 -18.01 -14.18
N ASN E 35 6.41 -18.92 -15.02
CA ASN E 35 5.00 -19.37 -14.92
C ASN E 35 4.80 -20.89 -14.74
N GLN E 36 5.90 -21.62 -14.55
CA GLN E 36 5.90 -23.07 -14.43
C GLN E 36 6.02 -23.45 -12.97
N LYS E 37 5.36 -24.54 -12.58
CA LYS E 37 5.38 -25.00 -11.20
C LYS E 37 5.38 -26.51 -11.12
N GLU E 38 5.99 -27.06 -10.07
CA GLU E 38 5.84 -28.47 -9.77
C GLU E 38 4.69 -28.64 -8.78
N GLU E 39 3.58 -29.20 -9.27
CA GLU E 39 2.40 -29.34 -8.43
C GLU E 39 2.59 -30.37 -7.32
N ARG E 40 3.34 -29.97 -6.30
CA ARG E 40 3.63 -30.82 -5.17
C ARG E 40 4.25 -29.99 -4.02
N PHE E 41 4.35 -30.59 -2.84
CA PHE E 41 5.00 -29.93 -1.71
C PHE E 41 6.33 -30.60 -1.41
N CYS E 42 7.37 -29.80 -1.20
CA CYS E 42 8.69 -30.32 -0.89
C CYS E 42 9.17 -29.79 0.44
N LYS E 43 10.43 -30.10 0.77
CA LYS E 43 11.00 -29.66 2.04
C LYS E 43 11.64 -28.29 1.93
N ILE E 44 11.47 -27.48 2.97
CA ILE E 44 12.13 -26.19 3.08
C ILE E 44 13.22 -26.28 4.14
N SER E 45 14.44 -25.93 3.77
CA SER E 45 15.60 -26.01 4.67
C SER E 45 15.78 -27.43 5.18
N ASN E 46 15.59 -28.39 4.28
CA ASN E 46 15.76 -29.82 4.58
C ASN E 46 14.90 -30.31 5.75
N LYS E 47 13.78 -29.62 5.97
CA LYS E 47 12.86 -30.03 7.03
C LYS E 47 11.48 -30.23 6.41
N ALA E 48 10.91 -31.42 6.60
CA ALA E 48 9.65 -31.78 5.97
C ALA E 48 8.47 -31.02 6.56
N PRO E 49 7.46 -30.74 5.73
CA PRO E 49 6.24 -30.08 6.23
C PRO E 49 5.34 -31.08 6.95
N LEU E 50 4.43 -30.57 7.77
CA LEU E 50 3.49 -31.41 8.50
C LEU E 50 2.18 -31.56 7.74
N ASP E 51 1.86 -32.79 7.36
CA ASP E 51 0.60 -33.09 6.69
C ASP E 51 -0.47 -33.39 7.74
N LEU E 52 -1.55 -32.61 7.73
CA LEU E 52 -2.62 -32.78 8.70
C LEU E 52 -3.58 -33.90 8.30
N ARG E 53 -3.44 -34.38 7.06
CA ARG E 53 -4.20 -35.53 6.57
C ARG E 53 -5.71 -35.32 6.70
N ASP E 54 -6.39 -36.25 7.38
CA ASP E 54 -7.85 -36.19 7.48
C ASP E 54 -8.29 -35.40 8.72
N CYS E 55 -7.39 -34.58 9.27
CA CYS E 55 -7.70 -33.76 10.44
C CYS E 55 -7.57 -32.27 10.14
N THR E 56 -8.50 -31.48 10.67
CA THR E 56 -8.39 -30.02 10.58
C THR E 56 -7.34 -29.56 11.56
N LEU E 57 -7.02 -28.26 11.54
CA LEU E 57 -5.95 -27.77 12.39
C LEU E 57 -6.42 -27.72 13.85
N GLU E 58 -7.70 -27.46 14.05
CA GLU E 58 -8.28 -27.49 15.38
C GLU E 58 -8.33 -28.92 15.90
N GLY E 59 -8.69 -29.85 15.02
CA GLY E 59 -8.77 -31.26 15.37
C GLY E 59 -7.43 -31.81 15.80
N TRP E 60 -6.37 -31.36 15.14
CA TRP E 60 -5.02 -31.77 15.50
C TRP E 60 -4.60 -31.25 16.85
N ILE E 61 -4.79 -29.95 17.06
CA ILE E 61 -4.22 -29.28 18.22
C ILE E 61 -5.04 -29.52 19.49
N LEU E 62 -6.31 -29.87 19.32
CA LEU E 62 -7.16 -30.21 20.45
C LEU E 62 -7.01 -31.67 20.83
N GLY E 63 -6.45 -32.46 19.91
CA GLY E 63 -6.21 -33.87 20.14
C GLY E 63 -7.44 -34.73 19.93
N ASN E 64 -8.16 -34.46 18.84
CA ASN E 64 -9.27 -35.30 18.41
C ASN E 64 -8.82 -36.75 18.33
N PRO E 65 -9.57 -37.66 18.97
CA PRO E 65 -9.16 -39.06 19.07
C PRO E 65 -8.89 -39.72 17.72
N ARG E 66 -9.47 -39.19 16.64
CA ARG E 66 -9.24 -39.76 15.32
C ARG E 66 -8.00 -39.15 14.66
N CYS E 67 -7.34 -38.26 15.38
CA CYS E 67 -6.13 -37.61 14.86
C CYS E 67 -4.90 -38.16 15.58
N GLY E 68 -5.01 -39.40 16.06
CA GLY E 68 -3.96 -40.01 16.85
C GLY E 68 -2.58 -40.03 16.21
N ILE E 69 -2.55 -40.15 14.89
CA ILE E 69 -1.31 -40.19 14.13
C ILE E 69 -0.52 -38.89 14.29
N LEU E 70 -1.21 -37.79 14.55
CA LEU E 70 -0.55 -36.49 14.63
C LEU E 70 -0.24 -36.05 16.05
N LEU E 71 -0.69 -36.81 17.04
CA LEU E 71 -0.53 -36.42 18.43
C LEU E 71 0.84 -36.83 18.99
N ALA E 72 1.84 -36.00 18.74
CA ALA E 72 3.22 -36.30 19.14
C ALA E 72 4.06 -35.05 18.96
N ASP E 73 5.37 -35.18 19.18
CA ASP E 73 6.28 -34.10 18.87
C ASP E 73 6.24 -33.86 17.37
N GLN E 74 6.23 -32.59 16.98
CA GLN E 74 6.21 -32.21 15.57
C GLN E 74 7.17 -31.08 15.30
N SER E 75 7.95 -31.19 14.23
CA SER E 75 8.78 -30.09 13.76
C SER E 75 8.51 -29.92 12.27
N TRP E 76 8.07 -28.73 11.87
CA TRP E 76 7.68 -28.51 10.48
C TRP E 76 8.29 -27.25 9.91
N SER E 77 8.52 -27.26 8.59
CA SER E 77 8.90 -26.06 7.87
C SER E 77 7.66 -25.25 7.57
N TYR E 78 6.59 -25.95 7.25
CA TYR E 78 5.28 -25.34 7.07
C TYR E 78 4.21 -26.41 7.26
N ILE E 79 2.95 -26.01 7.20
CA ILE E 79 1.87 -26.94 7.46
C ILE E 79 0.98 -27.09 6.23
N VAL E 80 0.59 -28.33 5.94
CA VAL E 80 -0.37 -28.57 4.87
C VAL E 80 -1.70 -29.07 5.45
N GLU E 81 -2.75 -28.29 5.25
CA GLU E 81 -4.09 -28.67 5.66
C GLU E 81 -4.95 -29.07 4.45
N ARG E 82 -5.67 -30.18 4.57
CA ARG E 82 -6.51 -30.65 3.46
C ARG E 82 -7.90 -30.05 3.57
N PRO E 83 -8.44 -29.56 2.45
CA PRO E 83 -9.71 -28.85 2.36
C PRO E 83 -10.88 -29.49 3.11
N ASN E 84 -11.11 -30.79 2.91
CA ASN E 84 -12.29 -31.42 3.48
C ASN E 84 -11.96 -32.49 4.53
N ALA E 85 -11.01 -32.18 5.40
CA ALA E 85 -10.71 -33.05 6.53
C ALA E 85 -11.95 -33.23 7.40
N ARG E 86 -12.30 -34.47 7.68
CA ARG E 86 -13.51 -34.77 8.44
C ARG E 86 -13.31 -34.54 9.95
N ASN E 87 -12.10 -34.76 10.44
CA ASN E 87 -11.87 -34.78 11.88
C ASN E 87 -11.40 -33.42 12.42
N GLY E 88 -12.35 -32.66 12.95
CA GLY E 88 -12.03 -31.36 13.54
C GLY E 88 -12.49 -31.27 14.98
N ILE E 89 -13.32 -30.27 15.27
CA ILE E 89 -13.92 -30.17 16.59
C ILE E 89 -15.11 -31.13 16.65
N CYS E 90 -14.88 -32.32 17.20
CA CYS E 90 -15.89 -33.38 17.15
C CYS E 90 -17.08 -33.12 18.07
N TYR E 91 -16.81 -32.65 19.28
CA TYR E 91 -17.89 -32.27 20.18
C TYR E 91 -18.27 -30.81 19.94
N PRO E 92 -19.56 -30.55 19.63
CA PRO E 92 -20.02 -29.24 19.19
C PRO E 92 -19.71 -28.11 20.16
N GLY E 93 -19.30 -26.97 19.62
CA GLY E 93 -18.91 -25.83 20.42
C GLY E 93 -17.97 -24.91 19.68
N THR E 94 -17.70 -23.75 20.27
CA THR E 94 -16.85 -22.74 19.64
C THR E 94 -15.45 -22.72 20.24
N LEU E 95 -14.43 -22.72 19.38
CA LEU E 95 -13.07 -22.49 19.83
C LEU E 95 -12.83 -20.98 19.92
N ASN E 96 -12.60 -20.48 21.13
CA ASN E 96 -12.39 -19.05 21.34
C ASN E 96 -11.09 -18.56 20.71
N GLU E 97 -11.18 -17.46 19.97
CA GLU E 97 -10.03 -16.89 19.27
C GLU E 97 -9.35 -17.91 18.36
N ALA E 98 -10.14 -18.58 17.53
CA ALA E 98 -9.65 -19.64 16.66
C ALA E 98 -8.60 -19.17 15.66
N GLU E 99 -8.85 -18.02 15.04
CA GLU E 99 -7.97 -17.52 13.98
C GLU E 99 -6.62 -17.07 14.55
N GLU E 100 -6.62 -16.47 15.72
CA GLU E 100 -5.39 -16.06 16.37
C GLU E 100 -4.57 -17.28 16.78
N LEU E 101 -5.27 -18.37 17.09
CA LEU E 101 -4.60 -19.63 17.41
C LEU E 101 -3.90 -20.19 16.17
N LYS E 102 -4.60 -20.19 15.05
CA LYS E 102 -4.01 -20.67 13.80
C LYS E 102 -2.82 -19.81 13.39
N ALA E 103 -2.92 -18.51 13.63
CA ALA E 103 -1.86 -17.58 13.29
C ALA E 103 -0.63 -17.83 14.16
N LEU E 104 -0.89 -18.16 15.42
CA LEU E 104 0.17 -18.46 16.36
C LEU E 104 0.93 -19.72 15.93
N ILE E 105 0.17 -20.77 15.64
CA ILE E 105 0.74 -22.06 15.27
C ILE E 105 1.52 -21.94 13.96
N GLY E 106 0.99 -21.16 13.02
CA GLY E 106 1.66 -20.92 11.76
C GLY E 106 3.02 -20.26 11.91
N SER E 107 3.20 -19.47 12.96
CA SER E 107 4.48 -18.83 13.23
C SER E 107 5.40 -19.73 14.03
N GLY E 108 4.96 -20.98 14.21
CA GLY E 108 5.71 -21.94 15.01
C GLY E 108 6.52 -22.90 14.16
N GLU E 109 7.50 -23.54 14.78
CA GLU E 109 8.38 -24.47 14.06
C GLU E 109 8.35 -25.85 14.71
N ARG E 110 8.17 -25.91 16.02
CA ARG E 110 8.16 -27.19 16.72
C ARG E 110 7.29 -27.15 17.97
N VAL E 111 6.60 -28.26 18.22
CA VAL E 111 5.86 -28.44 19.47
C VAL E 111 6.29 -29.75 20.15
N GLU E 112 6.34 -29.73 21.48
CA GLU E 112 6.65 -30.94 22.26
C GLU E 112 5.47 -31.31 23.16
N ARG E 113 4.84 -32.45 22.89
CA ARG E 113 3.65 -32.88 23.63
C ARG E 113 3.99 -33.53 24.97
N PHE E 114 3.32 -33.08 26.03
CA PHE E 114 3.56 -33.62 27.37
C PHE E 114 2.29 -33.58 28.21
N GLU E 115 2.29 -34.32 29.32
CA GLU E 115 1.14 -34.35 30.22
C GLU E 115 1.23 -33.23 31.26
N MET E 116 0.34 -32.24 31.12
CA MET E 116 0.34 -31.07 32.00
C MET E 116 -0.35 -31.37 33.35
N PHE E 117 -1.63 -31.72 33.29
CA PHE E 117 -2.36 -32.14 34.48
C PHE E 117 -2.79 -33.59 34.36
N PRO E 118 -2.14 -34.49 35.13
CA PRO E 118 -2.56 -35.90 35.15
C PRO E 118 -3.94 -36.06 35.79
N LYS E 119 -4.63 -37.15 35.49
CA LYS E 119 -5.99 -37.37 35.99
C LYS E 119 -6.07 -37.30 37.52
N SER E 120 -4.96 -37.59 38.19
CA SER E 120 -4.93 -37.63 39.65
C SER E 120 -4.99 -36.24 40.28
N THR E 121 -4.81 -35.21 39.45
CA THR E 121 -4.86 -33.83 39.92
C THR E 121 -6.22 -33.50 40.54
N TRP E 122 -7.27 -34.02 39.92
CA TRP E 122 -8.62 -33.69 40.32
C TRP E 122 -9.23 -34.78 41.21
N THR E 123 -9.40 -34.48 42.48
CA THR E 123 -9.89 -35.44 43.46
C THR E 123 -11.29 -35.10 43.98
N GLY E 124 -12.11 -36.12 44.18
CA GLY E 124 -13.47 -35.93 44.66
C GLY E 124 -14.47 -35.91 43.52
N VAL E 125 -13.97 -36.21 42.33
CA VAL E 125 -14.77 -36.17 41.11
C VAL E 125 -14.48 -37.39 40.26
N ASN E 126 -15.28 -37.58 39.21
CA ASN E 126 -15.07 -38.69 38.29
C ASN E 126 -14.24 -38.21 37.09
N THR E 127 -12.97 -38.59 37.09
CA THR E 127 -12.05 -38.18 36.03
C THR E 127 -12.11 -39.18 34.89
N GLU E 128 -12.75 -40.31 35.14
CA GLU E 128 -13.01 -41.27 34.08
C GLU E 128 -14.35 -40.93 33.46
N SER E 129 -14.82 -41.75 32.53
CA SER E 129 -16.16 -41.62 31.97
C SER E 129 -16.42 -40.28 31.27
N GLY E 130 -15.38 -39.50 31.05
CA GLY E 130 -15.54 -38.22 30.38
C GLY E 130 -15.40 -38.35 28.87
N VAL E 131 -16.27 -39.17 28.28
CA VAL E 131 -16.22 -39.46 26.85
C VAL E 131 -17.54 -39.15 26.14
N SER E 132 -17.49 -39.10 24.82
CA SER E 132 -18.69 -38.81 24.04
C SER E 132 -18.70 -39.55 22.69
N SER E 133 -19.90 -39.92 22.25
CA SER E 133 -20.06 -40.60 20.97
C SER E 133 -19.78 -39.67 19.79
N ALA E 134 -19.80 -38.37 20.06
CA ALA E 134 -19.49 -37.36 19.04
C ALA E 134 -17.99 -37.32 18.75
N CYS E 135 -17.19 -37.78 19.70
CA CYS E 135 -15.73 -37.88 19.54
C CYS E 135 -15.24 -39.31 19.64
N PRO E 136 -15.57 -40.15 18.64
CA PRO E 136 -15.26 -41.57 18.75
C PRO E 136 -13.78 -41.87 18.54
N LEU E 137 -13.30 -42.90 19.25
CA LEU E 137 -12.00 -43.49 19.01
C LEU E 137 -12.22 -44.94 18.62
N GLY E 138 -11.95 -45.27 17.36
CA GLY E 138 -12.37 -46.56 16.85
C GLY E 138 -13.88 -46.52 16.71
N ASN E 139 -14.56 -47.51 17.28
CA ASN E 139 -16.02 -47.56 17.25
C ASN E 139 -16.65 -46.96 18.49
N GLY E 140 -16.02 -47.19 19.64
CA GLY E 140 -16.52 -46.72 20.91
C GLY E 140 -16.40 -45.20 21.07
N PRO E 141 -17.18 -44.62 21.98
CA PRO E 141 -17.12 -43.19 22.27
C PRO E 141 -15.80 -42.81 22.94
N SER E 142 -15.41 -41.55 22.82
CA SER E 142 -14.16 -41.07 23.40
C SER E 142 -14.20 -39.55 23.56
N PHE E 143 -13.01 -38.96 23.72
CA PHE E 143 -12.90 -37.52 23.91
C PHE E 143 -11.51 -37.07 23.49
N TYR E 144 -11.28 -35.75 23.44
CA TYR E 144 -9.98 -35.21 23.05
C TYR E 144 -8.87 -35.74 23.95
N ARG E 145 -7.68 -35.85 23.39
CA ARG E 145 -6.55 -36.43 24.12
C ARG E 145 -5.79 -35.35 24.90
N ASN E 146 -6.09 -34.09 24.63
CA ASN E 146 -5.46 -32.98 25.34
C ASN E 146 -6.41 -32.33 26.34
N LEU E 147 -7.61 -32.88 26.46
CA LEU E 147 -8.62 -32.34 27.37
C LEU E 147 -9.20 -33.43 28.26
N LEU E 148 -9.58 -33.06 29.47
CA LEU E 148 -10.18 -34.00 30.42
C LEU E 148 -11.58 -33.55 30.83
N TRP E 149 -12.58 -34.35 30.48
CA TRP E 149 -13.97 -34.05 30.84
C TRP E 149 -14.31 -34.61 32.22
N ILE E 150 -14.51 -33.71 33.18
CA ILE E 150 -14.78 -34.08 34.56
C ILE E 150 -16.24 -33.94 34.92
N ILE E 151 -16.84 -35.05 35.38
CA ILE E 151 -18.21 -35.02 35.88
C ILE E 151 -18.26 -35.44 37.35
N LYS E 152 -19.31 -35.03 38.06
CA LYS E 152 -19.45 -35.32 39.49
C LYS E 152 -19.70 -36.79 39.80
N LEU E 153 -19.35 -37.19 41.02
CA LEU E 153 -19.73 -38.49 41.57
C LEU E 153 -21.17 -38.43 42.07
N LYS E 154 -21.90 -39.54 42.02
CA LYS E 154 -23.23 -39.57 42.62
C LYS E 154 -23.12 -39.70 44.14
N SER E 155 -22.06 -40.35 44.61
CA SER E 155 -21.89 -40.59 46.04
C SER E 155 -21.65 -39.33 46.85
N SER E 156 -20.88 -38.39 46.30
CA SER E 156 -20.61 -37.13 46.97
C SER E 156 -21.00 -36.01 46.02
N GLU E 157 -20.86 -34.77 46.46
CA GLU E 157 -21.14 -33.61 45.62
C GLU E 157 -19.88 -33.32 44.79
N TYR E 158 -19.97 -32.33 43.88
CA TYR E 158 -18.81 -31.93 43.09
C TYR E 158 -18.11 -30.80 43.83
N PRO E 159 -16.95 -31.09 44.42
CA PRO E 159 -16.24 -30.12 45.26
C PRO E 159 -15.50 -29.07 44.45
N VAL E 160 -14.97 -28.04 45.13
CA VAL E 160 -14.07 -27.11 44.48
C VAL E 160 -12.78 -27.86 44.21
N ILE E 161 -12.45 -28.06 42.94
CA ILE E 161 -11.23 -28.76 42.58
C ILE E 161 -10.15 -27.77 42.15
N ARG E 162 -8.90 -28.12 42.39
CA ARG E 162 -7.79 -27.24 42.08
C ARG E 162 -6.61 -27.95 41.44
N GLY E 163 -5.89 -27.20 40.61
CA GLY E 163 -4.71 -27.72 39.94
C GLY E 163 -3.69 -26.60 39.79
N THR E 164 -2.42 -26.98 39.76
CA THR E 164 -1.33 -26.02 39.61
C THR E 164 -0.24 -26.57 38.68
N PHE E 165 0.20 -25.74 37.74
CA PHE E 165 1.34 -26.08 36.91
C PHE E 165 2.37 -24.96 36.91
N ASN E 166 3.58 -25.29 37.36
CA ASN E 166 4.70 -24.37 37.36
C ASN E 166 5.49 -24.54 36.06
N ASN E 167 5.53 -23.51 35.22
CA ASN E 167 6.33 -23.59 34.01
C ASN E 167 7.76 -23.16 34.33
N THR E 168 8.62 -24.15 34.60
CA THR E 168 9.98 -23.88 35.01
C THR E 168 10.96 -24.09 33.86
N GLY E 169 10.41 -24.47 32.71
CA GLY E 169 11.20 -24.65 31.50
C GLY E 169 11.46 -23.34 30.78
N ASP E 170 12.17 -23.42 29.66
CA ASP E 170 12.50 -22.22 28.89
C ASP E 170 11.55 -22.01 27.71
N LYS E 171 10.70 -22.99 27.45
CA LYS E 171 9.79 -22.90 26.32
C LYS E 171 8.39 -22.51 26.80
N SER E 172 7.71 -21.70 26.00
CA SER E 172 6.34 -21.32 26.29
C SER E 172 5.46 -22.56 26.16
N ILE E 173 4.33 -22.57 26.86
CA ILE E 173 3.44 -23.72 26.80
C ILE E 173 2.07 -23.33 26.24
N LEU E 174 1.67 -24.03 25.17
CA LEU E 174 0.35 -23.85 24.59
C LEU E 174 -0.62 -24.87 25.17
N TYR E 175 -1.63 -24.41 25.91
CA TYR E 175 -2.55 -25.33 26.57
C TYR E 175 -4.00 -24.97 26.31
N PHE E 176 -4.88 -25.95 26.52
CA PHE E 176 -6.30 -25.80 26.21
C PHE E 176 -7.18 -26.23 27.37
N TRP E 177 -8.35 -25.63 27.45
CA TRP E 177 -9.36 -26.04 28.42
C TRP E 177 -10.72 -25.69 27.86
N GLY E 178 -11.77 -25.98 28.61
CA GLY E 178 -13.11 -25.72 28.13
C GLY E 178 -14.15 -25.57 29.23
N VAL E 179 -15.31 -25.08 28.85
CA VAL E 179 -16.46 -25.01 29.74
C VAL E 179 -17.62 -25.73 29.08
N HIS E 180 -18.17 -26.72 29.76
CA HIS E 180 -19.27 -27.49 29.20
C HIS E 180 -20.62 -26.83 29.48
N HIS E 181 -21.44 -26.73 28.44
CA HIS E 181 -22.77 -26.14 28.56
C HIS E 181 -23.86 -27.15 28.22
N PRO E 182 -24.40 -27.84 29.24
CA PRO E 182 -25.52 -28.77 29.05
C PRO E 182 -26.74 -28.07 28.46
N PRO E 183 -27.56 -28.80 27.68
CA PRO E 183 -28.74 -28.23 27.02
C PRO E 183 -29.88 -27.92 27.98
N VAL E 184 -30.00 -28.69 29.06
CA VAL E 184 -31.07 -28.49 30.03
C VAL E 184 -30.56 -28.55 31.47
N THR E 185 -31.32 -27.93 32.37
CA THR E 185 -30.96 -27.82 33.79
C THR E 185 -30.83 -29.17 34.50
N THR E 186 -31.63 -30.14 34.08
CA THR E 186 -31.58 -31.48 34.64
C THR E 186 -30.18 -32.06 34.54
N GLU E 187 -29.64 -32.03 33.34
CA GLU E 187 -28.33 -32.58 33.03
C GLU E 187 -27.23 -31.85 33.81
N GLN E 188 -27.39 -30.54 33.96
CA GLN E 188 -26.44 -29.73 34.71
C GLN E 188 -26.35 -30.20 36.16
N ASN E 189 -27.50 -30.43 36.79
CA ASN E 189 -27.53 -30.89 38.16
C ASN E 189 -27.01 -32.33 38.27
N ALA E 190 -27.19 -33.10 37.19
CA ALA E 190 -26.76 -34.50 37.17
C ALA E 190 -25.25 -34.63 36.95
N LEU E 191 -24.69 -33.75 36.12
CA LEU E 191 -23.26 -33.84 35.77
C LEU E 191 -22.38 -33.03 36.71
N TYR E 192 -22.91 -31.93 37.23
CA TYR E 192 -22.11 -31.01 38.04
C TYR E 192 -22.78 -30.62 39.36
N GLY E 193 -24.07 -30.31 39.31
CA GLY E 193 -24.79 -29.99 40.53
C GLY E 193 -25.54 -28.67 40.44
N SER E 194 -26.41 -28.44 41.43
CA SER E 194 -27.21 -27.22 41.44
C SER E 194 -26.40 -26.03 41.89
N GLY E 195 -27.06 -24.91 42.11
CA GLY E 195 -26.39 -23.70 42.52
C GLY E 195 -25.51 -23.12 41.43
N ASP E 196 -24.81 -22.03 41.77
CA ASP E 196 -23.93 -21.38 40.82
C ASP E 196 -22.62 -22.15 40.68
N ARG E 197 -22.27 -22.48 39.45
CA ARG E 197 -21.03 -23.17 39.15
C ARG E 197 -20.10 -22.26 38.34
N TYR E 198 -18.81 -22.53 38.40
CA TYR E 198 -17.83 -21.68 37.73
C TYR E 198 -16.57 -22.43 37.29
N VAL E 199 -15.91 -21.90 36.27
CA VAL E 199 -14.60 -22.38 35.87
C VAL E 199 -13.64 -21.19 35.87
N ARG E 200 -12.60 -21.27 36.68
CA ARG E 200 -11.68 -20.14 36.84
C ARG E 200 -10.22 -20.52 36.65
N MET E 201 -9.59 -19.85 35.68
CA MET E 201 -8.19 -20.06 35.36
C MET E 201 -7.41 -18.77 35.60
N GLY E 202 -6.19 -18.89 36.08
CA GLY E 202 -5.37 -17.72 36.33
C GLY E 202 -3.88 -17.92 36.36
N THR E 203 -3.17 -16.96 35.76
CA THR E 203 -1.72 -16.91 35.82
C THR E 203 -1.27 -15.55 36.32
N GLU E 204 0.03 -15.29 36.26
CA GLU E 204 0.57 -14.00 36.62
C GLU E 204 0.06 -12.89 35.70
N SER E 205 -0.34 -13.27 34.48
CA SER E 205 -0.75 -12.29 33.50
C SER E 205 -2.15 -12.50 32.93
N MET E 206 -2.80 -13.59 33.35
CA MET E 206 -4.11 -13.92 32.81
C MET E 206 -5.15 -14.21 33.88
N ASN E 207 -6.36 -13.73 33.66
CA ASN E 207 -7.45 -13.90 34.61
C ASN E 207 -8.72 -14.32 33.87
N PHE E 208 -9.19 -15.54 34.16
CA PHE E 208 -10.25 -16.16 33.39
C PHE E 208 -11.38 -16.69 34.27
N ALA E 209 -12.62 -16.37 33.90
CA ALA E 209 -13.78 -16.91 34.61
C ALA E 209 -15.02 -17.02 33.72
N ARG E 210 -15.64 -18.18 33.73
CA ARG E 210 -16.89 -18.41 33.00
C ARG E 210 -17.84 -19.23 33.85
N SER E 211 -19.12 -19.19 33.49
CA SER E 211 -20.17 -19.97 34.14
C SER E 211 -20.93 -20.78 33.10
N PRO E 212 -21.70 -21.81 33.54
CA PRO E 212 -22.48 -22.57 32.56
C PRO E 212 -23.56 -21.72 31.93
N GLU E 213 -23.70 -21.81 30.60
CA GLU E 213 -24.78 -21.12 29.90
C GLU E 213 -25.78 -22.11 29.34
N ILE E 214 -26.72 -22.53 30.17
CA ILE E 214 -27.73 -23.52 29.78
C ILE E 214 -28.70 -22.95 28.76
N ALA E 215 -28.83 -23.64 27.63
CA ALA E 215 -29.74 -23.21 26.57
C ALA E 215 -30.15 -24.38 25.69
N ALA E 216 -31.37 -24.34 25.16
CA ALA E 216 -31.85 -25.38 24.27
C ALA E 216 -31.27 -25.22 22.88
N ARG E 217 -30.55 -26.24 22.41
CA ARG E 217 -29.89 -26.17 21.11
C ARG E 217 -30.20 -27.37 20.23
N PRO E 218 -30.08 -27.20 18.90
CA PRO E 218 -30.18 -28.31 17.95
C PRO E 218 -29.06 -29.31 18.15
N ALA E 219 -29.28 -30.57 17.81
CA ALA E 219 -28.25 -31.59 17.99
C ALA E 219 -27.18 -31.45 16.90
N VAL E 220 -25.92 -31.45 17.32
CA VAL E 220 -24.80 -31.48 16.41
C VAL E 220 -23.93 -32.67 16.78
N ASN E 221 -23.66 -33.54 15.81
CA ASN E 221 -22.98 -34.81 16.05
C ASN E 221 -23.67 -35.61 17.16
N GLY E 222 -25.00 -35.56 17.14
CA GLY E 222 -25.85 -36.26 18.08
C GLY E 222 -25.85 -35.69 19.48
N GLN E 223 -25.30 -34.49 19.64
CA GLN E 223 -25.19 -33.87 20.95
C GLN E 223 -25.78 -32.46 20.99
N ARG E 224 -26.73 -32.23 21.89
CA ARG E 224 -27.34 -30.92 22.01
C ARG E 224 -26.59 -30.03 22.99
N GLY E 225 -25.64 -30.60 23.72
CA GLY E 225 -24.83 -29.80 24.62
C GLY E 225 -23.67 -29.18 23.87
N ARG E 226 -22.97 -28.25 24.51
CA ARG E 226 -21.85 -27.56 23.89
C ARG E 226 -20.64 -27.45 24.80
N ILE E 227 -19.47 -27.32 24.19
CA ILE E 227 -18.25 -27.00 24.92
C ILE E 227 -17.60 -25.76 24.33
N ASP E 228 -17.38 -24.74 25.16
CA ASP E 228 -16.62 -23.58 24.73
C ASP E 228 -15.14 -23.84 24.94
N TYR E 229 -14.40 -23.97 23.84
CA TYR E 229 -12.98 -24.27 23.91
C TYR E 229 -12.14 -23.00 24.02
N PHE E 230 -11.10 -23.07 24.85
CA PHE E 230 -10.19 -21.93 25.05
C PHE E 230 -8.74 -22.36 24.96
N TRP E 231 -7.88 -21.43 24.56
CA TRP E 231 -6.43 -21.69 24.50
C TRP E 231 -5.64 -20.54 25.08
N SER E 232 -4.40 -20.81 25.48
CA SER E 232 -3.53 -19.77 26.00
C SER E 232 -2.08 -20.21 26.02
N ILE E 233 -1.20 -19.25 26.30
CA ILE E 233 0.22 -19.50 26.37
C ILE E 233 0.74 -19.27 27.78
N LEU E 234 1.22 -20.33 28.42
CA LEU E 234 1.85 -20.20 29.73
C LEU E 234 3.31 -19.84 29.55
N LYS E 235 3.64 -18.58 29.83
CA LYS E 235 5.00 -18.07 29.66
C LYS E 235 5.98 -18.78 30.60
N PRO E 236 7.27 -18.84 30.22
CA PRO E 236 8.25 -19.43 31.13
C PRO E 236 8.35 -18.68 32.45
N GLY E 237 8.34 -19.41 33.55
CA GLY E 237 8.39 -18.80 34.86
C GLY E 237 7.01 -18.53 35.43
N GLU E 238 6.00 -18.57 34.56
CA GLU E 238 4.63 -18.35 35.00
C GLU E 238 4.04 -19.61 35.61
N THR E 239 2.91 -19.46 36.30
CA THR E 239 2.24 -20.57 36.94
C THR E 239 0.76 -20.50 36.66
N LEU E 240 0.15 -21.65 36.38
CA LEU E 240 -1.28 -21.68 36.11
C LEU E 240 -2.03 -22.29 37.30
N ASN E 241 -3.02 -21.56 37.78
CA ASN E 241 -3.91 -22.07 38.82
C ASN E 241 -5.28 -22.36 38.25
N VAL E 242 -5.70 -23.62 38.37
CA VAL E 242 -7.03 -24.01 37.93
C VAL E 242 -7.96 -24.16 39.12
N GLU E 243 -9.13 -23.55 39.04
CA GLU E 243 -10.09 -23.66 40.14
C GLU E 243 -11.52 -23.67 39.57
N SER E 244 -12.27 -24.71 39.93
CA SER E 244 -13.63 -24.85 39.42
C SER E 244 -14.48 -25.71 40.33
N ASN E 245 -15.79 -25.45 40.30
CA ASN E 245 -16.75 -26.24 41.06
C ASN E 245 -17.76 -26.91 40.14
N GLY E 246 -17.42 -27.02 38.86
CA GLY E 246 -18.29 -27.69 37.91
C GLY E 246 -18.09 -27.22 36.49
N ASN E 247 -18.53 -28.03 35.53
CA ASN E 247 -18.50 -27.69 34.11
C ASN E 247 -17.11 -27.46 33.56
N LEU E 248 -16.10 -27.98 34.24
CA LEU E 248 -14.72 -27.81 33.81
C LEU E 248 -14.26 -28.89 32.84
N ILE E 249 -13.83 -28.48 31.66
CA ILE E 249 -13.09 -29.34 30.76
C ILE E 249 -11.60 -29.05 30.93
N ALA E 250 -10.92 -29.89 31.72
CA ALA E 250 -9.57 -29.58 32.17
C ALA E 250 -8.49 -29.85 31.12
N PRO E 251 -7.43 -29.04 31.14
CA PRO E 251 -6.23 -29.35 30.36
C PRO E 251 -5.65 -30.68 30.80
N TRP E 252 -5.33 -31.54 29.84
CA TRP E 252 -4.71 -32.82 30.16
C TRP E 252 -3.27 -32.83 29.65
N TYR E 253 -3.13 -32.95 28.33
CA TYR E 253 -1.83 -32.84 27.66
C TYR E 253 -1.69 -31.48 27.01
N ALA E 254 -0.48 -30.94 27.02
CA ALA E 254 -0.24 -29.65 26.40
C ALA E 254 1.06 -29.67 25.59
N TYR E 255 1.42 -28.53 25.01
CA TYR E 255 2.57 -28.45 24.13
C TYR E 255 3.59 -27.40 24.58
N ARG E 256 4.86 -27.77 24.54
CA ARG E 256 5.91 -26.78 24.67
C ARG E 256 6.10 -26.16 23.30
N PHE E 257 5.98 -24.84 23.21
CA PHE E 257 5.89 -24.19 21.92
C PHE E 257 7.18 -23.46 21.57
N VAL E 258 7.60 -23.62 20.33
CA VAL E 258 8.82 -23.00 19.83
C VAL E 258 8.51 -22.05 18.67
N ASN E 259 8.80 -20.77 18.87
CA ASN E 259 8.53 -19.77 17.85
C ASN E 259 9.51 -19.83 16.68
N LYS E 260 8.99 -19.84 15.46
CA LYS E 260 9.83 -19.81 14.28
C LYS E 260 10.41 -18.40 14.13
N ASP E 261 11.71 -18.34 13.86
CA ASP E 261 12.42 -17.07 13.79
C ASP E 261 12.20 -16.32 12.48
N SER E 262 11.38 -16.91 11.61
CA SER E 262 11.02 -16.25 10.36
C SER E 262 9.54 -16.49 10.05
N LYS E 263 9.10 -16.01 8.89
CA LYS E 263 7.72 -16.22 8.46
C LYS E 263 7.43 -17.71 8.28
N GLY E 264 6.31 -18.17 8.83
CA GLY E 264 5.85 -19.53 8.65
C GLY E 264 4.63 -19.55 7.74
N ALA E 265 4.16 -20.73 7.38
CA ALA E 265 3.03 -20.83 6.48
C ALA E 265 2.10 -22.00 6.78
N ILE E 266 0.82 -21.81 6.45
CA ILE E 266 -0.16 -22.88 6.48
C ILE E 266 -0.90 -22.91 5.15
N PHE E 267 -0.62 -23.92 4.34
CA PHE E 267 -1.22 -24.00 3.00
C PHE E 267 -2.47 -24.87 2.99
N ARG E 268 -3.53 -24.35 2.40
CA ARG E 268 -4.75 -25.11 2.19
C ARG E 268 -4.76 -25.65 0.76
N SER E 269 -4.38 -26.92 0.62
CA SER E 269 -4.15 -27.50 -0.70
C SER E 269 -4.33 -29.03 -0.74
N ASN E 270 -4.64 -29.55 -1.93
CA ASN E 270 -4.82 -30.98 -2.14
C ASN E 270 -3.57 -31.66 -2.69
N LEU E 271 -2.52 -30.88 -2.90
CA LEU E 271 -1.29 -31.38 -3.53
C LEU E 271 -0.56 -32.40 -2.68
N PRO E 272 0.11 -33.36 -3.33
CA PRO E 272 0.89 -34.39 -2.64
C PRO E 272 2.22 -33.88 -2.07
N ILE E 273 2.57 -34.37 -0.88
CA ILE E 273 3.89 -34.12 -0.32
C ILE E 273 4.79 -35.25 -0.76
N GLU E 274 5.95 -34.90 -1.32
CA GLU E 274 6.87 -35.90 -1.85
C GLU E 274 8.27 -35.78 -1.29
N ASN E 275 9.10 -36.77 -1.58
CA ASN E 275 10.48 -36.79 -1.12
C ASN E 275 11.36 -35.93 -2.02
N CYS E 276 11.26 -34.61 -1.84
CA CYS E 276 11.99 -33.64 -2.65
C CYS E 276 12.43 -32.43 -1.83
N ASP E 277 13.34 -31.64 -2.40
CA ASP E 277 13.82 -30.42 -1.76
C ASP E 277 13.44 -29.19 -2.58
N ALA E 278 13.21 -28.07 -1.89
CA ALA E 278 12.85 -26.83 -2.58
C ALA E 278 13.38 -25.59 -1.86
N THR E 279 13.68 -24.55 -2.63
CA THR E 279 14.01 -23.24 -2.08
C THR E 279 12.75 -22.36 -2.03
N CYS E 280 11.92 -22.45 -3.08
CA CYS E 280 10.67 -21.70 -3.15
C CYS E 280 9.45 -22.62 -3.15
N GLN E 281 8.60 -22.51 -2.14
CA GLN E 281 7.40 -23.33 -2.08
C GLN E 281 6.13 -22.50 -1.96
N THR E 282 5.33 -22.47 -3.02
CA THR E 282 4.07 -21.76 -2.98
C THR E 282 2.94 -22.72 -2.66
N THR E 283 1.77 -22.18 -2.38
CA THR E 283 0.62 -23.01 -2.06
C THR E 283 0.14 -23.74 -3.32
N GLU E 284 0.57 -23.26 -4.49
CA GLU E 284 0.16 -23.86 -5.76
C GLU E 284 1.22 -24.84 -6.28
N GLY E 285 2.39 -24.86 -5.66
CA GLY E 285 3.44 -25.79 -6.04
C GLY E 285 4.85 -25.21 -5.94
N VAL E 286 5.85 -26.01 -6.32
CA VAL E 286 7.26 -25.63 -6.23
C VAL E 286 7.71 -24.81 -7.43
N ILE E 287 8.53 -23.79 -7.18
CA ILE E 287 9.10 -22.98 -8.26
C ILE E 287 10.63 -23.02 -8.26
N ARG E 288 11.19 -23.50 -9.38
CA ARG E 288 12.64 -23.54 -9.55
C ARG E 288 13.05 -22.61 -10.69
N THR E 289 13.63 -21.46 -10.34
CA THR E 289 13.92 -20.44 -11.33
C THR E 289 14.94 -19.41 -10.89
N ASN E 290 15.51 -18.71 -11.86
CA ASN E 290 16.37 -17.55 -11.59
C ASN E 290 15.62 -16.28 -11.95
N LYS E 291 14.40 -16.43 -12.46
CA LYS E 291 13.64 -15.28 -12.90
C LYS E 291 13.19 -14.42 -11.73
N THR E 292 12.82 -13.18 -12.02
CA THR E 292 12.55 -12.19 -10.99
C THR E 292 11.10 -12.16 -10.57
N PHE E 293 10.21 -12.61 -11.45
CA PHE E 293 8.79 -12.58 -11.18
C PHE E 293 8.17 -13.96 -11.37
N GLN E 294 7.05 -14.22 -10.70
CA GLN E 294 6.30 -15.45 -10.98
C GLN E 294 4.80 -15.20 -11.17
N ASN E 295 4.17 -16.12 -11.89
CA ASN E 295 2.75 -16.05 -12.21
C ASN E 295 1.90 -17.02 -11.41
N VAL E 296 2.52 -17.67 -10.42
CA VAL E 296 1.92 -18.82 -9.77
C VAL E 296 1.01 -18.46 -8.59
N SER E 297 1.59 -17.87 -7.54
CA SER E 297 0.84 -17.60 -6.33
C SER E 297 1.45 -16.51 -5.45
N PRO E 298 0.60 -15.72 -4.78
CA PRO E 298 1.05 -14.73 -3.79
C PRO E 298 1.37 -15.36 -2.44
N LEU E 299 0.98 -16.61 -2.25
CA LEU E 299 1.20 -17.31 -0.99
C LEU E 299 2.34 -18.31 -1.10
N TRP E 300 3.41 -18.07 -0.36
CA TRP E 300 4.60 -18.89 -0.42
C TRP E 300 5.45 -18.81 0.85
N ILE E 301 6.42 -19.70 1.02
CA ILE E 301 7.20 -19.74 2.26
C ILE E 301 8.72 -19.57 2.11
N GLY E 302 9.29 -20.11 1.04
CA GLY E 302 10.72 -20.03 0.83
C GLY E 302 11.19 -18.69 0.30
N GLU E 303 12.24 -18.72 -0.52
CA GLU E 303 12.73 -17.53 -1.19
C GLU E 303 12.14 -17.56 -2.59
N CYS E 304 11.15 -16.71 -2.84
CA CYS E 304 10.46 -16.72 -4.12
C CYS E 304 10.54 -15.40 -4.89
N PRO E 305 10.41 -15.48 -6.22
CA PRO E 305 10.29 -14.26 -7.04
C PRO E 305 9.03 -13.47 -6.70
N LYS E 306 9.00 -12.20 -7.08
CA LYS E 306 7.86 -11.33 -6.81
C LYS E 306 6.64 -11.77 -7.62
N TYR E 307 5.47 -11.75 -6.99
CA TYR E 307 4.23 -12.16 -7.65
C TYR E 307 3.56 -11.01 -8.39
N VAL E 308 3.24 -11.25 -9.66
CA VAL E 308 2.50 -10.26 -10.46
C VAL E 308 1.44 -10.95 -11.30
N LYS E 309 0.58 -10.15 -11.93
CA LYS E 309 -0.51 -10.67 -12.73
C LYS E 309 -0.09 -10.97 -14.16
N SER E 310 1.07 -10.44 -14.55
CA SER E 310 1.51 -10.46 -15.93
C SER E 310 1.64 -11.87 -16.51
N LYS E 311 1.35 -12.01 -17.80
CA LYS E 311 1.54 -13.28 -18.49
C LYS E 311 2.99 -13.40 -18.92
N SER E 312 3.61 -12.26 -19.18
CA SER E 312 4.99 -12.20 -19.64
C SER E 312 5.63 -10.84 -19.35
N LEU E 313 6.91 -10.87 -18.97
CA LEU E 313 7.69 -9.64 -18.77
C LEU E 313 9.06 -9.79 -19.43
N ARG E 314 9.12 -9.55 -20.73
CA ARG E 314 10.34 -9.79 -21.49
C ARG E 314 11.08 -8.50 -21.83
N LEU E 315 12.30 -8.39 -21.29
CA LEU E 315 13.15 -7.25 -21.58
C LEU E 315 13.96 -7.49 -22.84
N ALA E 316 13.99 -6.50 -23.74
CA ALA E 316 14.89 -6.56 -24.86
C ALA E 316 16.31 -6.29 -24.39
N THR E 317 17.24 -7.14 -24.78
CA THR E 317 18.65 -6.88 -24.46
C THR E 317 19.37 -6.59 -25.75
N GLY E 318 18.93 -7.29 -26.80
CA GLY E 318 19.49 -7.12 -28.12
C GLY E 318 18.87 -5.99 -28.92
N LEU E 319 18.97 -6.12 -30.23
CA LEU E 319 18.68 -5.04 -31.16
C LEU E 319 17.42 -5.36 -31.98
N ARG E 320 16.84 -4.35 -32.63
CA ARG E 320 15.70 -4.59 -33.50
C ARG E 320 16.13 -5.50 -34.66
N ASN E 321 15.49 -6.66 -34.79
CA ASN E 321 15.95 -7.64 -35.78
C ASN E 321 15.44 -7.36 -37.18
N VAL E 322 16.34 -6.93 -38.07
CA VAL E 322 15.96 -6.56 -39.44
C VAL E 322 16.75 -7.34 -40.49
N PRO E 323 16.43 -8.63 -40.67
CA PRO E 323 17.16 -9.41 -41.68
C PRO E 323 16.85 -8.96 -43.10
N GLN E 324 17.83 -9.10 -43.99
CA GLN E 324 17.64 -8.74 -45.39
C GLN E 324 17.16 -9.92 -46.21
N GLY F 1 13.30 9.89 -30.46
CA GLY F 1 14.13 8.95 -29.73
C GLY F 1 14.94 8.15 -30.71
N LEU F 2 14.35 7.87 -31.87
CA LEU F 2 15.02 7.19 -32.97
C LEU F 2 16.22 8.02 -33.42
N PHE F 3 17.33 7.35 -33.74
CA PHE F 3 18.51 8.05 -34.20
C PHE F 3 18.72 7.89 -35.70
N GLY F 4 17.74 7.27 -36.36
CA GLY F 4 17.68 7.23 -37.81
C GLY F 4 18.55 6.18 -38.50
N ALA F 5 19.35 5.45 -37.74
CA ALA F 5 20.25 4.48 -38.34
C ALA F 5 19.58 3.12 -38.56
N ILE F 6 19.29 2.42 -37.47
CA ILE F 6 18.69 1.09 -37.55
C ILE F 6 17.28 1.16 -38.14
N ALA F 7 17.04 0.36 -39.18
CA ALA F 7 15.80 0.41 -39.97
C ALA F 7 15.56 1.82 -40.48
N GLY F 8 16.65 2.55 -40.73
CA GLY F 8 16.60 3.90 -41.23
C GLY F 8 17.41 4.07 -42.49
N PHE F 9 18.44 4.91 -42.44
CA PHE F 9 19.30 5.13 -43.61
C PHE F 9 20.20 3.93 -43.83
N ILE F 10 20.38 3.13 -42.78
CA ILE F 10 20.94 1.80 -42.92
C ILE F 10 19.78 0.80 -42.92
N GLU F 11 19.31 0.48 -44.12
CA GLU F 11 18.01 -0.17 -44.29
C GLU F 11 17.89 -1.55 -43.64
N GLY F 12 18.98 -2.30 -43.57
CA GLY F 12 18.90 -3.65 -43.05
C GLY F 12 20.10 -4.09 -42.23
N GLY F 13 19.95 -5.23 -41.57
CA GLY F 13 21.02 -5.78 -40.75
C GLY F 13 21.84 -6.81 -41.50
N TRP F 14 22.88 -7.30 -40.85
CA TRP F 14 23.76 -8.31 -41.44
C TRP F 14 23.72 -9.58 -40.62
N THR F 15 23.22 -10.65 -41.21
CA THR F 15 23.26 -11.96 -40.55
C THR F 15 24.66 -12.55 -40.68
N GLY F 16 25.51 -11.90 -41.46
CA GLY F 16 26.87 -12.36 -41.67
C GLY F 16 27.81 -11.88 -40.58
N MET F 17 27.36 -10.91 -39.79
CA MET F 17 28.17 -10.42 -38.68
C MET F 17 27.69 -11.06 -37.39
N ILE F 18 28.41 -12.09 -36.97
CA ILE F 18 27.92 -12.96 -35.90
C ILE F 18 28.69 -12.77 -34.59
N ASP F 19 29.72 -11.95 -34.61
CA ASP F 19 30.59 -11.78 -33.45
C ASP F 19 30.40 -10.44 -32.74
N GLY F 20 29.32 -9.73 -33.06
CA GLY F 20 29.03 -8.46 -32.42
C GLY F 20 27.72 -7.83 -32.87
N TRP F 21 27.25 -6.86 -32.10
CA TRP F 21 26.02 -6.13 -32.43
C TRP F 21 26.25 -5.11 -33.51
N TYR F 22 27.36 -4.38 -33.41
CA TYR F 22 27.68 -3.30 -34.34
C TYR F 22 28.99 -3.62 -35.05
N GLY F 23 29.15 -3.14 -36.28
CA GLY F 23 30.38 -3.43 -37.00
C GLY F 23 30.49 -2.97 -38.43
N TYR F 24 31.51 -3.52 -39.12
CA TYR F 24 31.88 -3.07 -40.45
C TYR F 24 31.78 -4.17 -41.50
N HIS F 25 31.58 -3.76 -42.75
CA HIS F 25 31.79 -4.64 -43.89
C HIS F 25 32.64 -3.90 -44.91
N HIS F 26 33.77 -4.48 -45.31
CA HIS F 26 34.69 -3.77 -46.19
C HIS F 26 34.82 -4.48 -47.54
N GLU F 27 35.29 -3.75 -48.54
CA GLU F 27 35.58 -4.33 -49.85
C GLU F 27 36.83 -3.70 -50.46
N ASN F 28 37.76 -4.55 -50.88
CA ASN F 28 38.95 -4.08 -51.60
C ASN F 28 39.53 -5.18 -52.49
N SER F 29 40.73 -4.94 -53.01
CA SER F 29 41.38 -5.87 -53.93
C SER F 29 41.62 -7.23 -53.28
N GLN F 30 41.72 -7.22 -51.96
CA GLN F 30 42.02 -8.44 -51.22
C GLN F 30 40.75 -9.17 -50.78
N GLY F 31 39.59 -8.71 -51.26
CA GLY F 31 38.34 -9.38 -50.92
C GLY F 31 37.43 -8.57 -50.02
N SER F 32 36.45 -9.26 -49.44
CA SER F 32 35.49 -8.64 -48.54
C SER F 32 35.37 -9.44 -47.25
N GLY F 33 34.57 -8.93 -46.32
CA GLY F 33 34.31 -9.64 -45.07
C GLY F 33 33.64 -8.78 -44.01
N TYR F 34 33.01 -9.44 -43.04
CA TYR F 34 32.38 -8.73 -41.93
C TYR F 34 33.30 -8.70 -40.72
N ALA F 35 33.25 -7.63 -39.97
CA ALA F 35 34.02 -7.53 -38.75
C ALA F 35 33.30 -6.64 -37.73
N ALA F 36 32.98 -7.23 -36.59
CA ALA F 36 32.27 -6.49 -35.56
C ALA F 36 33.22 -5.53 -34.87
N ASP F 37 32.72 -4.35 -34.55
CA ASP F 37 33.50 -3.40 -33.76
C ASP F 37 33.40 -3.85 -32.31
N LYS F 38 34.49 -4.39 -31.79
CA LYS F 38 34.48 -5.01 -30.47
C LYS F 38 34.35 -3.97 -29.38
N GLU F 39 34.96 -2.81 -29.59
CA GLU F 39 34.94 -1.75 -28.59
C GLU F 39 33.52 -1.30 -28.30
N SER F 40 32.81 -0.83 -29.33
CA SER F 40 31.46 -0.30 -29.13
C SER F 40 30.48 -1.39 -28.75
N THR F 41 30.70 -2.59 -29.24
CA THR F 41 29.83 -3.70 -28.91
C THR F 41 29.97 -4.09 -27.45
N GLN F 42 31.20 -4.26 -27.01
CA GLN F 42 31.46 -4.66 -25.63
C GLN F 42 30.91 -3.62 -24.65
N LYS F 43 31.06 -2.34 -24.99
CA LYS F 43 30.56 -1.28 -24.14
C LYS F 43 29.04 -1.35 -23.99
N ALA F 44 28.36 -1.67 -25.08
CA ALA F 44 26.91 -1.82 -25.06
C ALA F 44 26.52 -3.03 -24.23
N ILE F 45 27.25 -4.13 -24.39
CA ILE F 45 26.99 -5.35 -23.65
C ILE F 45 27.09 -5.11 -22.14
N ASP F 46 28.12 -4.39 -21.74
CA ASP F 46 28.31 -4.06 -20.33
C ASP F 46 27.17 -3.20 -19.82
N GLY F 47 26.71 -2.28 -20.64
CA GLY F 47 25.62 -1.40 -20.29
C GLY F 47 24.28 -2.11 -20.16
N ILE F 48 23.95 -2.94 -21.16
CA ILE F 48 22.68 -3.64 -21.16
C ILE F 48 22.62 -4.65 -20.02
N THR F 49 23.75 -5.34 -19.80
CA THR F 49 23.86 -6.26 -18.68
C THR F 49 23.61 -5.50 -17.40
N ASN F 50 24.22 -4.32 -17.30
CA ASN F 50 24.10 -3.49 -16.13
C ASN F 50 22.66 -3.05 -15.93
N LYS F 51 22.01 -2.66 -17.02
CA LYS F 51 20.62 -2.23 -16.96
C LYS F 51 19.72 -3.35 -16.47
N VAL F 52 19.90 -4.55 -17.03
CA VAL F 52 19.11 -5.70 -16.64
C VAL F 52 19.33 -6.07 -15.18
N ASN F 53 20.59 -6.07 -14.76
CA ASN F 53 20.92 -6.40 -13.39
C ASN F 53 20.38 -5.39 -12.40
N SER F 54 20.45 -4.10 -12.75
CA SER F 54 19.95 -3.04 -11.89
C SER F 54 18.44 -3.19 -11.71
N ILE F 55 17.75 -3.54 -12.78
CA ILE F 55 16.30 -3.70 -12.72
C ILE F 55 15.96 -4.87 -11.82
N ILE F 56 16.66 -5.98 -12.01
CA ILE F 56 16.47 -7.16 -11.17
C ILE F 56 16.74 -6.83 -9.71
N ASP F 57 17.79 -6.05 -9.48
CA ASP F 57 18.21 -5.68 -8.13
C ASP F 57 17.17 -4.82 -7.40
N LYS F 58 16.45 -3.99 -8.15
CA LYS F 58 15.44 -3.12 -7.55
C LYS F 58 14.13 -3.86 -7.35
N MET F 59 13.95 -4.95 -8.09
CA MET F 59 12.76 -5.77 -7.97
C MET F 59 13.00 -6.88 -6.96
N ASN F 60 14.10 -6.76 -6.21
CA ASN F 60 14.54 -7.82 -5.33
C ASN F 60 13.92 -7.77 -3.94
N THR F 61 12.74 -7.17 -3.85
CA THR F 61 11.93 -7.27 -2.64
C THR F 61 10.60 -7.89 -3.04
N GLN F 62 9.85 -8.34 -2.05
CA GLN F 62 8.55 -8.92 -2.31
C GLN F 62 7.53 -8.50 -1.27
N PHE F 63 6.33 -8.15 -1.72
CA PHE F 63 5.21 -8.06 -0.80
C PHE F 63 4.72 -9.48 -0.55
N GLU F 64 4.73 -9.91 0.71
CA GLU F 64 4.36 -11.28 1.03
C GLU F 64 2.97 -11.34 1.65
N ALA F 65 1.99 -11.81 0.89
CA ALA F 65 0.66 -12.06 1.44
C ALA F 65 0.72 -13.26 2.39
N VAL F 66 -0.19 -13.28 3.36
CA VAL F 66 -0.24 -14.36 4.32
C VAL F 66 -1.60 -15.07 4.25
N GLY F 67 -1.68 -16.24 4.86
CA GLY F 67 -2.90 -17.02 4.84
C GLY F 67 -3.74 -16.90 6.10
N HIS F 68 -3.63 -15.78 6.80
CA HIS F 68 -4.41 -15.54 8.01
C HIS F 68 -5.91 -15.61 7.73
N GLU F 69 -6.68 -16.07 8.71
CA GLU F 69 -8.12 -16.21 8.52
C GLU F 69 -8.91 -15.24 9.40
N PHE F 70 -10.16 -15.01 9.03
CA PHE F 70 -11.00 -14.05 9.73
C PHE F 70 -12.41 -14.60 9.94
N SER F 71 -13.00 -14.30 11.08
CA SER F 71 -14.33 -14.80 11.40
C SER F 71 -15.41 -14.02 10.68
N ASN F 72 -16.65 -14.50 10.76
CA ASN F 72 -17.77 -13.83 10.11
C ASN F 72 -18.10 -12.51 10.77
N LEU F 73 -17.52 -12.27 11.93
CA LEU F 73 -17.67 -10.99 12.61
C LEU F 73 -16.39 -10.18 12.48
N GLU F 74 -15.56 -10.55 11.52
CA GLU F 74 -14.32 -9.82 11.25
C GLU F 74 -14.28 -9.40 9.78
N ARG F 75 -15.46 -9.16 9.22
CA ARG F 75 -15.59 -8.82 7.80
C ARG F 75 -14.79 -7.59 7.37
N ARG F 76 -14.76 -6.58 8.22
CA ARG F 76 -14.12 -5.32 7.88
C ARG F 76 -12.60 -5.45 7.76
N ILE F 77 -11.95 -6.05 8.74
CA ILE F 77 -10.49 -6.18 8.68
C ILE F 77 -10.09 -7.26 7.67
N ASP F 78 -11.00 -8.18 7.41
CA ASP F 78 -10.79 -9.17 6.35
C ASP F 78 -10.70 -8.42 5.02
N ASN F 79 -11.66 -7.55 4.77
CA ASN F 79 -11.72 -6.78 3.55
C ASN F 79 -10.56 -5.80 3.48
N LEU F 80 -10.17 -5.27 4.64
CA LEU F 80 -9.05 -4.36 4.76
C LEU F 80 -7.78 -5.04 4.28
N ASN F 81 -7.57 -6.27 4.74
CA ASN F 81 -6.40 -7.03 4.35
C ASN F 81 -6.42 -7.38 2.86
N LYS F 82 -7.60 -7.66 2.34
CA LYS F 82 -7.75 -8.03 0.95
C LYS F 82 -7.46 -6.85 0.03
N ARG F 83 -7.98 -5.68 0.40
CA ARG F 83 -7.78 -4.47 -0.40
C ARG F 83 -6.32 -4.05 -0.38
N MET F 84 -5.62 -4.38 0.70
CA MET F 84 -4.21 -4.06 0.82
C MET F 84 -3.36 -4.97 -0.05
N GLU F 85 -3.57 -6.28 0.07
CA GLU F 85 -2.79 -7.24 -0.68
C GLU F 85 -3.02 -7.07 -2.18
N ASP F 86 -4.28 -6.91 -2.57
CA ASP F 86 -4.61 -6.63 -3.96
C ASP F 86 -4.02 -5.30 -4.38
N GLY F 87 -3.94 -4.37 -3.44
CA GLY F 87 -3.43 -3.04 -3.70
C GLY F 87 -1.98 -3.03 -4.09
N PHE F 88 -1.15 -3.73 -3.34
CA PHE F 88 0.28 -3.79 -3.64
C PHE F 88 0.52 -4.61 -4.88
N LEU F 89 -0.35 -5.58 -5.12
CA LEU F 89 -0.24 -6.39 -6.33
C LEU F 89 -0.43 -5.51 -7.55
N ASP F 90 -1.42 -4.61 -7.51
CA ASP F 90 -1.69 -3.72 -8.64
C ASP F 90 -0.59 -2.70 -8.84
N VAL F 91 0.08 -2.32 -7.76
CA VAL F 91 1.17 -1.36 -7.82
C VAL F 91 2.41 -1.98 -8.48
N TRP F 92 2.74 -3.21 -8.07
CA TRP F 92 3.92 -3.87 -8.59
C TRP F 92 3.73 -4.37 -10.02
N THR F 93 2.50 -4.76 -10.34
CA THR F 93 2.17 -5.16 -11.70
C THR F 93 2.33 -3.94 -12.61
N TYR F 94 1.85 -2.80 -12.13
CA TYR F 94 1.97 -1.55 -12.87
C TYR F 94 3.44 -1.20 -13.07
N ASN F 95 4.21 -1.23 -11.99
CA ASN F 95 5.62 -0.88 -12.05
C ASN F 95 6.37 -1.79 -13.03
N ALA F 96 6.14 -3.10 -12.91
CA ALA F 96 6.82 -4.08 -13.75
C ALA F 96 6.42 -3.97 -15.21
N GLU F 97 5.12 -3.92 -15.48
CA GLU F 97 4.66 -3.90 -16.86
C GLU F 97 5.02 -2.62 -17.59
N LEU F 98 4.89 -1.48 -16.91
CA LEU F 98 5.19 -0.20 -17.55
C LEU F 98 6.67 -0.04 -17.77
N LEU F 99 7.48 -0.51 -16.81
CA LEU F 99 8.93 -0.40 -16.92
C LEU F 99 9.45 -1.18 -18.12
N VAL F 100 8.87 -2.34 -18.37
CA VAL F 100 9.26 -3.16 -19.50
C VAL F 100 8.99 -2.41 -20.80
N LEU F 101 7.83 -1.79 -20.90
CA LEU F 101 7.47 -1.03 -22.09
C LEU F 101 8.42 0.15 -22.31
N LEU F 102 8.63 0.95 -21.27
CA LEU F 102 9.41 2.17 -21.38
C LEU F 102 10.89 1.93 -21.64
N GLU F 103 11.47 0.96 -20.94
CA GLU F 103 12.90 0.70 -21.07
C GLU F 103 13.23 -0.10 -22.34
N ASN F 104 12.27 -0.89 -22.83
CA ASN F 104 12.51 -1.57 -24.09
C ASN F 104 12.68 -0.55 -25.21
N GLU F 105 11.92 0.52 -25.15
CA GLU F 105 12.06 1.60 -26.11
C GLU F 105 13.47 2.18 -26.03
N ARG F 106 13.92 2.44 -24.79
CA ARG F 106 15.25 3.01 -24.55
C ARG F 106 16.39 2.11 -25.01
N THR F 107 16.27 0.82 -24.74
CA THR F 107 17.29 -0.13 -25.14
C THR F 107 17.42 -0.18 -26.66
N LEU F 108 16.29 -0.27 -27.35
CA LEU F 108 16.29 -0.32 -28.80
C LEU F 108 16.81 0.99 -29.41
N ASP F 109 16.44 2.11 -28.79
CA ASP F 109 16.94 3.41 -29.25
C ASP F 109 18.44 3.53 -28.96
N LEU F 110 18.90 2.92 -27.87
CA LEU F 110 20.31 2.95 -27.51
C LEU F 110 21.19 2.32 -28.58
N HIS F 111 20.76 1.16 -29.09
CA HIS F 111 21.48 0.48 -30.15
C HIS F 111 21.51 1.35 -31.40
N ASP F 112 20.38 2.00 -31.67
CA ASP F 112 20.25 2.88 -32.82
C ASP F 112 21.26 4.02 -32.74
N ALA F 113 21.43 4.57 -31.54
CA ALA F 113 22.39 5.64 -31.32
C ALA F 113 23.82 5.14 -31.49
N ASN F 114 24.08 3.92 -31.02
CA ASN F 114 25.42 3.35 -31.12
C ASN F 114 25.85 3.12 -32.55
N VAL F 115 24.91 2.65 -33.37
CA VAL F 115 25.17 2.44 -34.79
C VAL F 115 25.39 3.79 -35.45
N LYS F 116 24.56 4.76 -35.09
CA LYS F 116 24.70 6.10 -35.64
C LYS F 116 26.07 6.71 -35.33
N ASN F 117 26.47 6.62 -34.06
CA ASN F 117 27.73 7.20 -33.60
C ASN F 117 28.95 6.55 -34.25
N LEU F 118 28.89 5.24 -34.41
CA LEU F 118 29.99 4.50 -35.04
C LEU F 118 30.12 4.95 -36.50
N HIS F 119 28.98 5.18 -37.14
CA HIS F 119 28.92 5.63 -38.52
C HIS F 119 29.50 7.04 -38.67
N GLU F 120 29.19 7.91 -37.71
CA GLU F 120 29.69 9.27 -37.72
C GLU F 120 31.20 9.29 -37.48
N LYS F 121 31.66 8.35 -36.67
CA LYS F 121 33.08 8.21 -36.35
C LYS F 121 33.90 7.93 -37.60
N VAL F 122 33.34 7.09 -38.47
CA VAL F 122 33.98 6.77 -39.74
C VAL F 122 33.92 7.97 -40.69
N ARG F 123 32.73 8.54 -40.84
CA ARG F 123 32.52 9.67 -41.74
C ARG F 123 33.41 10.85 -41.39
N SER F 124 33.65 11.05 -40.10
CA SER F 124 34.49 12.15 -39.62
C SER F 124 35.95 11.94 -40.05
N GLN F 125 36.38 10.69 -40.07
CA GLN F 125 37.75 10.38 -40.42
C GLN F 125 37.99 10.53 -41.91
N LEU F 126 37.14 9.89 -42.70
CA LEU F 126 37.36 9.83 -44.15
C LEU F 126 37.20 11.19 -44.82
N ARG F 127 36.32 12.02 -44.27
CA ARG F 127 36.06 13.35 -44.81
C ARG F 127 35.76 13.29 -46.31
N ASP F 128 36.50 14.04 -47.12
CA ASP F 128 36.25 14.07 -48.56
C ASP F 128 37.12 13.07 -49.34
N ASN F 129 37.87 12.24 -48.61
CA ASN F 129 38.64 11.16 -49.24
C ASN F 129 37.77 9.98 -49.65
N ALA F 130 36.52 9.99 -49.19
CA ALA F 130 35.58 8.92 -49.51
C ALA F 130 34.23 9.50 -49.86
N ASN F 131 33.44 8.71 -50.58
CA ASN F 131 32.14 9.16 -51.05
C ASN F 131 31.01 8.54 -50.24
N ASP F 132 30.27 9.40 -49.54
CA ASP F 132 29.17 8.95 -48.68
C ASP F 132 27.97 8.56 -49.54
N LEU F 133 27.67 7.27 -49.56
CA LEU F 133 26.56 6.76 -50.37
C LEU F 133 25.20 6.98 -49.70
N GLY F 134 25.22 7.38 -48.43
CA GLY F 134 24.00 7.68 -47.70
C GLY F 134 23.32 6.47 -47.11
N ASN F 135 23.86 5.29 -47.40
CA ASN F 135 23.27 4.04 -46.93
C ASN F 135 24.15 3.34 -45.89
N GLY F 136 25.09 4.08 -45.32
CA GLY F 136 26.00 3.52 -44.34
C GLY F 136 27.33 3.10 -44.96
N CYS F 137 27.43 3.22 -46.28
CA CYS F 137 28.63 2.80 -46.99
C CYS F 137 29.46 3.98 -47.49
N PHE F 138 30.75 3.76 -47.63
CA PHE F 138 31.66 4.78 -48.15
C PHE F 138 32.54 4.22 -49.26
N GLU F 139 32.42 4.80 -50.45
CA GLU F 139 33.32 4.44 -51.56
C GLU F 139 34.59 5.27 -51.50
N PHE F 140 35.73 4.59 -51.42
CA PHE F 140 37.01 5.29 -51.30
C PHE F 140 37.42 5.93 -52.63
N TRP F 141 38.01 7.11 -52.53
CA TRP F 141 38.58 7.78 -53.71
C TRP F 141 40.04 7.37 -53.89
N HIS F 142 40.45 6.34 -53.16
CA HIS F 142 41.81 5.84 -53.25
C HIS F 142 41.84 4.34 -52.97
N LYS F 143 42.99 3.72 -53.21
CA LYS F 143 43.15 2.30 -52.89
C LYS F 143 43.25 2.12 -51.38
N CYS F 144 42.43 1.23 -50.85
CA CYS F 144 42.41 1.02 -49.41
C CYS F 144 42.58 -0.48 -49.11
N ASN F 145 43.81 -0.87 -48.82
CA ASN F 145 44.13 -2.28 -48.54
C ASN F 145 43.66 -2.68 -47.15
N ASN F 146 43.91 -3.93 -46.77
CA ASN F 146 43.52 -4.43 -45.45
C ASN F 146 44.06 -3.56 -44.32
N GLU F 147 45.30 -3.10 -44.48
CA GLU F 147 45.94 -2.26 -43.48
C GLU F 147 45.26 -0.90 -43.40
N CYS F 148 44.85 -0.38 -44.56
CA CYS F 148 44.09 0.86 -44.60
C CYS F 148 42.71 0.65 -43.97
N MET F 149 42.06 -0.45 -44.31
CA MET F 149 40.74 -0.76 -43.75
C MET F 149 40.81 -0.82 -42.23
N GLU F 150 41.85 -1.46 -41.72
CA GLU F 150 42.01 -1.60 -40.28
C GLU F 150 42.11 -0.25 -39.58
N SER F 151 42.79 0.70 -40.21
CA SER F 151 42.98 2.01 -39.60
C SER F 151 41.66 2.77 -39.48
N VAL F 152 40.75 2.53 -40.44
CA VAL F 152 39.43 3.16 -40.37
C VAL F 152 38.70 2.60 -39.17
N LYS F 153 38.78 1.27 -39.03
CA LYS F 153 38.21 0.60 -37.89
C LYS F 153 38.97 0.92 -36.61
N ASN F 154 40.29 1.04 -36.71
CA ASN F 154 41.12 1.32 -35.55
C ASN F 154 40.92 2.74 -35.04
N GLY F 155 40.38 3.61 -35.90
CA GLY F 155 40.20 5.01 -35.56
C GLY F 155 41.52 5.75 -35.70
N THR F 156 42.42 5.17 -36.48
CA THR F 156 43.74 5.76 -36.69
C THR F 156 43.96 6.05 -38.17
N TYR F 157 42.87 6.31 -38.88
CA TYR F 157 42.94 6.60 -40.31
C TYR F 157 43.76 7.84 -40.61
N ASP F 158 44.72 7.70 -41.51
CA ASP F 158 45.60 8.79 -41.89
C ASP F 158 45.00 9.57 -43.05
N TYR F 159 44.30 10.66 -42.75
CA TYR F 159 43.61 11.43 -43.79
C TYR F 159 44.55 12.13 -44.78
N PRO F 160 45.53 12.92 -44.30
CA PRO F 160 46.34 13.65 -45.27
C PRO F 160 47.24 12.74 -46.11
N LYS F 161 47.47 11.51 -45.64
CA LYS F 161 48.28 10.55 -46.39
C LYS F 161 47.64 10.23 -47.73
N TYR F 162 46.33 10.06 -47.72
CA TYR F 162 45.58 9.69 -48.92
C TYR F 162 44.93 10.89 -49.58
N GLN F 163 45.17 12.08 -49.03
CA GLN F 163 44.49 13.28 -49.50
C GLN F 163 44.75 13.54 -50.98
N LYS F 164 46.02 13.51 -51.37
CA LYS F 164 46.40 13.81 -52.74
C LYS F 164 45.83 12.78 -53.71
N GLU F 165 46.07 11.49 -53.48
CA GLU F 165 45.56 10.45 -54.36
C GLU F 165 44.04 10.51 -54.46
N SER F 166 43.39 10.77 -53.33
CA SER F 166 41.93 10.82 -53.28
C SER F 166 41.43 12.00 -54.09
N ARG F 167 41.96 13.19 -53.81
CA ARG F 167 41.52 14.36 -54.55
C ARG F 167 42.03 14.21 -55.98
N LEU F 168 43.12 13.49 -56.17
CA LEU F 168 43.54 13.17 -57.54
C LEU F 168 42.77 11.96 -58.12
N ASN F 169 41.60 11.63 -57.60
CA ASN F 169 40.74 10.64 -58.30
C ASN F 169 39.30 11.10 -58.36
N ARG F 170 39.07 12.37 -58.02
CA ARG F 170 37.73 12.94 -58.15
C ARG F 170 37.60 13.79 -59.42
N GLN F 171 38.70 14.39 -59.85
CA GLN F 171 38.71 15.23 -61.03
C GLN F 171 38.99 14.36 -62.26
N LYS F 172 39.62 13.20 -62.04
CA LYS F 172 39.83 12.28 -63.16
C LYS F 172 38.47 11.77 -63.55
N ILE F 173 37.67 11.44 -62.54
CA ILE F 173 36.27 11.08 -62.72
C ILE F 173 35.59 12.46 -62.88
N GLU F 174 34.28 12.51 -63.09
CA GLU F 174 33.51 13.72 -63.44
C GLU F 174 33.77 14.09 -64.90
C1 NAG G . 20.15 22.30 0.66
C2 NAG G . 20.14 21.81 -0.80
C3 NAG G . 21.56 21.78 -1.36
C4 NAG G . 22.29 23.11 -1.12
C5 NAG G . 22.16 23.56 0.33
C6 NAG G . 22.70 24.95 0.58
C7 NAG G . 18.50 20.21 -1.67
C8 NAG G . 18.01 18.79 -1.66
N2 NAG G . 19.55 20.49 -0.89
O3 NAG G . 21.50 21.50 -2.75
O4 NAG G . 23.67 22.91 -1.43
O5 NAG G . 20.78 23.57 0.73
O6 NAG G . 21.69 25.92 0.35
O7 NAG G . 17.96 21.08 -2.36
C1 NAG G . 24.22 23.86 -2.36
C2 NAG G . 25.51 23.35 -2.92
C3 NAG G . 26.24 24.49 -3.61
C4 NAG G . 25.36 25.11 -4.68
C5 NAG G . 23.89 25.32 -4.25
C6 NAG G . 22.98 25.38 -5.45
C7 NAG G . 26.38 21.40 -1.75
C8 NAG G . 27.29 20.88 -0.67
N2 NAG G . 26.34 22.73 -1.90
O3 NAG G . 27.45 23.99 -4.20
O4 NAG G . 25.89 26.38 -5.06
O5 NAG G . 23.37 24.25 -3.43
O6 NAG G . 23.33 24.39 -6.40
O7 NAG G . 25.71 20.63 -2.45
C1 GAL H . -1.93 -10.21 52.41
C2 GAL H . -2.19 -8.97 53.28
C3 GAL H . -1.71 -7.71 52.54
C4 GAL H . -0.22 -7.84 52.17
C5 GAL H . 0.10 -9.22 51.55
C6 GAL H . 1.60 -9.56 51.52
O2 GAL H . -3.56 -8.80 53.57
O3 GAL H . -1.83 -6.54 53.36
O4 GAL H . 0.60 -7.59 53.31
O5 GAL H . -0.54 -10.34 52.23
O6 GAL H . 1.91 -10.47 50.49
C1 SIA H . -1.91 -5.10 51.38
C2 SIA H . -2.69 -5.79 52.49
C3 SIA H . -3.11 -4.88 53.63
C4 SIA H . -4.07 -3.82 53.14
C5 SIA H . -5.26 -4.44 52.44
C6 SIA H . -4.85 -5.59 51.54
C7 SIA H . -6.07 -6.38 51.14
C8 SIA H . -5.98 -6.72 49.66
C9 SIA H . -4.85 -7.69 49.43
C10 SIA H . -7.27 -3.13 51.82
C11 SIA H . -8.07 -3.81 52.92
N5 SIA H . -5.91 -3.47 51.62
O1A SIA H . -0.95 -4.34 51.67
O1B SIA H . -2.18 -5.30 50.17
O4 SIA H . -4.51 -3.08 54.25
O6 SIA H . -3.89 -6.44 52.14
O7 SIA H . -6.15 -7.58 51.88
O8 SIA H . -7.20 -7.29 49.22
O9 SIA H . -3.77 -7.01 48.84
O10 SIA H . -7.82 -2.30 51.12
C1 NAG I . 24.14 38.87 -32.29
C2 NAG I . 24.29 40.13 -33.14
C3 NAG I . 23.11 41.08 -32.91
C4 NAG I . 21.82 40.33 -33.23
C5 NAG I . 21.73 39.04 -32.39
C6 NAG I . 20.54 38.19 -32.72
C7 NAG I . 26.14 41.35 -31.89
C8 NAG I . 25.35 41.31 -30.60
N2 NAG I . 25.58 40.80 -32.99
O3 NAG I . 23.23 42.26 -33.68
O4 NAG I . 20.68 41.13 -32.95
O5 NAG I . 22.89 38.23 -32.61
O6 NAG I . 20.60 36.93 -32.06
O7 NAG I . 27.26 41.86 -31.93
C1 NAG I . 19.89 41.29 -34.15
C2 NAG I . 18.44 41.66 -33.75
C3 NAG I . 17.60 41.92 -34.99
C4 NAG I . 18.28 42.95 -35.89
C5 NAG I . 19.71 42.53 -36.20
C6 NAG I . 20.48 43.58 -36.98
C7 NAG I . 17.01 40.82 -31.93
C8 NAG I . 16.50 39.60 -31.23
N2 NAG I . 17.85 40.60 -32.95
O3 NAG I . 16.31 42.39 -34.61
O4 NAG I . 17.56 43.08 -37.11
O5 NAG I . 20.43 42.32 -34.98
O6 NAG I . 21.70 43.05 -37.50
O7 NAG I . 16.69 41.96 -31.58
C1 NAG J . 0.05 -9.04 -31.54
C2 NAG J . -1.29 -8.78 -32.27
C3 NAG J . -1.79 -10.07 -32.96
C4 NAG J . -2.03 -11.19 -31.94
C5 NAG J . -0.90 -11.18 -30.89
C6 NAG J . -0.41 -12.57 -30.54
C7 NAG J . -3.33 -7.49 -31.73
C8 NAG J . -3.38 -7.11 -33.19
N2 NAG J . -2.30 -8.26 -31.36
O3 NAG J . -0.85 -10.50 -33.94
O4 NAG J . -3.34 -11.11 -31.37
O5 NAG J . 0.25 -10.46 -31.38
O6 NAG J . 0.86 -12.82 -31.11
O7 NAG J . -4.18 -7.11 -30.93
C1 NAG J . -3.71 -12.44 -30.90
C2 NAG J . -5.14 -12.91 -30.53
C3 NAG J . -5.04 -14.03 -29.49
C4 NAG J . -3.71 -14.76 -29.58
C5 NAG J . -3.17 -14.84 -31.02
C6 NAG J . -4.04 -15.65 -31.97
C7 NAG J . -7.34 -11.82 -30.19
C8 NAG J . -7.95 -12.92 -31.01
N2 NAG J . -6.00 -11.84 -30.04
O3 NAG J . -6.14 -14.92 -29.59
O4 NAG J . -2.79 -14.16 -28.66
O5 NAG J . -3.01 -13.54 -31.62
O6 NAG J . -3.65 -17.01 -31.96
O7 NAG J . -8.02 -10.91 -29.71
C1 NAG K . -30.87 -44.12 25.96
C2 NAG K . -29.42 -43.62 25.95
C3 NAG K . -29.39 -42.12 25.69
C4 NAG K . -30.53 -41.71 24.78
C5 NAG K . -31.87 -41.99 25.47
C6 NAG K . -32.97 -42.38 24.50
C7 NAG K . -27.80 -44.86 27.30
C8 NAG K . -27.23 -45.06 28.68
N2 NAG K . -28.77 -43.95 27.21
O3 NAG K . -28.14 -41.80 25.06
O4 NAG K . -30.44 -40.33 24.46
O5 NAG K . -31.74 -43.07 26.40
O6 NAG K . -32.69 -41.90 23.20
O7 NAG K . -27.40 -45.50 26.34
C1 GAL K . -27.50 -40.67 25.64
C2 GAL K . -26.19 -40.54 24.85
C3 GAL K . -25.42 -39.32 25.29
C4 GAL K . -26.27 -38.07 25.08
C5 GAL K . -27.58 -38.23 25.81
C6 GAL K . -28.57 -37.12 25.49
O2 GAL K . -25.36 -41.68 25.04
O3 GAL K . -24.28 -39.18 24.49
O4 GAL K . -26.50 -37.84 23.69
O5 GAL K . -28.26 -39.47 25.47
O6 GAL K . -29.22 -36.68 26.66
C1 SIA K . -22.16 -38.52 24.55
C2 SIA K . -23.27 -38.90 25.48
C3 SIA K . -22.95 -40.11 26.33
C4 SIA K . -21.78 -39.87 27.25
C5 SIA K . -21.96 -38.63 28.11
C6 SIA K . -22.48 -37.52 27.22
C7 SIA K . -22.82 -36.28 28.02
C8 SIA K . -23.42 -35.26 27.07
C9 SIA K . -23.14 -33.87 27.57
C10 SIA K . -20.51 -37.88 29.99
C11 SIA K . -21.66 -37.99 30.96
N5 SIA K . -20.70 -38.21 28.62
O1A SIA K . -21.80 -37.32 24.39
O1B SIA K . -21.65 -39.44 23.85
O4 SIA K . -21.63 -40.99 28.09
O6 SIA K . -23.60 -37.95 26.47
O7 SIA K . -23.73 -36.56 29.05
O8 SIA K . -22.84 -35.40 25.80
O9 SIA K . -24.02 -32.98 26.91
O10 SIA K . -19.42 -37.51 30.40
C1 NAG L . 45.83 0.52 -35.67
C2 NAG L . 46.66 -0.54 -35.02
C3 NAG L . 48.07 -0.46 -35.59
C4 NAG L . 48.05 -0.55 -37.12
C5 NAG L . 46.97 0.37 -37.74
C6 NAG L . 46.67 0.04 -39.19
C7 NAG L . 46.24 -1.41 -32.79
C8 NAG L . 45.75 -2.66 -33.47
N2 NAG L . 46.67 -0.44 -33.60
O3 NAG L . 48.85 -1.51 -35.02
O4 NAG L . 49.36 -0.15 -37.52
O5 NAG L . 45.70 0.29 -37.05
O6 NAG L . 46.75 -1.37 -39.43
O7 NAG L . 46.25 -1.30 -31.57
C1 NAG L . 49.95 -0.67 -38.74
C2 NAG L . 51.38 -0.13 -38.88
C3 NAG L . 52.37 -1.22 -39.29
C4 NAG L . 52.23 -2.51 -38.49
C5 NAG L . 50.78 -2.99 -38.46
C6 NAG L . 50.22 -3.23 -37.08
C7 NAG L . 51.05 2.21 -39.64
C8 NAG L . 51.14 3.14 -40.80
N2 NAG L . 51.40 0.94 -39.88
O3 NAG L . 53.68 -0.69 -39.09
O4 NAG L . 52.96 -3.55 -39.16
O5 NAG L . 49.91 -2.08 -39.15
O6 NAG L . 50.82 -2.38 -36.11
O7 NAG L . 50.70 2.59 -38.53
C1 NAG L . 54.40 -3.55 -39.01
C2 NAG L . 55.00 -5.00 -39.09
C3 NAG L . 55.96 -5.14 -40.28
C4 NAG L . 55.38 -4.48 -41.51
C5 NAG L . 55.17 -2.98 -41.29
C6 NAG L . 53.89 -2.49 -41.92
C7 NAG L . 56.00 -6.62 -37.55
C8 NAG L . 56.68 -6.84 -36.21
N2 NAG L . 55.66 -5.36 -37.84
O3 NAG L . 56.15 -6.52 -40.56
O4 NAG L . 56.26 -4.64 -42.63
O5 NAG L . 55.15 -2.66 -39.90
O6 NAG L . 53.89 -1.07 -42.08
O7 NAG L . 55.78 -7.54 -38.32
C1 NAG M . 42.60 21.09 -8.91
C2 NAG M . 43.79 20.46 -9.65
C3 NAG M . 44.24 21.36 -10.81
C4 NAG M . 44.46 22.78 -10.32
C5 NAG M . 43.25 23.29 -9.55
C6 NAG M . 42.66 24.55 -10.12
C7 NAG M . 45.97 19.47 -9.05
C8 NAG M . 47.03 19.37 -7.99
N2 NAG M . 44.91 20.22 -8.74
O3 NAG M . 43.29 21.32 -11.87
O4 NAG M . 45.62 22.85 -9.49
O5 NAG M . 42.22 22.30 -9.56
O6 NAG M . 41.35 24.80 -9.61
O7 NAG M . 46.07 18.89 -10.13
C1 NAG N . 31.38 0.71 -7.38
C2 NAG N . 31.89 -0.66 -7.84
C3 NAG N . 32.36 -1.49 -6.65
C4 NAG N . 31.36 -1.42 -5.50
C5 NAG N . 31.01 0.03 -5.16
C6 NAG N . 31.33 0.40 -3.73
C7 NAG N . 31.06 -1.90 -9.79
C8 NAG N . 29.89 -2.60 -10.42
N2 NAG N . 30.86 -1.37 -8.59
O3 NAG N . 33.64 -1.04 -6.21
O4 NAG N . 30.16 -2.13 -5.85
O5 NAG N . 31.73 0.92 -6.01
O6 NAG N . 30.34 -0.13 -2.85
O7 NAG N . 32.15 -1.82 -10.36
C1 NAG O . -27.52 17.91 34.02
C2 NAG O . -27.57 19.23 33.23
C3 NAG O . -29.01 19.54 32.83
C4 NAG O . -29.58 18.37 32.04
C5 NAG O . -29.48 17.09 32.88
C6 NAG O . -29.97 15.86 32.16
C7 NAG O . -26.33 21.35 33.45
C8 NAG O . -26.09 21.26 31.96
N2 NAG O . -27.02 20.34 33.99
O3 NAG O . -29.10 20.75 32.09
O4 NAG O . -30.94 18.66 31.68
O5 NAG O . -28.11 16.85 33.24
O6 NAG O . -31.09 15.27 32.82
O7 NAG O . -25.90 22.27 34.13
C1 NAG P . -8.71 28.45 -34.13
C2 NAG P . -9.22 27.02 -34.21
C3 NAG P . -10.68 26.98 -34.68
C4 NAG P . -11.46 28.21 -34.20
C5 NAG P . -10.86 28.86 -32.95
C6 NAG P . -11.02 28.05 -31.68
C7 NAG P . -8.37 26.24 -36.41
C8 NAG P . -7.44 25.27 -37.09
N2 NAG P . -8.39 26.18 -35.07
O3 NAG P . -11.31 25.79 -34.24
O4 NAG P . -11.58 29.17 -35.25
O5 NAG P . -9.46 29.16 -33.10
O6 NAG P . -9.76 27.81 -31.06
O7 NAG P . -9.05 27.03 -37.06
C1 NAG Q . 2.22 29.12 -15.69
C2 NAG Q . 0.99 28.58 -14.96
C3 NAG Q . 0.76 29.40 -13.69
C4 NAG Q . 1.90 29.19 -12.70
C5 NAG Q . 3.25 29.19 -13.42
C6 NAG Q . 3.88 27.81 -13.58
C7 NAG Q . -1.29 27.91 -15.61
C8 NAG Q . -2.38 28.08 -16.62
N2 NAG Q . -0.17 28.61 -15.82
O3 NAG Q . -0.49 29.07 -13.08
O4 NAG Q . 1.90 30.24 -11.74
O5 NAG Q . 3.15 29.76 -14.73
O6 NAG Q . 5.16 27.76 -12.97
O7 NAG Q . -1.43 27.17 -14.63
C1 NAG R . -34.28 -28.59 9.32
C2 NAG R . -34.00 -29.99 9.88
C3 NAG R . -32.79 -30.61 9.19
C4 NAG R . -32.92 -30.54 7.67
C5 NAG R . -33.22 -29.11 7.23
C6 NAG R . -33.45 -28.98 5.75
C7 NAG R . -34.71 -30.35 12.20
C8 NAG R . -34.34 -30.23 13.65
N2 NAG R . -33.79 -29.93 11.32
O3 NAG R . -32.62 -31.96 9.62
O4 NAG R . -31.73 -30.99 7.03
O5 NAG R . -34.42 -28.66 7.89
O7 NAG R . -35.78 -30.83 11.84
C1 NAG S . -13.36 10.88 -25.02
C2 NAG S . -12.25 10.64 -26.06
C3 NAG S . -12.36 11.64 -27.22
C4 NAG S . -13.76 11.63 -27.80
C5 NAG S . -14.75 11.97 -26.70
C6 NAG S . -16.19 11.96 -27.16
C7 NAG S . -10.17 9.64 -25.24
C8 NAG S . -8.84 9.90 -24.58
N2 NAG S . -10.93 10.71 -25.44
O3 NAG S . -11.41 11.29 -28.24
O4 NAG S . -13.87 12.58 -28.86
O5 NAG S . -14.64 10.98 -25.67
O6 NAG S . -16.91 10.87 -26.59
O7 NAG S . -10.51 8.51 -25.58
C1 NAG T . 17.50 -20.41 -35.30
C2 NAG T . 16.31 -21.41 -35.33
C3 NAG T . 16.62 -22.71 -34.58
C4 NAG T . 17.95 -23.29 -35.06
C5 NAG T . 19.03 -22.25 -34.89
C6 NAG T . 20.40 -22.72 -35.33
C7 NAG T . 14.94 -20.45 -33.49
C8 NAG T . 13.61 -19.83 -33.13
N2 NAG T . 15.09 -20.79 -34.77
O3 NAG T . 15.57 -23.64 -34.80
O4 NAG T . 18.27 -24.46 -34.32
O5 NAG T . 18.71 -21.11 -35.69
O6 NAG T . 20.92 -23.71 -34.46
O7 NAG T . 15.82 -20.61 -32.65
C1 NAG U . 7.39 -22.33 41.05
C2 NAG U . 8.83 -21.84 40.78
C3 NAG U . 8.94 -20.30 40.87
C4 NAG U . 8.00 -19.65 41.89
C5 NAG U . 6.68 -20.41 42.06
C6 NAG U . 5.46 -19.52 42.09
C7 NAG U . 11.00 -22.88 41.25
C8 NAG U . 11.87 -23.53 42.30
N2 NAG U . 9.79 -22.48 41.66
O3 NAG U . 8.78 -19.72 39.58
O4 NAG U . 8.64 -19.49 43.15
O5 NAG U . 6.52 -21.29 40.95
O6 NAG U . 5.79 -18.18 42.42
O7 NAG U . 11.39 -22.72 40.10
#